data_6ANS
#
_entry.id   6ANS
#
_cell.length_a   62.100
_cell.length_b   134.470
_cell.length_c   98.080
_cell.angle_alpha   90.000
_cell.angle_beta   90.430
_cell.angle_gamma   90.000
#
_symmetry.space_group_name_H-M   'P 1 21 1'
#
loop_
_entity.id
_entity.type
_entity.pdbx_description
1 polymer 'Uncharacterized protein'
2 non-polymer 'PHOSPHATE ION'
3 non-polymer 'SODIUM ION'
4 non-polymer GLYCEROL
5 non-polymer 1,2-ETHANEDIOL
6 water water
#
_entity_poly.entity_id   1
_entity_poly.type   'polypeptide(L)'
_entity_poly.pdbx_seq_one_letter_code
;(MSE)AHHHHHH(MSE)GTLEAQTQGPGS(MSE)TDDTRATQLLSGQTWADFCDTLKRSGEQILRTDAPDDPLTRAEGFR
YLSRL(MSE)RIALE(MSE)HVEFADGAWPGFFSPSHETAKIGADNPDNLYQYARVDGRCEYRVTGRRGTVAYLSFGTQK
GGYETDGK(MSE)LQTGFLDAKQLEIAPDGSVEIVLSATPRAGNWVR(MSE)EPDTNALLVRQTFLDRRTETPAQLKIER
IDAQARPAPLDPLALQGGL(MSE)RAAQFVEQTSKLFADWAASYRPHVNALPPADQALCQSVGGDPNIYYYHSCWSLAAD
EALVIDVDTVPDCDFWNVQLNNYW(MSE)ESLDYRHFDICVNKHSARPNADGGVTVIVAATRPGSANWLDTAGHRTGTIC
WRWVGAAQPVHPRTRVVKLAALKEAA
;
_entity_poly.pdbx_strand_id   A,B,C,D
#
# COMPACT_ATOMS: atom_id res chain seq x y z
N THR A 23 -11.40 -51.07 -15.90
CA THR A 23 -12.51 -50.64 -15.06
C THR A 23 -12.07 -49.74 -13.90
N ASP A 24 -13.05 -49.33 -13.11
CA ASP A 24 -12.77 -48.58 -11.89
C ASP A 24 -12.19 -49.48 -10.81
N ASP A 25 -12.59 -50.75 -10.78
CA ASP A 25 -12.03 -51.68 -9.81
C ASP A 25 -10.55 -51.92 -10.06
N THR A 26 -10.16 -52.10 -11.32
CA THR A 26 -8.75 -52.28 -11.64
C THR A 26 -7.96 -51.01 -11.32
N ARG A 27 -8.48 -49.85 -11.73
CA ARG A 27 -7.78 -48.59 -11.46
C ARG A 27 -7.54 -48.42 -9.95
N ALA A 28 -8.52 -48.78 -9.12
CA ALA A 28 -8.33 -48.62 -7.68
C ALA A 28 -7.35 -49.65 -7.16
N THR A 29 -7.44 -50.89 -7.65
CA THR A 29 -6.48 -51.92 -7.27
C THR A 29 -5.06 -51.49 -7.62
N GLN A 30 -4.86 -50.94 -8.82
CA GLN A 30 -3.52 -50.53 -9.24
C GLN A 30 -2.97 -49.41 -8.36
N LEU A 31 -3.84 -48.50 -7.91
CA LEU A 31 -3.38 -47.44 -7.03
C LEU A 31 -2.92 -48.00 -5.69
N LEU A 32 -3.77 -48.84 -5.08
CA LEU A 32 -3.48 -49.39 -3.76
C LEU A 32 -2.24 -50.28 -3.79
N SER A 33 -1.95 -50.91 -4.93
CA SER A 33 -0.83 -51.84 -5.01
C SER A 33 0.50 -51.15 -5.28
N GLY A 34 0.50 -49.88 -5.67
CA GLY A 34 1.74 -49.24 -6.09
C GLY A 34 1.99 -49.26 -7.58
N GLN A 35 1.15 -49.97 -8.35
CA GLN A 35 1.32 -49.97 -9.80
C GLN A 35 1.13 -48.56 -10.37
N THR A 36 0.12 -47.83 -9.89
CA THR A 36 -0.12 -46.48 -10.39
C THR A 36 1.08 -45.59 -10.13
N TRP A 37 1.67 -45.71 -8.94
CA TRP A 37 2.84 -44.90 -8.63
C TRP A 37 3.99 -45.23 -9.58
N ALA A 38 4.18 -46.52 -9.87
CA ALA A 38 5.21 -46.89 -10.84
C ALA A 38 4.92 -46.28 -12.21
N ASP A 39 3.68 -46.42 -12.68
CA ASP A 39 3.30 -45.86 -13.98
C ASP A 39 3.47 -44.35 -14.00
N PHE A 40 3.09 -43.69 -12.90
CA PHE A 40 3.27 -42.24 -12.76
C PHE A 40 4.73 -41.84 -12.95
N CYS A 41 5.64 -42.50 -12.23
CA CYS A 41 7.06 -42.15 -12.33
C CYS A 41 7.60 -42.48 -13.72
N ASP A 42 7.18 -43.60 -14.31
CA ASP A 42 7.65 -43.96 -15.65
C ASP A 42 7.14 -42.99 -16.72
N THR A 43 5.92 -42.46 -16.57
CA THR A 43 5.46 -41.44 -17.49
C THR A 43 6.28 -40.17 -17.33
N LEU A 44 6.54 -39.78 -16.09
CA LEU A 44 7.48 -38.68 -15.83
C LEU A 44 8.82 -38.92 -16.52
N LYS A 45 9.37 -40.13 -16.35
CA LYS A 45 10.65 -40.43 -16.95
C LYS A 45 10.60 -40.28 -18.46
N ARG A 46 9.58 -40.85 -19.10
CA ARG A 46 9.46 -40.81 -20.55
C ARG A 46 9.35 -39.38 -21.07
N SER A 47 8.84 -38.46 -20.25
CA SER A 47 8.79 -37.05 -20.63
C SER A 47 10.17 -36.47 -20.94
N GLY A 48 11.24 -37.06 -20.39
CA GLY A 48 12.58 -36.60 -20.72
C GLY A 48 12.88 -36.63 -22.21
N GLU A 49 12.19 -37.49 -22.97
CA GLU A 49 12.39 -37.53 -24.42
C GLU A 49 12.00 -36.22 -25.08
N GLN A 50 11.05 -35.49 -24.51
CA GLN A 50 10.70 -34.19 -25.09
C GLN A 50 11.87 -33.19 -24.98
N ILE A 51 12.74 -33.36 -23.99
CA ILE A 51 13.91 -32.49 -23.85
C ILE A 51 15.01 -32.92 -24.81
N LEU A 52 15.13 -34.23 -25.02
CA LEU A 52 16.18 -34.82 -25.84
C LEU A 52 15.87 -34.81 -27.33
N ARG A 53 14.63 -34.47 -27.71
CA ARG A 53 14.24 -34.33 -29.12
C ARG A 53 15.34 -33.71 -29.96
N THR A 54 15.57 -34.31 -31.13
CA THR A 54 16.62 -33.82 -31.99
C THR A 54 16.25 -32.51 -32.67
N ASP A 55 14.97 -32.15 -32.70
CA ASP A 55 14.60 -30.83 -33.22
C ASP A 55 14.71 -29.73 -32.17
N ALA A 56 15.15 -30.03 -30.93
CA ALA A 56 15.37 -29.00 -29.91
C ALA A 56 16.86 -28.68 -29.79
N PRO A 57 17.23 -27.43 -29.44
CA PRO A 57 18.65 -27.11 -29.24
C PRO A 57 19.23 -28.01 -28.15
N ASP A 58 20.53 -28.32 -28.29
CA ASP A 58 21.19 -29.16 -27.29
C ASP A 58 22.34 -28.44 -26.57
N ASP A 59 22.39 -27.12 -26.63
CA ASP A 59 23.39 -26.41 -25.83
C ASP A 59 23.13 -26.71 -24.36
N PRO A 60 24.19 -26.75 -23.53
CA PRO A 60 24.01 -27.24 -22.15
C PRO A 60 22.99 -26.44 -21.35
N LEU A 61 22.95 -25.12 -21.53
CA LEU A 61 22.01 -24.30 -20.78
C LEU A 61 20.57 -24.68 -21.10
N THR A 62 20.23 -24.71 -22.39
CA THR A 62 18.87 -25.08 -22.78
C THR A 62 18.53 -26.48 -22.30
N ARG A 63 19.46 -27.42 -22.48
CA ARG A 63 19.24 -28.80 -22.08
C ARG A 63 19.02 -28.87 -20.57
N ALA A 64 19.89 -28.22 -19.79
CA ALA A 64 19.70 -28.22 -18.35
C ALA A 64 18.37 -27.60 -17.96
N GLU A 65 18.04 -26.44 -18.55
CA GLU A 65 16.77 -25.80 -18.21
C GLU A 65 15.59 -26.67 -18.59
N GLY A 66 15.72 -27.47 -19.65
CA GLY A 66 14.62 -28.34 -20.04
C GLY A 66 14.24 -29.34 -18.98
N PHE A 67 15.23 -29.97 -18.35
CA PHE A 67 14.90 -30.92 -17.29
C PHE A 67 14.36 -30.22 -16.04
N ARG A 68 14.87 -29.02 -15.72
CA ARG A 68 14.23 -28.28 -14.64
C ARG A 68 12.78 -27.96 -14.99
N TYR A 69 12.56 -27.58 -16.25
CA TYR A 69 11.23 -27.31 -16.75
C TYR A 69 10.28 -28.48 -16.49
N LEU A 70 10.74 -29.71 -16.77
CA LEU A 70 9.91 -30.88 -16.51
C LEU A 70 9.53 -30.96 -15.04
N SER A 71 10.50 -30.76 -14.13
CA SER A 71 10.16 -30.78 -12.72
C SER A 71 9.16 -29.66 -12.37
N ARG A 72 9.25 -28.52 -13.05
CA ARG A 72 8.29 -27.44 -12.83
C ARG A 72 6.89 -27.81 -13.31
N LEU A 73 6.79 -28.50 -14.46
CA LEU A 73 5.49 -28.92 -14.95
C LEU A 73 4.83 -29.87 -13.95
N ARG A 75 5.16 -29.99 -10.65
CA ARG A 75 4.63 -29.27 -9.51
C ARG A 75 3.27 -28.65 -9.85
N ILE A 76 3.18 -28.02 -11.01
CA ILE A 76 1.91 -27.45 -11.46
C ILE A 76 0.88 -28.56 -11.65
N ALA A 77 1.30 -29.64 -12.31
CA ALA A 77 0.39 -30.74 -12.60
C ALA A 77 -0.20 -31.32 -11.33
N LEU A 78 0.58 -31.40 -10.24
CA LEU A 78 0.08 -32.03 -9.01
C LEU A 78 -0.92 -31.12 -8.29
N GLU A 79 -0.70 -29.82 -8.32
CA GLU A 79 -1.70 -28.91 -7.75
C GLU A 79 -2.97 -28.95 -8.57
N HIS A 81 -4.13 -31.40 -10.59
CA HIS A 81 -4.86 -32.66 -10.75
C HIS A 81 -4.94 -33.49 -9.49
N VAL A 82 -4.18 -33.17 -8.43
CA VAL A 82 -4.22 -33.92 -7.18
C VAL A 82 -4.70 -33.05 -6.02
N GLU A 83 -4.06 -31.89 -5.82
CA GLU A 83 -4.33 -31.13 -4.60
C GLU A 83 -5.54 -30.22 -4.71
N PHE A 84 -5.76 -29.58 -5.86
CA PHE A 84 -6.85 -28.62 -6.04
C PHE A 84 -7.82 -29.06 -7.13
N ALA A 85 -8.17 -30.35 -7.16
CA ALA A 85 -8.99 -30.93 -8.22
C ALA A 85 -10.38 -31.33 -7.75
N ASP A 86 -10.78 -30.96 -6.54
CA ASP A 86 -12.09 -31.36 -6.02
C ASP A 86 -13.12 -30.29 -6.39
N GLY A 87 -13.97 -30.61 -7.36
CA GLY A 87 -15.01 -29.69 -7.80
C GLY A 87 -16.01 -29.32 -6.74
N ALA A 88 -16.11 -30.11 -5.66
CA ALA A 88 -16.93 -29.73 -4.53
C ALA A 88 -16.22 -28.73 -3.62
N TRP A 89 -14.91 -28.63 -3.73
CA TRP A 89 -14.11 -27.77 -2.84
C TRP A 89 -13.06 -27.03 -3.65
N PRO A 90 -13.49 -26.12 -4.51
CA PRO A 90 -12.54 -25.44 -5.38
C PRO A 90 -11.63 -24.51 -4.57
N GLY A 91 -10.43 -24.30 -5.11
CA GLY A 91 -9.54 -23.29 -4.57
C GLY A 91 -8.58 -22.84 -5.64
N PHE A 92 -8.16 -21.59 -5.55
CA PHE A 92 -7.19 -21.05 -6.49
C PHE A 92 -5.77 -21.54 -6.19
N PHE A 93 -5.00 -21.80 -7.24
CA PHE A 93 -3.56 -21.87 -7.15
C PHE A 93 -3.02 -21.18 -8.40
N SER A 94 -1.71 -20.99 -8.46
CA SER A 94 -1.11 -20.28 -9.57
CA SER A 94 -1.11 -20.28 -9.58
C SER A 94 -0.52 -21.28 -10.56
N PRO A 95 -1.04 -21.38 -11.80
CA PRO A 95 -0.48 -22.32 -12.77
C PRO A 95 0.76 -21.81 -13.49
N SER A 96 1.21 -20.59 -13.20
CA SER A 96 2.48 -20.08 -13.67
C SER A 96 2.88 -18.91 -12.80
N HIS A 97 4.16 -18.86 -12.41
CA HIS A 97 4.66 -17.85 -11.50
C HIS A 97 6.18 -17.79 -11.64
N GLU A 98 6.84 -17.27 -10.61
CA GLU A 98 8.27 -17.01 -10.72
C GLU A 98 9.08 -18.30 -10.89
N THR A 99 8.61 -19.44 -10.35
CA THR A 99 9.42 -20.65 -10.41
C THR A 99 8.72 -21.84 -11.08
N ALA A 100 7.64 -21.60 -11.83
CA ALA A 100 7.02 -22.66 -12.62
C ALA A 100 6.28 -22.00 -13.76
N LYS A 101 6.56 -22.41 -15.00
CA LYS A 101 6.17 -21.61 -16.16
C LYS A 101 5.72 -22.47 -17.33
N ILE A 102 4.68 -22.01 -18.03
CA ILE A 102 4.08 -22.75 -19.13
C ILE A 102 3.70 -21.80 -20.27
N GLY A 103 4.17 -22.12 -21.48
CA GLY A 103 3.54 -21.61 -22.69
C GLY A 103 3.64 -20.11 -22.89
N ALA A 104 4.85 -19.56 -22.71
CA ALA A 104 5.06 -18.10 -22.73
C ALA A 104 4.22 -17.44 -21.64
N ASP A 105 4.53 -17.82 -20.40
CA ASP A 105 3.93 -17.20 -19.22
C ASP A 105 4.16 -15.70 -19.24
N ASN A 106 3.09 -14.94 -19.02
CA ASN A 106 3.18 -13.49 -19.00
C ASN A 106 3.77 -13.02 -17.67
N PRO A 107 4.99 -12.46 -17.67
CA PRO A 107 5.59 -12.03 -16.40
C PRO A 107 4.78 -10.95 -15.71
N ASP A 108 3.98 -10.18 -16.45
CA ASP A 108 3.16 -9.11 -15.87
C ASP A 108 1.84 -9.60 -15.35
N ASN A 109 1.62 -10.91 -15.32
CA ASN A 109 0.37 -11.49 -14.88
C ASN A 109 0.51 -12.11 -13.50
N LEU A 110 -0.55 -11.97 -12.71
CA LEU A 110 -0.91 -12.92 -11.66
C LEU A 110 -1.91 -13.88 -12.27
N TYR A 111 -1.52 -15.14 -12.41
CA TYR A 111 -2.41 -16.17 -12.90
C TYR A 111 -3.06 -16.88 -11.71
N GLN A 112 -4.34 -17.18 -11.84
CA GLN A 112 -5.02 -17.97 -10.83
C GLN A 112 -5.89 -18.98 -11.55
N TYR A 113 -5.89 -20.21 -11.05
CA TYR A 113 -6.58 -21.31 -11.68
C TYR A 113 -7.33 -22.07 -10.61
N ALA A 114 -8.57 -22.44 -10.91
CA ALA A 114 -9.33 -23.33 -10.04
C ALA A 114 -9.99 -24.40 -10.90
N ARG A 115 -9.92 -25.65 -10.42
CA ARG A 115 -10.70 -26.71 -11.03
C ARG A 115 -12.15 -26.54 -10.64
N VAL A 116 -13.04 -26.66 -11.62
CA VAL A 116 -14.46 -26.58 -11.37
C VAL A 116 -15.11 -27.75 -12.11
N ASP A 117 -16.38 -27.99 -11.78
CA ASP A 117 -17.22 -28.96 -12.46
C ASP A 117 -18.32 -28.18 -13.20
N GLY A 118 -18.33 -28.28 -14.52
CA GLY A 118 -19.30 -27.52 -15.31
C GLY A 118 -20.75 -27.86 -15.03
N ARG A 119 -21.01 -28.95 -14.31
CA ARG A 119 -22.39 -29.29 -13.96
C ARG A 119 -22.84 -28.63 -12.67
N CYS A 120 -21.96 -27.93 -11.97
CA CYS A 120 -22.25 -27.28 -10.70
C CYS A 120 -22.21 -25.77 -10.88
N GLU A 121 -22.43 -25.04 -9.79
CA GLU A 121 -22.39 -23.57 -9.85
C GLU A 121 -21.43 -23.03 -8.79
N TYR A 122 -20.75 -21.94 -9.13
CA TYR A 122 -19.71 -21.37 -8.29
C TYR A 122 -19.88 -19.86 -8.16
N ARG A 123 -19.50 -19.36 -7.00
CA ARG A 123 -19.43 -17.93 -6.71
C ARG A 123 -17.97 -17.53 -6.54
N VAL A 124 -17.53 -16.53 -7.29
CA VAL A 124 -16.22 -15.92 -7.12
C VAL A 124 -16.45 -14.55 -6.49
N THR A 125 -15.86 -14.34 -5.31
CA THR A 125 -16.07 -13.13 -4.53
C THR A 125 -14.73 -12.54 -4.09
N GLY A 126 -14.80 -11.33 -3.56
CA GLY A 126 -13.66 -10.67 -2.96
C GLY A 126 -13.61 -9.22 -3.35
N ARG A 127 -12.43 -8.65 -3.23
CA ARG A 127 -12.19 -7.24 -3.50
C ARG A 127 -11.64 -7.07 -4.91
N ARG A 128 -12.14 -6.04 -5.62
CA ARG A 128 -11.69 -5.77 -6.98
C ARG A 128 -10.23 -5.35 -7.01
N GLY A 129 -9.75 -4.60 -6.00
CA GLY A 129 -8.38 -4.11 -6.08
C GLY A 129 -8.23 -3.04 -7.15
N THR A 130 -6.98 -2.74 -7.48
CA THR A 130 -6.68 -1.68 -8.44
C THR A 130 -5.95 -2.16 -9.68
N VAL A 131 -5.67 -3.46 -9.81
CA VAL A 131 -5.09 -3.94 -11.07
C VAL A 131 -6.06 -3.60 -12.19
N ALA A 132 -5.56 -2.95 -13.24
CA ALA A 132 -6.50 -2.42 -14.23
C ALA A 132 -7.07 -3.50 -15.14
N TYR A 133 -6.26 -4.47 -15.55
CA TYR A 133 -6.74 -5.55 -16.41
C TYR A 133 -6.99 -6.82 -15.60
N LEU A 134 -8.21 -7.35 -15.73
CA LEU A 134 -8.67 -8.53 -14.99
C LEU A 134 -9.60 -9.32 -15.90
N SER A 135 -9.28 -10.58 -16.19
CA SER A 135 -10.15 -11.37 -17.05
C SER A 135 -10.38 -12.75 -16.43
N PHE A 136 -11.55 -13.33 -16.76
CA PHE A 136 -11.98 -14.62 -16.25
C PHE A 136 -12.36 -15.49 -17.43
N GLY A 137 -11.66 -16.60 -17.62
CA GLY A 137 -12.00 -17.57 -18.64
C GLY A 137 -12.34 -18.93 -18.05
N THR A 138 -13.41 -19.55 -18.55
CA THR A 138 -13.65 -20.94 -18.20
C THR A 138 -13.20 -21.82 -19.37
N GLN A 139 -12.63 -22.97 -19.04
CA GLN A 139 -11.98 -23.81 -20.03
C GLN A 139 -12.43 -25.26 -19.83
N LYS A 140 -12.24 -26.07 -20.87
CA LYS A 140 -12.56 -27.47 -20.78
C LYS A 140 -11.37 -28.28 -21.32
N GLY A 141 -11.52 -29.61 -21.31
CA GLY A 141 -10.44 -30.47 -21.76
C GLY A 141 -9.21 -30.28 -20.88
N GLY A 142 -8.05 -30.17 -21.51
CA GLY A 142 -6.81 -29.95 -20.82
C GLY A 142 -5.66 -30.48 -21.63
N TYR A 143 -4.46 -29.94 -21.37
CA TYR A 143 -3.29 -30.40 -22.13
C TYR A 143 -3.11 -31.90 -21.96
N GLU A 144 -3.37 -32.42 -20.75
CA GLU A 144 -3.20 -33.84 -20.50
C GLU A 144 -4.25 -34.68 -21.22
N THR A 145 -5.36 -34.08 -21.64
CA THR A 145 -6.46 -34.84 -22.25
C THR A 145 -6.48 -34.70 -23.77
N ASP A 146 -6.78 -33.50 -24.28
CA ASP A 146 -6.82 -33.25 -25.72
C ASP A 146 -5.68 -32.35 -26.21
N GLY A 147 -4.70 -32.05 -25.36
CA GLY A 147 -3.68 -31.10 -25.74
C GLY A 147 -4.19 -29.68 -25.92
N LYS A 148 -5.37 -29.37 -25.41
CA LYS A 148 -6.01 -28.10 -25.65
C LYS A 148 -6.54 -27.55 -24.33
N LEU A 150 -9.65 -25.46 -24.53
CA LEU A 150 -10.69 -24.73 -25.24
C LEU A 150 -11.56 -23.93 -24.26
N GLN A 151 -11.90 -22.72 -24.67
CA GLN A 151 -12.63 -21.80 -23.81
C GLN A 151 -14.13 -22.03 -23.91
N THR A 152 -14.82 -21.95 -22.78
CA THR A 152 -16.27 -22.07 -22.75
C THR A 152 -16.99 -20.80 -22.31
N GLY A 153 -16.30 -19.83 -21.72
CA GLY A 153 -16.91 -18.58 -21.29
C GLY A 153 -15.83 -17.57 -21.00
N PHE A 154 -16.23 -16.31 -20.90
CA PHE A 154 -15.27 -15.24 -20.77
C PHE A 154 -15.93 -14.02 -20.16
N LEU A 155 -15.21 -13.35 -19.26
CA LEU A 155 -15.69 -12.09 -18.69
C LEU A 155 -14.49 -11.22 -18.35
N ASP A 156 -14.53 -9.97 -18.82
CA ASP A 156 -13.53 -8.96 -18.50
C ASP A 156 -14.26 -7.67 -18.11
N ALA A 157 -13.54 -6.54 -18.12
CA ALA A 157 -14.12 -5.25 -17.70
C ALA A 157 -15.27 -4.81 -18.62
N LYS A 158 -15.27 -5.26 -19.87
CA LYS A 158 -16.30 -4.82 -20.82
C LYS A 158 -17.69 -5.15 -20.32
N GLN A 159 -17.85 -6.30 -19.65
CA GLN A 159 -19.14 -6.68 -19.09
C GLN A 159 -19.19 -6.65 -17.56
N LEU A 160 -18.06 -6.49 -16.88
CA LEU A 160 -18.07 -6.62 -15.42
C LEU A 160 -18.78 -5.45 -14.75
N GLU A 161 -19.58 -5.78 -13.75
CA GLU A 161 -20.29 -4.81 -12.93
C GLU A 161 -19.67 -4.85 -11.54
N ILE A 162 -19.10 -3.73 -11.11
CA ILE A 162 -18.49 -3.63 -9.80
C ILE A 162 -19.52 -3.03 -8.87
N ALA A 163 -19.72 -3.66 -7.71
CA ALA A 163 -20.70 -3.16 -6.77
C ALA A 163 -20.19 -1.83 -6.20
N PRO A 164 -21.04 -1.08 -5.49
CA PRO A 164 -20.56 0.20 -4.93
C PRO A 164 -19.45 0.02 -3.91
N ASP A 165 -19.56 -1.00 -3.04
CA ASP A 165 -18.57 -1.21 -1.99
C ASP A 165 -17.21 -1.71 -2.51
N GLY A 166 -16.94 -1.75 -3.81
CA GLY A 166 -15.67 -2.22 -4.31
C GLY A 166 -15.50 -3.72 -4.28
N SER A 167 -16.56 -4.47 -3.98
CA SER A 167 -16.52 -5.92 -3.96
C SER A 167 -16.81 -6.49 -5.34
N VAL A 168 -16.57 -7.79 -5.45
CA VAL A 168 -16.72 -8.52 -6.69
C VAL A 168 -17.60 -9.72 -6.39
N GLU A 169 -18.60 -9.93 -7.25
CA GLU A 169 -19.52 -11.05 -7.18
C GLU A 169 -19.67 -11.62 -8.58
N ILE A 170 -19.18 -12.84 -8.80
CA ILE A 170 -19.18 -13.47 -10.12
C ILE A 170 -19.71 -14.88 -9.98
N VAL A 171 -20.65 -15.27 -10.85
CA VAL A 171 -21.24 -16.60 -10.81
CA VAL A 171 -21.25 -16.59 -10.81
C VAL A 171 -20.82 -17.37 -12.06
N LEU A 172 -20.32 -18.57 -11.84
CA LEU A 172 -19.97 -19.51 -12.89
C LEU A 172 -21.11 -20.52 -12.95
N SER A 173 -21.70 -20.68 -14.13
CA SER A 173 -22.80 -21.62 -14.24
C SER A 173 -23.06 -21.97 -15.69
N ALA A 174 -23.48 -23.21 -15.93
CA ALA A 174 -24.01 -23.53 -17.25
C ALA A 174 -25.40 -22.97 -17.43
N THR A 175 -26.09 -22.63 -16.34
CA THR A 175 -27.41 -22.03 -16.37
C THR A 175 -27.27 -20.50 -16.40
N PRO A 176 -27.96 -19.81 -17.31
CA PRO A 176 -27.85 -18.35 -17.37
C PRO A 176 -28.33 -17.71 -16.06
N ARG A 177 -27.52 -16.77 -15.56
CA ARG A 177 -27.83 -16.00 -14.36
C ARG A 177 -27.71 -14.51 -14.67
N ALA A 178 -28.40 -13.70 -13.88
CA ALA A 178 -28.22 -12.26 -14.00
C ALA A 178 -26.89 -11.84 -13.36
N GLY A 179 -26.55 -10.57 -13.54
CA GLY A 179 -25.33 -10.04 -12.95
C GLY A 179 -24.09 -10.50 -13.72
N ASN A 180 -23.00 -10.71 -12.97
CA ASN A 180 -21.72 -11.10 -13.56
C ASN A 180 -21.73 -12.62 -13.72
N TRP A 181 -22.26 -13.10 -14.84
CA TRP A 181 -22.34 -14.53 -15.12
C TRP A 181 -21.25 -14.89 -16.11
N VAL A 182 -20.46 -15.91 -15.78
CA VAL A 182 -19.48 -16.49 -16.70
C VAL A 182 -20.01 -17.85 -17.10
N ARG A 183 -20.16 -18.07 -18.41
CA ARG A 183 -20.74 -19.29 -18.92
C ARG A 183 -19.83 -20.51 -18.70
N GLU A 185 -19.97 -24.95 -19.77
CA GLU A 185 -20.62 -26.14 -20.31
C GLU A 185 -20.45 -27.29 -19.34
N PRO A 186 -21.23 -28.37 -19.48
CA PRO A 186 -21.03 -29.54 -18.62
C PRO A 186 -19.58 -30.02 -18.56
N ASP A 187 -18.84 -29.95 -19.67
CA ASP A 187 -17.45 -30.38 -19.73
C ASP A 187 -16.47 -29.34 -19.21
N THR A 188 -16.92 -28.13 -18.89
CA THR A 188 -16.02 -27.13 -18.35
C THR A 188 -15.39 -27.69 -17.09
N ASN A 189 -14.07 -27.51 -16.95
CA ASN A 189 -13.37 -28.03 -15.78
C ASN A 189 -12.37 -27.06 -15.16
N ALA A 190 -12.22 -25.85 -15.68
CA ALA A 190 -11.26 -24.91 -15.10
C ALA A 190 -11.74 -23.46 -15.25
N LEU A 191 -11.35 -22.64 -14.28
CA LEU A 191 -11.46 -21.20 -14.36
C LEU A 191 -10.05 -20.64 -14.34
N LEU A 192 -9.73 -19.82 -15.35
CA LEU A 192 -8.40 -19.24 -15.46
C LEU A 192 -8.52 -17.72 -15.36
N VAL A 193 -7.95 -17.15 -14.31
CA VAL A 193 -8.03 -15.73 -14.04
C VAL A 193 -6.70 -15.10 -14.44
N ARG A 194 -6.76 -14.00 -15.17
CA ARG A 194 -5.58 -13.19 -15.46
C ARG A 194 -5.70 -11.83 -14.77
N GLN A 195 -4.73 -11.51 -13.94
CA GLN A 195 -4.54 -10.14 -13.47
C GLN A 195 -3.27 -9.61 -14.12
N THR A 196 -3.42 -8.59 -14.97
CA THR A 196 -2.29 -8.08 -15.74
C THR A 196 -1.89 -6.73 -15.19
N PHE A 197 -0.64 -6.63 -14.74
CA PHE A 197 -0.16 -5.44 -14.05
C PHE A 197 0.59 -4.52 -15.01
N LEU A 198 0.19 -3.25 -15.04
CA LEU A 198 1.10 -2.28 -15.63
C LEU A 198 2.37 -2.18 -14.79
N ASP A 199 2.20 -2.21 -13.45
CA ASP A 199 3.30 -1.99 -12.50
C ASP A 199 2.86 -2.60 -11.18
N ARG A 200 3.45 -3.74 -10.84
CA ARG A 200 3.05 -4.46 -9.63
C ARG A 200 3.34 -3.67 -8.36
N ARG A 201 4.27 -2.71 -8.42
CA ARG A 201 4.63 -1.96 -7.23
C ARG A 201 3.51 -1.03 -6.77
N THR A 202 2.70 -0.55 -7.70
CA THR A 202 1.68 0.44 -7.38
C THR A 202 0.25 -0.02 -7.59
N GLU A 203 0.06 -1.22 -8.12
CA GLU A 203 -1.28 -1.77 -8.32
C GLU A 203 -1.52 -2.85 -7.28
N THR A 204 -2.74 -2.92 -6.84
CA THR A 204 -3.12 -3.89 -5.84
C THR A 204 -3.88 -5.02 -6.51
N PRO A 205 -3.53 -6.28 -6.26
CA PRO A 205 -4.25 -7.39 -6.90
C PRO A 205 -5.66 -7.51 -6.34
N ALA A 206 -6.57 -7.98 -7.18
CA ALA A 206 -7.85 -8.42 -6.67
C ALA A 206 -7.64 -9.63 -5.78
N GLN A 207 -8.41 -9.72 -4.71
CA GLN A 207 -8.32 -10.83 -3.76
C GLN A 207 -9.59 -11.64 -3.90
N LEU A 208 -9.47 -12.80 -4.55
CA LEU A 208 -10.63 -13.56 -4.97
C LEU A 208 -10.66 -14.90 -4.26
N LYS A 209 -11.86 -15.32 -3.89
CA LYS A 209 -12.14 -16.66 -3.39
C LYS A 209 -13.20 -17.30 -4.27
N ILE A 210 -13.14 -18.63 -4.39
CA ILE A 210 -14.12 -19.39 -5.16
C ILE A 210 -14.74 -20.43 -4.24
N GLU A 211 -16.06 -20.54 -4.29
CA GLU A 211 -16.76 -21.56 -3.52
C GLU A 211 -17.92 -22.11 -4.32
N ARG A 212 -18.36 -23.30 -3.95
CA ARG A 212 -19.59 -23.86 -4.50
C ARG A 212 -20.78 -23.06 -3.99
N ILE A 213 -21.79 -22.88 -4.85
CA ILE A 213 -22.89 -22.02 -4.48
C ILE A 213 -23.73 -22.66 -3.38
N ASP A 214 -24.02 -23.95 -3.49
CA ASP A 214 -24.78 -24.61 -2.45
C ASP A 214 -23.83 -25.14 -1.39
N ALA A 215 -24.17 -24.88 -0.12
CA ALA A 215 -23.32 -25.26 0.99
C ALA A 215 -22.96 -26.74 0.91
N GLN A 216 -21.66 -27.00 0.98
CA GLN A 216 -21.14 -28.35 0.84
C GLN A 216 -20.86 -28.96 2.21
N ALA A 217 -21.24 -30.23 2.39
CA ALA A 217 -20.77 -30.97 3.55
C ALA A 217 -19.27 -31.15 3.46
N ARG A 218 -18.64 -31.43 4.60
CA ARG A 218 -17.19 -31.64 4.67
C ARG A 218 -16.73 -32.61 3.57
N PRO A 219 -15.52 -32.44 3.04
CA PRO A 219 -15.08 -33.35 1.98
C PRO A 219 -15.00 -34.78 2.48
N ALA A 220 -15.26 -35.70 1.55
CA ALA A 220 -15.09 -37.11 1.81
C ALA A 220 -13.60 -37.42 1.91
N PRO A 221 -13.24 -38.53 2.54
CA PRO A 221 -11.82 -38.91 2.58
C PRO A 221 -11.30 -39.19 1.18
N LEU A 222 -9.98 -39.06 1.04
CA LEU A 222 -9.31 -39.33 -0.22
C LEU A 222 -9.70 -40.71 -0.76
N ASP A 223 -10.21 -40.72 -1.96
CA ASP A 223 -10.68 -41.93 -2.62
C ASP A 223 -9.59 -42.51 -3.52
N PRO A 224 -9.26 -43.80 -3.41
CA PRO A 224 -8.21 -44.35 -4.28
C PRO A 224 -8.47 -44.15 -5.78
N LEU A 225 -9.73 -44.32 -6.24
CA LEU A 225 -10.00 -44.13 -7.66
C LEU A 225 -9.71 -42.70 -8.09
N ALA A 226 -10.13 -41.71 -7.30
CA ALA A 226 -9.88 -40.32 -7.67
C ALA A 226 -8.40 -40.01 -7.69
N LEU A 227 -7.64 -40.57 -6.74
CA LEU A 227 -6.20 -40.33 -6.73
C LEU A 227 -5.53 -41.03 -7.92
N GLN A 228 -5.98 -42.23 -8.26
CA GLN A 228 -5.44 -42.91 -9.44
C GLN A 228 -5.58 -42.02 -10.66
N GLY A 229 -6.76 -41.41 -10.83
CA GLY A 229 -6.98 -40.53 -11.98
C GLY A 229 -6.16 -39.26 -11.90
N GLY A 230 -6.05 -38.68 -10.71
CA GLY A 230 -5.29 -37.44 -10.57
C GLY A 230 -3.81 -37.64 -10.85
N LEU A 231 -3.24 -38.74 -10.38
CA LEU A 231 -1.82 -38.98 -10.61
C LEU A 231 -1.53 -39.16 -12.09
N ARG A 233 -3.33 -38.19 -14.68
CA ARG A 233 -3.51 -36.92 -15.38
C ARG A 233 -2.33 -35.98 -15.13
N ALA A 234 -1.83 -35.93 -13.89
CA ALA A 234 -0.69 -35.09 -13.59
C ALA A 234 0.53 -35.52 -14.41
N ALA A 235 0.83 -36.82 -14.44
CA ALA A 235 1.97 -37.30 -15.21
C ALA A 235 1.80 -37.02 -16.68
N GLN A 236 0.59 -37.25 -17.21
CA GLN A 236 0.34 -37.03 -18.63
C GLN A 236 0.36 -35.54 -18.97
N PHE A 237 0.02 -34.67 -18.01
CA PHE A 237 0.16 -33.23 -18.21
C PHE A 237 1.61 -32.85 -18.49
N VAL A 238 2.56 -33.40 -17.74
CA VAL A 238 3.97 -33.08 -17.96
C VAL A 238 4.38 -33.48 -19.37
N GLU A 239 4.06 -34.71 -19.77
CA GLU A 239 4.46 -35.18 -21.09
C GLU A 239 3.80 -34.37 -22.20
N GLN A 240 2.47 -34.17 -22.09
CA GLN A 240 1.75 -33.51 -23.18
C GLN A 240 2.06 -32.01 -23.26
N THR A 241 2.23 -31.35 -22.11
CA THR A 241 2.49 -29.91 -22.14
C THR A 241 3.86 -29.64 -22.72
N SER A 242 4.88 -30.38 -22.27
CA SER A 242 6.22 -30.21 -22.83
C SER A 242 6.21 -30.54 -24.31
N LYS A 243 5.53 -31.63 -24.71
CA LYS A 243 5.46 -31.95 -26.12
C LYS A 243 4.77 -30.84 -26.91
N LEU A 244 3.65 -30.32 -26.39
CA LEU A 244 2.86 -29.31 -27.09
C LEU A 244 3.71 -28.08 -27.41
N PHE A 245 4.36 -27.50 -26.39
CA PHE A 245 5.08 -26.27 -26.65
C PHE A 245 6.45 -26.49 -27.26
N ALA A 246 7.00 -27.70 -27.15
CA ALA A 246 8.18 -28.02 -27.94
C ALA A 246 7.83 -28.14 -29.43
N ASP A 247 6.65 -28.69 -29.75
CA ASP A 247 6.18 -28.65 -31.14
C ASP A 247 6.07 -27.22 -31.66
N TRP A 248 5.51 -26.32 -30.83
CA TRP A 248 5.41 -24.92 -31.24
C TRP A 248 6.79 -24.32 -31.50
N ALA A 249 7.71 -24.47 -30.54
CA ALA A 249 9.00 -23.82 -30.68
C ALA A 249 9.72 -24.30 -31.94
N ALA A 250 9.71 -25.62 -32.18
CA ALA A 250 10.34 -26.12 -33.40
C ALA A 250 9.65 -25.59 -34.65
N SER A 251 8.33 -25.38 -34.61
CA SER A 251 7.66 -24.85 -35.81
C SER A 251 8.10 -23.44 -36.15
N TYR A 252 8.71 -22.70 -35.21
CA TYR A 252 9.13 -21.33 -35.48
C TYR A 252 10.46 -21.24 -36.23
N ARG A 253 11.24 -22.34 -36.29
CA ARG A 253 12.56 -22.31 -36.92
C ARG A 253 12.57 -21.65 -38.29
N PRO A 254 11.61 -21.88 -39.20
CA PRO A 254 11.68 -21.20 -40.51
C PRO A 254 11.66 -19.68 -40.40
N HIS A 255 11.09 -19.11 -39.35
CA HIS A 255 11.14 -17.65 -39.21
C HIS A 255 11.89 -17.25 -37.94
N VAL A 256 13.06 -17.86 -37.73
CA VAL A 256 13.91 -17.52 -36.60
C VAL A 256 14.32 -16.05 -36.67
N ASN A 257 14.30 -15.38 -35.51
CA ASN A 257 14.67 -13.97 -35.36
C ASN A 257 13.73 -13.00 -36.07
N ALA A 258 12.61 -13.47 -36.63
CA ALA A 258 11.50 -12.60 -37.01
C ALA A 258 10.39 -12.80 -35.99
N LEU A 259 9.34 -11.98 -36.06
CA LEU A 259 8.25 -12.05 -35.08
C LEU A 259 6.91 -11.95 -35.78
N PRO A 260 6.56 -12.95 -36.59
CA PRO A 260 5.30 -12.89 -37.34
C PRO A 260 4.11 -13.06 -36.42
N PRO A 261 2.93 -12.60 -36.85
CA PRO A 261 1.70 -12.86 -36.09
C PRO A 261 1.47 -14.36 -35.97
N ALA A 262 0.98 -14.78 -34.80
CA ALA A 262 0.70 -16.19 -34.58
C ALA A 262 -0.65 -16.58 -35.18
N ASP A 263 -0.88 -17.88 -35.26
CA ASP A 263 -2.21 -18.41 -35.55
C ASP A 263 -3.07 -18.11 -34.33
N GLN A 264 -3.94 -17.11 -34.44
CA GLN A 264 -4.68 -16.64 -33.26
C GLN A 264 -5.63 -17.72 -32.73
N ALA A 265 -6.37 -18.38 -33.62
CA ALA A 265 -7.29 -19.44 -33.18
C ALA A 265 -6.54 -20.54 -32.44
N LEU A 266 -5.32 -20.86 -32.88
CA LEU A 266 -4.51 -21.83 -32.17
C LEU A 266 -4.14 -21.33 -30.77
N CYS A 267 -3.75 -20.06 -30.65
CA CYS A 267 -3.42 -19.52 -29.33
C CYS A 267 -4.63 -19.57 -28.40
N GLN A 268 -5.82 -19.27 -28.92
CA GLN A 268 -7.02 -19.36 -28.12
C GLN A 268 -7.29 -20.80 -27.69
N SER A 269 -7.07 -21.76 -28.61
CA SER A 269 -7.40 -23.16 -28.32
C SER A 269 -6.54 -23.76 -27.21
N VAL A 270 -5.37 -23.18 -26.93
CA VAL A 270 -4.54 -23.66 -25.84
C VAL A 270 -4.71 -22.79 -24.58
N GLY A 271 -5.77 -22.00 -24.51
CA GLY A 271 -6.08 -21.28 -23.29
C GLY A 271 -5.74 -19.82 -23.31
N GLY A 272 -5.52 -19.23 -24.49
CA GLY A 272 -5.27 -17.82 -24.58
C GLY A 272 -6.45 -16.99 -24.12
N ASP A 273 -6.19 -15.70 -23.99
CA ASP A 273 -7.20 -14.73 -23.61
C ASP A 273 -7.74 -14.09 -24.87
N PRO A 274 -9.05 -14.12 -25.14
CA PRO A 274 -9.57 -13.63 -26.42
C PRO A 274 -9.42 -12.13 -26.65
N ASN A 275 -9.00 -11.35 -25.65
CA ASN A 275 -8.64 -9.94 -25.87
C ASN A 275 -7.25 -9.77 -26.44
N ILE A 276 -6.46 -10.83 -26.52
CA ILE A 276 -5.04 -10.72 -26.78
C ILE A 276 -4.74 -11.19 -28.20
N TYR A 277 -3.94 -10.40 -28.90
CA TYR A 277 -3.37 -10.77 -30.18
C TYR A 277 -1.91 -11.12 -29.97
N TYR A 278 -1.53 -12.34 -30.32
CA TYR A 278 -0.23 -12.91 -29.98
C TYR A 278 0.71 -12.93 -31.19
N TYR A 279 2.00 -12.74 -30.91
CA TYR A 279 3.10 -13.06 -31.81
C TYR A 279 4.07 -13.98 -31.06
N HIS A 280 4.41 -15.11 -31.67
CA HIS A 280 5.35 -16.06 -31.11
C HIS A 280 6.45 -16.34 -32.13
N SER A 281 7.69 -16.41 -31.66
CA SER A 281 8.77 -16.86 -32.54
C SER A 281 9.90 -17.42 -31.71
N CYS A 282 10.92 -17.92 -32.41
CA CYS A 282 12.18 -18.29 -31.78
C CYS A 282 13.25 -17.30 -32.22
N TRP A 283 14.31 -17.22 -31.42
CA TRP A 283 15.41 -16.29 -31.68
C TRP A 283 16.74 -17.01 -31.44
N SER A 284 17.77 -16.52 -32.09
CA SER A 284 19.11 -17.10 -32.00
C SER A 284 20.13 -15.99 -32.21
N LEU A 285 20.96 -15.73 -31.20
CA LEU A 285 21.88 -14.61 -31.26
C LEU A 285 23.24 -15.00 -30.68
N ALA A 286 24.30 -14.69 -31.43
CA ALA A 286 25.64 -14.76 -30.87
C ALA A 286 25.83 -13.64 -29.85
N ALA A 287 26.90 -13.75 -29.07
CA ALA A 287 27.14 -12.77 -28.01
C ALA A 287 27.30 -11.36 -28.55
N ASP A 288 27.84 -11.21 -29.76
CA ASP A 288 28.08 -9.90 -30.35
C ASP A 288 26.91 -9.41 -31.20
N GLU A 289 25.79 -10.11 -31.19
CA GLU A 289 24.65 -9.76 -32.01
C GLU A 289 23.49 -9.25 -31.17
N ALA A 290 22.65 -8.44 -31.79
CA ALA A 290 21.44 -7.94 -31.17
C ALA A 290 20.29 -8.08 -32.15
N LEU A 291 19.10 -8.32 -31.61
CA LEU A 291 17.87 -8.35 -32.39
C LEU A 291 17.14 -7.04 -32.17
N VAL A 292 16.94 -6.28 -33.23
CA VAL A 292 16.27 -4.98 -33.17
C VAL A 292 14.84 -5.17 -33.62
N ILE A 293 13.90 -4.92 -32.70
CA ILE A 293 12.46 -5.04 -32.96
C ILE A 293 11.87 -3.65 -33.01
N ASP A 294 11.03 -3.40 -34.01
CA ASP A 294 10.43 -2.09 -34.24
C ASP A 294 8.95 -2.22 -34.55
N VAL A 295 8.15 -1.34 -33.96
CA VAL A 295 6.79 -1.06 -34.40
C VAL A 295 6.72 0.42 -34.73
N ASP A 296 6.21 0.76 -35.93
CA ASP A 296 6.24 2.15 -36.38
C ASP A 296 5.24 3.00 -35.62
N THR A 297 4.12 2.41 -35.20
CA THR A 297 3.14 3.08 -34.36
C THR A 297 2.76 2.12 -33.23
N VAL A 298 2.18 2.66 -32.17
CA VAL A 298 1.60 1.86 -31.11
C VAL A 298 0.08 2.00 -31.18
N PRO A 299 -0.66 0.93 -31.38
CA PRO A 299 -2.12 1.04 -31.48
C PRO A 299 -2.74 1.40 -30.15
N ASP A 300 -3.93 2.00 -30.22
CA ASP A 300 -4.77 2.15 -29.03
C ASP A 300 -5.04 0.78 -28.43
N CYS A 301 -4.65 0.59 -27.18
CA CYS A 301 -4.84 -0.70 -26.55
C CYS A 301 -4.84 -0.51 -25.04
N ASP A 302 -5.31 -1.56 -24.35
CA ASP A 302 -5.34 -1.56 -22.90
C ASP A 302 -4.01 -1.98 -22.30
N PHE A 303 -3.24 -2.78 -23.03
CA PHE A 303 -1.97 -3.29 -22.54
C PHE A 303 -1.22 -3.89 -23.71
N TRP A 304 0.11 -3.86 -23.63
CA TRP A 304 0.94 -4.60 -24.55
C TRP A 304 2.25 -4.92 -23.85
N ASN A 305 2.89 -6.01 -24.27
CA ASN A 305 4.23 -6.28 -23.76
C ASN A 305 4.94 -7.19 -24.74
N VAL A 306 6.22 -7.42 -24.46
CA VAL A 306 7.03 -8.38 -25.18
C VAL A 306 7.97 -9.01 -24.17
N GLN A 307 8.16 -10.34 -24.26
CA GLN A 307 8.94 -11.06 -23.28
C GLN A 307 9.92 -11.98 -23.97
N LEU A 308 11.05 -12.23 -23.31
CA LEU A 308 12.07 -13.13 -23.81
C LEU A 308 11.98 -14.44 -23.01
N ASN A 309 12.01 -15.57 -23.73
CA ASN A 309 11.84 -16.91 -23.14
C ASN A 309 13.01 -17.81 -23.52
N ASN A 310 13.14 -18.92 -22.80
CA ASN A 310 14.04 -19.98 -23.28
C ASN A 310 13.32 -20.83 -24.33
N TYR A 311 13.99 -21.88 -24.81
CA TYR A 311 13.40 -22.70 -25.87
C TYR A 311 12.13 -23.38 -25.41
N TRP A 312 12.01 -23.69 -24.12
CA TRP A 312 10.85 -24.34 -23.53
C TRP A 312 9.68 -23.41 -23.31
N GLU A 314 9.40 -20.95 -21.37
CA GLU A 314 9.38 -20.31 -20.07
C GLU A 314 9.97 -18.93 -20.23
N SER A 315 9.29 -17.91 -19.70
CA SER A 315 9.96 -16.62 -19.60
C SER A 315 11.29 -16.78 -18.88
N LEU A 316 12.27 -15.96 -19.26
CA LEU A 316 13.52 -15.91 -18.52
C LEU A 316 13.26 -15.38 -17.11
N ASP A 317 14.28 -15.34 -16.25
CA ASP A 317 13.99 -15.13 -14.83
C ASP A 317 13.85 -13.65 -14.54
N TYR A 318 12.62 -13.15 -14.63
CA TYR A 318 12.38 -11.72 -14.45
C TYR A 318 12.58 -11.24 -13.01
N ARG A 319 12.81 -12.14 -12.04
CA ARG A 319 13.23 -11.68 -10.72
C ARG A 319 14.62 -11.05 -10.78
N HIS A 320 15.45 -11.47 -11.74
CA HIS A 320 16.83 -11.03 -11.75
C HIS A 320 17.32 -10.46 -13.07
N PHE A 321 16.55 -10.57 -14.15
CA PHE A 321 16.96 -10.07 -15.45
C PHE A 321 15.81 -9.27 -16.02
N ASP A 322 16.14 -8.25 -16.81
CA ASP A 322 15.16 -7.43 -17.51
C ASP A 322 14.79 -8.15 -18.82
N ILE A 323 13.74 -8.95 -18.78
CA ILE A 323 13.44 -9.83 -19.92
C ILE A 323 12.01 -9.62 -20.39
N CYS A 324 11.37 -8.56 -19.89
CA CYS A 324 10.03 -8.19 -20.31
C CYS A 324 9.93 -6.67 -20.31
N VAL A 325 9.35 -6.12 -21.37
CA VAL A 325 9.11 -4.70 -21.54
C VAL A 325 7.64 -4.52 -21.90
N ASN A 326 6.98 -3.55 -21.26
CA ASN A 326 5.54 -3.39 -21.52
C ASN A 326 5.12 -1.93 -21.72
N LYS A 327 3.80 -1.72 -21.83
CA LYS A 327 3.26 -0.38 -22.09
C LYS A 327 3.71 0.63 -21.03
N HIS A 328 3.91 0.17 -19.80
CA HIS A 328 4.33 1.01 -18.69
C HIS A 328 5.82 1.33 -18.72
N SER A 329 6.65 0.39 -19.18
CA SER A 329 8.09 0.57 -19.10
C SER A 329 8.77 0.90 -20.43
N ALA A 330 8.14 0.64 -21.57
CA ALA A 330 8.75 0.94 -22.86
C ALA A 330 8.67 2.43 -23.16
N ARG A 331 9.82 3.08 -23.36
CA ARG A 331 9.86 4.47 -23.79
C ARG A 331 9.69 4.54 -25.30
N PRO A 332 8.78 5.36 -25.82
CA PRO A 332 8.64 5.48 -27.27
C PRO A 332 9.77 6.29 -27.88
N ASN A 333 9.94 6.11 -29.19
CA ASN A 333 10.81 6.99 -29.95
C ASN A 333 10.10 8.33 -30.20
N ALA A 334 10.85 9.29 -30.75
CA ALA A 334 10.32 10.64 -30.97
C ALA A 334 9.11 10.62 -31.91
N ASP A 335 9.19 9.83 -32.98
CA ASP A 335 8.11 9.73 -33.96
C ASP A 335 6.93 8.87 -33.48
N GLY A 336 6.89 8.48 -32.20
CA GLY A 336 5.80 7.68 -31.69
C GLY A 336 5.98 6.17 -31.80
N GLY A 337 6.97 5.70 -32.56
CA GLY A 337 7.23 4.28 -32.62
C GLY A 337 7.89 3.78 -31.34
N VAL A 338 8.11 2.48 -31.29
CA VAL A 338 8.79 1.84 -30.17
C VAL A 338 9.82 0.87 -30.71
N THR A 339 11.02 0.93 -30.16
CA THR A 339 12.10 0.02 -30.45
C THR A 339 12.44 -0.75 -29.18
N VAL A 340 12.65 -2.06 -29.34
CA VAL A 340 13.06 -2.97 -28.26
C VAL A 340 14.25 -3.78 -28.77
N ILE A 341 15.31 -3.84 -27.96
CA ILE A 341 16.56 -4.49 -28.37
C ILE A 341 16.79 -5.72 -27.49
N VAL A 342 16.97 -6.87 -28.14
CA VAL A 342 17.36 -8.12 -27.48
C VAL A 342 18.87 -8.24 -27.60
N ALA A 343 19.58 -8.32 -26.47
CA ALA A 343 21.05 -8.35 -26.48
C ALA A 343 21.58 -8.76 -25.10
N ALA A 344 22.90 -9.02 -25.06
CA ALA A 344 23.53 -9.43 -23.81
C ALA A 344 23.74 -8.26 -22.84
N THR A 345 23.93 -7.05 -23.35
CA THR A 345 24.03 -5.85 -22.53
C THR A 345 23.20 -4.75 -23.17
N ARG A 346 22.76 -3.80 -22.35
CA ARG A 346 21.90 -2.71 -22.84
C ARG A 346 22.69 -1.77 -23.75
N PRO A 347 22.19 -1.45 -24.93
CA PRO A 347 22.83 -0.42 -25.75
C PRO A 347 22.29 0.97 -25.45
N GLY A 348 23.07 1.81 -24.77
CA GLY A 348 22.57 3.13 -24.41
C GLY A 348 21.40 3.04 -23.46
N SER A 349 20.34 3.80 -23.75
CA SER A 349 19.12 3.78 -22.95
C SER A 349 17.92 3.18 -23.70
N ALA A 350 18.18 2.32 -24.68
CA ALA A 350 17.10 1.69 -25.42
C ALA A 350 16.32 0.70 -24.54
N ASN A 351 15.06 0.47 -24.92
CA ASN A 351 14.28 -0.60 -24.32
C ASN A 351 14.98 -1.93 -24.60
N TRP A 352 15.13 -2.77 -23.58
CA TRP A 352 16.09 -3.86 -23.62
C TRP A 352 15.49 -5.16 -23.10
N LEU A 353 15.75 -6.25 -23.81
CA LEU A 353 15.51 -7.60 -23.32
C LEU A 353 16.86 -8.31 -23.18
N ASP A 354 17.19 -8.73 -21.96
CA ASP A 354 18.47 -9.34 -21.63
C ASP A 354 18.47 -10.81 -22.03
N THR A 355 19.43 -11.24 -22.86
CA THR A 355 19.47 -12.64 -23.26
C THR A 355 19.89 -13.57 -22.13
N ALA A 356 20.48 -13.04 -21.06
CA ALA A 356 20.63 -13.78 -19.80
C ALA A 356 21.35 -15.12 -20.01
N GLY A 357 22.42 -15.08 -20.78
CA GLY A 357 23.25 -16.25 -20.99
C GLY A 357 22.76 -17.21 -22.05
N HIS A 358 21.61 -16.96 -22.67
CA HIS A 358 21.04 -17.89 -23.64
C HIS A 358 21.49 -17.54 -25.06
N ARG A 359 21.91 -18.56 -25.80
CA ARG A 359 22.19 -18.35 -27.21
C ARG A 359 20.93 -18.40 -28.06
N THR A 360 19.87 -19.05 -27.56
CA THR A 360 18.65 -19.21 -28.33
C THR A 360 17.46 -19.28 -27.39
N GLY A 361 16.29 -18.97 -27.91
CA GLY A 361 15.08 -19.06 -27.11
C GLY A 361 13.86 -18.75 -27.93
N THR A 362 12.76 -18.45 -27.25
CA THR A 362 11.55 -18.00 -27.90
C THR A 362 11.19 -16.62 -27.37
N ILE A 363 10.23 -15.99 -28.05
CA ILE A 363 9.86 -14.60 -27.78
C ILE A 363 8.37 -14.45 -28.09
N CYS A 364 7.69 -13.64 -27.28
CA CYS A 364 6.25 -13.42 -27.41
C CYS A 364 5.92 -11.93 -27.27
N TRP A 365 5.13 -11.41 -28.20
CA TRP A 365 4.60 -10.06 -28.17
C TRP A 365 3.09 -10.13 -28.06
N ARG A 366 2.51 -9.24 -27.24
CA ARG A 366 1.07 -9.18 -27.04
C ARG A 366 0.55 -7.77 -27.30
N TRP A 367 -0.50 -7.66 -28.11
CA TRP A 367 -1.43 -6.54 -28.04
C TRP A 367 -2.67 -7.00 -27.28
N VAL A 368 -3.09 -6.23 -26.29
CA VAL A 368 -4.30 -6.52 -25.51
C VAL A 368 -5.33 -5.43 -25.79
N GLY A 369 -6.45 -5.81 -26.39
CA GLY A 369 -7.49 -4.83 -26.66
C GLY A 369 -7.18 -3.86 -27.77
N ALA A 370 -6.41 -4.28 -28.78
CA ALA A 370 -6.08 -3.44 -29.92
C ALA A 370 -7.03 -3.77 -31.07
N ALA A 371 -7.73 -2.75 -31.57
CA ALA A 371 -8.62 -2.95 -32.71
C ALA A 371 -7.83 -3.31 -33.95
N GLN A 372 -6.71 -2.64 -34.18
CA GLN A 372 -5.84 -2.93 -35.32
C GLN A 372 -4.43 -3.21 -34.82
N PRO A 373 -4.01 -4.47 -34.80
CA PRO A 373 -2.63 -4.77 -34.40
C PRO A 373 -1.62 -4.17 -35.37
N VAL A 374 -0.46 -3.86 -34.83
CA VAL A 374 0.69 -3.37 -35.59
C VAL A 374 1.78 -4.43 -35.50
N HIS A 375 2.27 -4.88 -36.66
CA HIS A 375 3.12 -6.06 -36.72
C HIS A 375 4.59 -5.67 -36.59
N PRO A 376 5.31 -6.12 -35.57
CA PRO A 376 6.73 -5.74 -35.45
C PRO A 376 7.57 -6.24 -36.61
N ARG A 377 8.55 -5.44 -36.99
CA ARG A 377 9.64 -5.87 -37.86
C ARG A 377 10.88 -6.07 -37.01
N THR A 378 11.79 -6.90 -37.53
CA THR A 378 13.01 -7.26 -36.81
C THR A 378 14.19 -7.21 -37.77
N ARG A 379 15.38 -7.03 -37.21
CA ARG A 379 16.62 -7.23 -37.94
C ARG A 379 17.74 -7.53 -36.95
N VAL A 380 18.71 -8.31 -37.39
CA VAL A 380 19.88 -8.67 -36.59
C VAL A 380 21.05 -7.77 -36.97
N VAL A 381 21.68 -7.16 -35.97
CA VAL A 381 22.86 -6.33 -36.17
C VAL A 381 23.91 -6.72 -35.15
N LYS A 382 25.11 -6.16 -35.32
CA LYS A 382 26.16 -6.30 -34.31
C LYS A 382 25.86 -5.38 -33.13
N LEU A 383 25.94 -5.92 -31.92
CA LEU A 383 25.66 -5.11 -30.73
C LEU A 383 26.59 -3.92 -30.63
N ALA A 384 27.80 -4.03 -31.17
CA ALA A 384 28.73 -2.92 -31.14
C ALA A 384 28.23 -1.74 -31.97
N ALA A 385 27.52 -2.02 -33.07
CA ALA A 385 27.03 -0.95 -33.93
C ALA A 385 25.99 -0.09 -33.21
N LEU A 386 25.21 -0.69 -32.32
CA LEU A 386 24.22 0.08 -31.57
C LEU A 386 24.87 0.88 -30.44
N LYS A 387 25.93 0.35 -29.83
CA LYS A 387 26.58 1.05 -28.73
C LYS A 387 27.36 2.26 -29.24
N GLU A 388 28.10 2.09 -30.35
CA GLU A 388 28.81 3.22 -30.93
C GLU A 388 27.84 4.32 -31.35
N ALA A 389 26.74 3.94 -32.02
CA ALA A 389 25.80 4.91 -32.54
C ALA A 389 25.00 5.58 -31.42
N ALA A 390 24.58 4.82 -30.41
CA ALA A 390 23.79 5.39 -29.32
C ALA A 390 24.65 6.17 -28.34
N THR B 23 21.68 3.67 1.11
CA THR B 23 22.49 4.82 0.72
C THR B 23 21.63 5.90 0.07
N ASP B 24 22.28 7.02 -0.25
CA ASP B 24 21.59 8.11 -0.96
C ASP B 24 21.24 7.71 -2.38
N ASP B 25 22.12 6.94 -3.04
CA ASP B 25 21.87 6.54 -4.42
C ASP B 25 20.63 5.65 -4.50
N THR B 26 20.50 4.68 -3.59
CA THR B 26 19.32 3.83 -3.57
C THR B 26 18.07 4.66 -3.25
N ARG B 27 18.15 5.53 -2.25
CA ARG B 27 16.99 6.34 -1.89
C ARG B 27 16.50 7.18 -3.07
N ALA B 28 17.43 7.76 -3.83
CA ALA B 28 17.02 8.59 -4.96
C ALA B 28 16.47 7.72 -6.08
N THR B 29 17.09 6.56 -6.30
CA THR B 29 16.58 5.62 -7.29
C THR B 29 15.16 5.18 -6.94
N GLN B 30 14.92 4.86 -5.65
CA GLN B 30 13.57 4.45 -5.25
C GLN B 30 12.55 5.56 -5.42
N LEU B 31 12.94 6.81 -5.17
CA LEU B 31 12.00 7.90 -5.38
C LEU B 31 11.63 8.03 -6.84
N LEU B 32 12.64 8.07 -7.71
CA LEU B 32 12.42 8.28 -9.15
C LEU B 32 11.64 7.13 -9.79
N SER B 33 11.75 5.92 -9.24
CA SER B 33 11.09 4.76 -9.82
C SER B 33 9.64 4.61 -9.36
N GLY B 34 9.21 5.34 -8.33
CA GLY B 34 7.88 5.12 -7.79
C GLY B 34 7.82 4.19 -6.60
N GLN B 35 8.95 3.56 -6.25
CA GLN B 35 8.97 2.69 -5.09
C GLN B 35 8.68 3.48 -3.81
N THR B 36 9.26 4.69 -3.68
CA THR B 36 9.02 5.49 -2.49
C THR B 36 7.55 5.82 -2.37
N TRP B 37 6.91 6.17 -3.49
CA TRP B 37 5.49 6.49 -3.46
C TRP B 37 4.68 5.28 -3.01
N ALA B 38 5.04 4.09 -3.50
CA ALA B 38 4.36 2.89 -3.02
C ALA B 38 4.52 2.73 -1.52
N ASP B 39 5.78 2.86 -1.05
CA ASP B 39 6.06 2.70 0.39
C ASP B 39 5.34 3.75 1.21
N PHE B 40 5.32 4.99 0.72
CA PHE B 40 4.60 6.09 1.37
C PHE B 40 3.12 5.74 1.57
N CYS B 41 2.45 5.30 0.50
CA CYS B 41 1.02 4.97 0.61
C CYS B 41 0.80 3.75 1.52
N ASP B 42 1.68 2.75 1.44
CA ASP B 42 1.55 1.57 2.30
C ASP B 42 1.77 1.91 3.77
N THR B 43 2.67 2.85 4.07
CA THR B 43 2.83 3.29 5.45
C THR B 43 1.59 4.01 5.93
N LEU B 44 1.04 4.90 5.10
CA LEU B 44 -0.26 5.49 5.40
C LEU B 44 -1.31 4.42 5.67
N LYS B 45 -1.37 3.40 4.79
CA LYS B 45 -2.37 2.36 4.96
C LYS B 45 -2.22 1.67 6.31
N ARG B 46 -0.99 1.29 6.64
CA ARG B 46 -0.72 0.58 7.88
C ARG B 46 -1.10 1.43 9.10
N SER B 47 -1.08 2.75 8.95
CA SER B 47 -1.50 3.62 10.05
C SER B 47 -2.93 3.36 10.46
N GLY B 48 -3.77 2.83 9.56
CA GLY B 48 -5.12 2.47 9.93
C GLY B 48 -5.21 1.50 11.09
N GLU B 49 -4.15 0.72 11.34
CA GLU B 49 -4.16 -0.20 12.48
C GLU B 49 -4.21 0.53 13.81
N GLN B 50 -3.74 1.78 13.86
CA GLN B 50 -3.87 2.55 15.10
C GLN B 50 -5.32 2.90 15.42
N ILE B 51 -6.16 3.01 14.40
CA ILE B 51 -7.58 3.28 14.62
C ILE B 51 -8.30 2.01 15.04
N LEU B 52 -7.89 0.87 14.48
CA LEU B 52 -8.54 -0.40 14.71
C LEU B 52 -8.07 -1.11 15.99
N ARG B 53 -7.03 -0.59 16.65
CA ARG B 53 -6.54 -1.12 17.93
C ARG B 53 -7.68 -1.54 18.84
N THR B 54 -7.54 -2.72 19.44
CA THR B 54 -8.59 -3.21 20.32
C THR B 54 -8.64 -2.46 21.64
N ASP B 55 -7.60 -1.71 22.02
CA ASP B 55 -7.70 -0.87 23.20
C ASP B 55 -8.34 0.50 22.92
N ALA B 56 -8.75 0.77 21.68
CA ALA B 56 -9.47 2.01 21.39
C ALA B 56 -10.97 1.75 21.28
N PRO B 57 -11.82 2.73 21.62
CA PRO B 57 -13.27 2.52 21.45
C PRO B 57 -13.59 2.21 20.00
N ASP B 58 -14.63 1.41 19.78
CA ASP B 58 -15.05 1.06 18.43
C ASP B 58 -16.45 1.56 18.09
N ASP B 59 -16.99 2.51 18.86
CA ASP B 59 -18.26 3.11 18.47
C ASP B 59 -18.11 3.82 17.13
N PRO B 60 -19.15 3.83 16.30
CA PRO B 60 -18.98 4.28 14.90
C PRO B 60 -18.45 5.70 14.77
N LEU B 61 -18.89 6.60 15.65
CA LEU B 61 -18.45 7.99 15.59
C LEU B 61 -16.95 8.09 15.81
N THR B 62 -16.46 7.49 16.90
CA THR B 62 -15.03 7.53 17.19
C THR B 62 -14.23 6.87 16.08
N ARG B 63 -14.72 5.71 15.61
CA ARG B 63 -14.05 4.98 14.55
C ARG B 63 -13.97 5.83 13.27
N ALA B 64 -15.10 6.43 12.88
CA ALA B 64 -15.09 7.31 11.70
C ALA B 64 -14.14 8.48 11.90
N GLU B 65 -14.23 9.14 13.05
CA GLU B 65 -13.34 10.28 13.31
C GLU B 65 -11.88 9.86 13.28
N GLY B 66 -11.57 8.63 13.70
CA GLY B 66 -10.19 8.18 13.69
C GLY B 66 -9.59 8.15 12.29
N PHE B 67 -10.35 7.65 11.31
CA PHE B 67 -9.83 7.65 9.95
C PHE B 67 -9.74 9.06 9.36
N ARG B 68 -10.67 9.96 9.69
CA ARG B 68 -10.49 11.35 9.29
C ARG B 68 -9.25 11.95 9.94
N TYR B 69 -9.04 11.62 11.21
CA TYR B 69 -7.85 12.06 11.94
C TYR B 69 -6.57 11.65 11.21
N LEU B 70 -6.51 10.41 10.72
CA LEU B 70 -5.32 9.99 9.97
C LEU B 70 -5.10 10.89 8.77
N SER B 71 -6.16 11.17 8.01
CA SER B 71 -6.00 12.05 6.86
C SER B 71 -5.57 13.46 7.29
N ARG B 72 -6.04 13.91 8.45
CA ARG B 72 -5.61 15.21 8.96
C ARG B 72 -4.12 15.20 9.32
N LEU B 73 -3.66 14.12 9.91
CA LEU B 73 -2.23 14.00 10.23
C LEU B 73 -1.40 14.07 8.95
N ARG B 75 -2.01 15.72 6.17
CA ARG B 75 -1.94 17.08 5.66
C ARG B 75 -0.89 17.88 6.43
N ILE B 76 -0.91 17.76 7.76
CA ILE B 76 0.11 18.41 8.59
C ILE B 76 1.49 17.86 8.25
N ALA B 77 1.59 16.53 8.16
CA ALA B 77 2.89 15.89 7.93
C ALA B 77 3.51 16.37 6.63
N LEU B 78 2.69 16.58 5.59
CA LEU B 78 3.24 16.98 4.30
C LEU B 78 3.72 18.42 4.31
N GLU B 79 3.02 19.31 5.00
CA GLU B 79 3.52 20.68 5.14
C GLU B 79 4.79 20.67 5.97
N HIS B 81 7.06 18.16 6.43
CA HIS B 81 8.21 17.42 5.96
C HIS B 81 8.46 17.54 4.47
N VAL B 82 7.51 18.06 3.69
CA VAL B 82 7.68 18.21 2.25
C VAL B 82 7.63 19.68 1.83
N GLU B 83 6.59 20.41 2.23
CA GLU B 83 6.39 21.74 1.68
C GLU B 83 7.17 22.84 2.40
N PHE B 84 7.28 22.78 3.72
CA PHE B 84 7.95 23.82 4.50
C PHE B 84 9.14 23.27 5.27
N ALA B 85 9.94 22.40 4.64
CA ALA B 85 11.03 21.70 5.29
C ALA B 85 12.42 22.16 4.86
N ASP B 86 12.52 23.24 4.11
CA ASP B 86 13.81 23.75 3.64
C ASP B 86 14.37 24.74 4.66
N GLY B 87 15.40 24.32 5.40
CA GLY B 87 16.03 25.19 6.39
C GLY B 87 16.68 26.43 5.81
N ALA B 88 16.94 26.44 4.50
CA ALA B 88 17.40 27.67 3.87
C ALA B 88 16.26 28.63 3.56
N TRP B 89 15.02 28.15 3.54
CA TRP B 89 13.86 28.98 3.18
C TRP B 89 12.71 28.67 4.14
N PRO B 90 12.87 29.03 5.41
CA PRO B 90 11.83 28.70 6.38
C PRO B 90 10.56 29.50 6.11
N GLY B 91 9.44 28.92 6.54
CA GLY B 91 8.17 29.63 6.55
C GLY B 91 7.26 28.99 7.56
N PHE B 92 6.38 29.82 8.14
CA PHE B 92 5.41 29.32 9.11
C PHE B 92 4.25 28.60 8.42
N PHE B 93 3.76 27.54 9.06
CA PHE B 93 2.43 26.98 8.78
C PHE B 93 1.84 26.59 10.12
N SER B 94 0.57 26.19 10.12
CA SER B 94 -0.11 25.88 11.37
CA SER B 94 -0.11 25.88 11.37
C SER B 94 -0.14 24.37 11.58
N PRO B 95 0.53 23.84 12.61
CA PRO B 95 0.50 22.38 12.84
C PRO B 95 -0.73 21.89 13.57
N SER B 96 -1.65 22.78 13.94
CA SER B 96 -2.96 22.39 14.45
C SER B 96 -3.87 23.59 14.33
N HIS B 97 -5.08 23.36 13.83
CA HIS B 97 -6.04 24.42 13.59
C HIS B 97 -7.45 23.81 13.53
N GLU B 98 -8.37 24.51 12.89
CA GLU B 98 -9.77 24.10 12.94
CA GLU B 98 -9.78 24.12 12.90
C GLU B 98 -10.00 22.76 12.25
N THR B 99 -9.18 22.38 11.27
CA THR B 99 -9.46 21.13 10.55
C THR B 99 -8.29 20.14 10.54
N ALA B 100 -7.30 20.32 11.39
CA ALA B 100 -6.21 19.35 11.54
C ALA B 100 -5.65 19.51 12.95
N LYS B 101 -5.60 18.41 13.71
CA LYS B 101 -5.45 18.53 15.15
C LYS B 101 -4.57 17.43 15.73
N ILE B 102 -3.71 17.80 16.68
CA ILE B 102 -2.72 16.89 17.27
C ILE B 102 -2.63 17.13 18.78
N GLY B 103 -2.75 16.06 19.56
CA GLY B 103 -2.25 16.01 20.92
C GLY B 103 -2.90 16.94 21.91
N ALA B 104 -4.23 16.99 21.92
CA ALA B 104 -4.98 17.98 22.69
C ALA B 104 -4.59 19.39 22.25
N ASP B 105 -4.88 19.65 20.98
CA ASP B 105 -4.69 20.98 20.42
C ASP B 105 -5.49 22.00 21.24
N ASN B 106 -4.83 23.09 21.62
CA ASN B 106 -5.47 24.13 22.40
C ASN B 106 -6.35 24.99 21.49
N PRO B 107 -7.68 24.95 21.67
CA PRO B 107 -8.54 25.77 20.80
C PRO B 107 -8.29 27.26 20.95
N ASP B 108 -7.72 27.71 22.06
CA ASP B 108 -7.46 29.13 22.24
C ASP B 108 -6.15 29.57 21.65
N ASN B 109 -5.45 28.68 20.95
CA ASN B 109 -4.14 28.98 20.40
C ASN B 109 -4.21 29.19 18.88
N LEU B 110 -3.39 30.12 18.42
CA LEU B 110 -2.83 30.13 17.08
C LEU B 110 -1.45 29.47 17.18
N TYR B 111 -1.30 28.30 16.57
CA TYR B 111 -0.02 27.61 16.52
C TYR B 111 0.67 27.98 15.22
N GLN B 112 1.97 28.20 15.31
CA GLN B 112 2.78 28.40 14.12
C GLN B 112 4.07 27.62 14.27
N TYR B 113 4.48 26.96 13.18
CA TYR B 113 5.61 26.05 13.20
C TYR B 113 6.47 26.38 11.98
N ALA B 114 7.77 26.45 12.18
CA ALA B 114 8.70 26.52 11.07
C ALA B 114 9.80 25.50 11.27
N ARG B 115 10.16 24.83 10.19
CA ARG B 115 11.35 23.99 10.18
C ARG B 115 12.58 24.87 10.13
N VAL B 116 13.55 24.58 10.99
CA VAL B 116 14.80 25.31 10.98
C VAL B 116 15.93 24.28 11.02
N ASP B 117 17.14 24.77 10.76
CA ASP B 117 18.37 24.01 10.89
C ASP B 117 19.16 24.60 12.05
N GLY B 118 19.35 23.81 13.09
CA GLY B 118 20.04 24.29 14.28
C GLY B 118 21.48 24.74 14.04
N ARG B 119 22.05 24.44 12.89
CA ARG B 119 23.39 24.90 12.57
C ARG B 119 23.41 26.28 11.91
N CYS B 120 22.25 26.86 11.62
CA CYS B 120 22.13 28.16 10.96
C CYS B 120 21.54 29.16 11.94
N GLU B 121 21.35 30.40 11.48
CA GLU B 121 20.76 31.43 12.32
C GLU B 121 19.54 32.05 11.64
N TYR B 122 18.52 32.39 12.44
CA TYR B 122 17.24 32.85 11.93
C TYR B 122 16.81 34.11 12.66
N ARG B 123 16.12 34.97 11.93
CA ARG B 123 15.49 36.17 12.45
C ARG B 123 13.98 36.03 12.33
N VAL B 124 13.28 36.18 13.44
CA VAL B 124 11.81 36.26 13.47
C VAL B 124 11.45 37.71 13.72
N THR B 125 10.70 38.29 12.78
CA THR B 125 10.36 39.71 12.79
C THR B 125 8.86 39.88 12.63
N GLY B 126 8.39 41.10 12.87
CA GLY B 126 7.03 41.49 12.62
C GLY B 126 6.48 42.32 13.75
N ARG B 127 5.15 42.36 13.85
CA ARG B 127 4.44 43.17 14.82
C ARG B 127 4.01 42.32 16.01
N ARG B 128 4.20 42.88 17.22
CA ARG B 128 3.84 42.16 18.44
C ARG B 128 2.33 41.92 18.53
N GLY B 129 1.50 42.84 18.05
CA GLY B 129 0.07 42.64 18.22
C GLY B 129 -0.33 42.79 19.69
N THR B 130 -1.55 42.36 20.01
CA THR B 130 -2.10 42.51 21.35
C THR B 130 -2.41 41.20 22.05
N VAL B 131 -2.18 40.04 21.41
CA VAL B 131 -2.39 38.79 22.12
C VAL B 131 -1.48 38.78 23.34
N ALA B 132 -2.04 38.53 24.52
CA ALA B 132 -1.24 38.74 25.73
C ALA B 132 -0.22 37.64 25.91
N TYR B 133 -0.58 36.39 25.65
CA TYR B 133 0.36 35.29 25.79
C TYR B 133 0.94 34.89 24.43
N LEU B 134 2.27 34.88 24.35
CA LEU B 134 3.02 34.58 23.14
C LEU B 134 4.28 33.85 23.57
N SER B 135 4.48 32.62 23.09
CA SER B 135 5.71 31.91 23.46
C SER B 135 6.37 31.30 22.24
N PHE B 136 7.70 31.16 22.34
CA PHE B 136 8.55 30.63 21.28
C PHE B 136 9.35 29.46 21.84
N GLY B 137 9.14 28.28 21.29
CA GLY B 137 9.97 27.14 21.65
C GLY B 137 10.73 26.56 20.47
N THR B 138 12.01 26.26 20.64
CA THR B 138 12.73 25.50 19.63
C THR B 138 12.79 24.05 20.08
N GLN B 139 12.66 23.14 19.11
CA GLN B 139 12.49 21.72 19.38
C GLN B 139 13.42 20.93 18.48
N LYS B 140 13.67 19.67 18.85
CA LYS B 140 14.48 18.77 18.03
C LYS B 140 13.75 17.44 17.89
N GLY B 141 14.38 16.50 17.17
CA GLY B 141 13.78 15.20 16.95
C GLY B 141 12.47 15.34 16.17
N GLY B 142 11.46 14.63 16.61
CA GLY B 142 10.14 14.70 16.00
C GLY B 142 9.38 13.42 16.23
N TYR B 143 8.05 13.53 16.18
CA TYR B 143 7.23 12.33 16.40
C TYR B 143 7.62 11.22 15.44
N GLU B 144 7.93 11.57 14.19
CA GLU B 144 8.29 10.57 13.19
C GLU B 144 9.65 9.93 13.46
N THR B 145 10.51 10.57 14.26
CA THR B 145 11.87 10.07 14.48
C THR B 145 12.02 9.39 15.84
N ASP B 146 11.91 10.14 16.94
CA ASP B 146 12.05 9.57 18.29
C ASP B 146 10.73 9.55 19.06
N GLY B 147 9.60 9.84 18.41
CA GLY B 147 8.33 9.95 19.12
C GLY B 147 8.28 11.11 20.08
N LYS B 148 9.17 12.09 19.93
CA LYS B 148 9.32 13.16 20.88
C LYS B 148 9.44 14.48 20.14
N LEU B 150 11.54 17.09 21.91
CA LEU B 150 12.29 17.65 23.02
C LEU B 150 12.65 19.11 22.78
N GLN B 151 12.53 19.92 23.84
CA GLN B 151 12.76 21.36 23.71
C GLN B 151 14.23 21.70 23.87
N THR B 152 14.71 22.64 23.04
CA THR B 152 16.08 23.11 23.11
C THR B 152 16.21 24.58 23.52
N GLY B 153 15.15 25.37 23.46
CA GLY B 153 15.20 26.77 23.87
C GLY B 153 13.79 27.28 24.05
N PHE B 154 13.66 28.43 24.72
CA PHE B 154 12.34 28.93 25.07
C PHE B 154 12.40 30.43 25.34
N LEU B 155 11.39 31.15 24.88
CA LEU B 155 11.27 32.58 25.14
C LEU B 155 9.79 32.94 25.20
N ASP B 156 9.40 33.63 26.27
CA ASP B 156 8.04 34.15 26.44
C ASP B 156 8.14 35.62 26.86
N ALA B 157 7.03 36.18 27.37
CA ALA B 157 7.01 37.60 27.77
C ALA B 157 7.96 37.89 28.93
N LYS B 158 8.28 36.88 29.75
CA LYS B 158 9.13 37.12 30.91
C LYS B 158 10.49 37.70 30.50
N GLN B 159 11.02 37.25 29.37
CA GLN B 159 12.29 37.76 28.86
C GLN B 159 12.18 38.63 27.62
N LEU B 160 11.00 38.71 26.99
CA LEU B 160 10.93 39.40 25.70
C LEU B 160 11.11 40.89 25.87
N GLU B 161 11.85 41.49 24.95
CA GLU B 161 12.06 42.93 24.90
C GLU B 161 11.34 43.44 23.66
N ILE B 162 10.35 44.30 23.87
CA ILE B 162 9.60 44.87 22.75
C ILE B 162 10.24 46.20 22.42
N ALA B 163 10.52 46.42 21.14
CA ALA B 163 11.12 47.66 20.71
C ALA B 163 10.09 48.77 20.90
N PRO B 164 10.50 50.04 20.79
CA PRO B 164 9.50 51.12 20.98
C PRO B 164 8.40 51.11 19.93
N ASP B 165 8.73 50.86 18.66
CA ASP B 165 7.77 50.90 17.59
C ASP B 165 6.77 49.72 17.60
N GLY B 166 6.71 48.89 18.63
CA GLY B 166 5.78 47.78 18.65
C GLY B 166 6.20 46.61 17.79
N SER B 167 7.42 46.63 17.27
CA SER B 167 7.93 45.54 16.44
C SER B 167 8.59 44.46 17.28
N VAL B 168 8.85 43.34 16.63
CA VAL B 168 9.44 42.17 17.27
C VAL B 168 10.64 41.77 16.44
N GLU B 169 11.76 41.55 17.13
CA GLU B 169 13.00 41.08 16.53
C GLU B 169 13.52 39.96 17.41
N ILE B 170 13.55 38.75 16.89
CA ILE B 170 13.95 37.56 17.65
C ILE B 170 14.96 36.78 16.81
N VAL B 171 16.06 36.37 17.46
CA VAL B 171 17.13 35.67 16.77
C VAL B 171 17.22 34.25 17.32
N LEU B 172 17.16 33.29 16.42
CA LEU B 172 17.34 31.87 16.73
C LEU B 172 18.77 31.51 16.37
N SER B 173 19.52 30.98 17.33
CA SER B 173 20.91 30.65 17.05
C SER B 173 21.45 29.71 18.10
N ALA B 174 22.36 28.83 17.69
CA ALA B 174 23.12 28.08 18.68
C ALA B 174 24.18 28.96 19.34
N THR B 175 24.53 30.09 18.71
CA THR B 175 25.48 31.08 19.19
C THR B 175 24.74 32.17 19.97
N PRO B 176 25.18 32.49 21.19
CA PRO B 176 24.50 33.53 21.97
C PRO B 176 24.54 34.88 21.27
N ARG B 177 23.40 35.56 21.24
CA ARG B 177 23.24 36.88 20.66
C ARG B 177 22.62 37.80 21.72
N ALA B 178 22.85 39.09 21.57
CA ALA B 178 22.18 40.02 22.47
C ALA B 178 20.71 40.16 22.05
N GLY B 179 19.95 40.85 22.90
CA GLY B 179 18.55 41.07 22.60
C GLY B 179 17.74 39.80 22.84
N ASN B 180 16.72 39.61 22.01
CA ASN B 180 15.80 38.48 22.13
C ASN B 180 16.40 37.27 21.43
N TRP B 181 17.17 36.49 22.15
CA TRP B 181 17.83 35.30 21.62
C TRP B 181 17.11 34.06 22.11
N VAL B 182 16.76 33.17 21.18
CA VAL B 182 16.23 31.86 21.51
C VAL B 182 17.30 30.83 21.16
N ARG B 183 17.64 30.01 22.14
CA ARG B 183 18.71 29.03 21.99
C ARG B 183 18.30 27.93 21.02
N GLU B 185 20.21 24.09 19.47
CA GLU B 185 21.32 23.16 19.38
C GLU B 185 21.48 22.76 17.92
N PRO B 186 22.63 22.18 17.55
CA PRO B 186 22.77 21.68 16.16
C PRO B 186 21.61 20.81 15.70
N ASP B 187 21.07 19.99 16.59
CA ASP B 187 19.98 19.10 16.25
C ASP B 187 18.62 19.79 16.24
N THR B 188 18.53 21.05 16.67
CA THR B 188 17.26 21.74 16.62
C THR B 188 16.73 21.72 15.19
N ASN B 189 15.45 21.43 15.03
CA ASN B 189 14.85 21.40 13.70
C ASN B 189 13.49 22.08 13.59
N ALA B 190 12.96 22.64 14.67
CA ALA B 190 11.65 23.28 14.59
C ALA B 190 11.57 24.47 15.56
N LEU B 191 10.78 25.45 15.18
CA LEU B 191 10.33 26.51 16.04
C LEU B 191 8.82 26.41 16.17
N LEU B 192 8.34 26.32 17.41
CA LEU B 192 6.91 26.19 17.67
C LEU B 192 6.46 27.43 18.44
N VAL B 193 5.61 28.22 17.81
CA VAL B 193 5.10 29.47 18.37
C VAL B 193 3.69 29.20 18.88
N ARG B 194 3.41 29.65 20.10
CA ARG B 194 2.06 29.65 20.63
C ARG B 194 1.59 31.08 20.84
N GLN B 195 0.48 31.44 20.21
CA GLN B 195 -0.25 32.64 20.58
C GLN B 195 -1.55 32.20 21.25
N THR B 196 -1.70 32.52 22.53
CA THR B 196 -2.82 32.04 23.31
C THR B 196 -3.78 33.19 23.59
N PHE B 197 -5.02 33.04 23.12
CA PHE B 197 -6.00 34.12 23.17
C PHE B 197 -6.92 33.98 24.37
N LEU B 198 -7.04 35.04 25.16
CA LEU B 198 -8.17 35.10 26.07
C LEU B 198 -9.47 35.18 25.28
N ASP B 199 -9.45 35.95 24.18
CA ASP B 199 -10.65 36.23 23.39
C ASP B 199 -10.17 36.67 22.01
N ARG B 200 -10.35 35.81 21.00
CA ARG B 200 -9.84 36.10 19.66
C ARG B 200 -10.54 37.28 19.02
N ARG B 201 -11.77 37.59 19.45
CA ARG B 201 -12.52 38.66 18.79
C ARG B 201 -11.93 40.03 19.09
N THR B 202 -11.28 40.19 20.23
CA THR B 202 -10.78 41.49 20.66
C THR B 202 -9.26 41.55 20.75
N GLU B 203 -8.56 40.44 20.53
CA GLU B 203 -7.11 40.42 20.55
C GLU B 203 -6.58 40.28 19.13
N THR B 204 -5.49 40.93 18.87
CA THR B 204 -4.87 40.90 17.57
C THR B 204 -3.66 39.99 17.60
N PRO B 205 -3.52 39.07 16.65
CA PRO B 205 -2.35 38.18 16.66
C PRO B 205 -1.08 38.95 16.32
N ALA B 206 0.04 38.47 16.82
CA ALA B 206 1.31 38.95 16.31
C ALA B 206 1.45 38.46 14.86
N GLN B 207 2.04 39.30 14.01
CA GLN B 207 2.25 38.98 12.60
C GLN B 207 3.74 38.74 12.41
N LEU B 208 4.12 37.47 12.27
CA LEU B 208 5.52 37.08 12.31
C LEU B 208 5.96 36.49 11.00
N LYS B 209 7.19 36.80 10.62
CA LYS B 209 7.88 36.18 9.50
C LYS B 209 9.22 35.63 10.01
N ILE B 210 9.67 34.54 9.40
CA ILE B 210 10.95 33.94 9.74
C ILE B 210 11.81 33.91 8.48
N GLU B 211 13.07 34.30 8.61
CA GLU B 211 13.99 34.22 7.49
C GLU B 211 15.36 33.82 8.00
N ARG B 212 16.19 33.31 7.09
CA ARG B 212 17.59 33.06 7.39
C ARG B 212 18.33 34.39 7.53
N ILE B 213 19.28 34.44 8.46
CA ILE B 213 19.95 35.71 8.72
C ILE B 213 20.83 36.11 7.55
N ASP B 214 21.56 35.16 6.97
CA ASP B 214 22.41 35.45 5.83
C ASP B 214 21.56 35.31 4.58
N ALA B 215 21.46 36.39 3.80
CA ALA B 215 20.60 36.41 2.62
C ALA B 215 20.87 35.21 1.73
N GLN B 216 19.83 34.44 1.47
CA GLN B 216 19.96 33.20 0.72
C GLN B 216 19.77 33.45 -0.77
N ALA B 217 20.61 32.80 -1.58
CA ALA B 217 20.34 32.72 -3.00
C ALA B 217 19.07 31.89 -3.22
N ARG B 218 18.47 32.06 -4.41
CA ARG B 218 17.25 31.35 -4.79
C ARG B 218 17.33 29.85 -4.46
N PRO B 219 16.23 29.22 -4.10
CA PRO B 219 16.29 27.79 -3.78
C PRO B 219 16.74 26.96 -4.97
N ALA B 220 17.42 25.85 -4.65
CA ALA B 220 17.76 24.87 -5.65
C ALA B 220 16.50 24.13 -6.09
N PRO B 221 16.52 23.51 -7.27
CA PRO B 221 15.38 22.69 -7.68
C PRO B 221 15.16 21.52 -6.74
N LEU B 222 13.92 21.03 -6.73
CA LEU B 222 13.55 19.88 -5.90
C LEU B 222 14.52 18.72 -6.13
N ASP B 223 15.12 18.25 -5.09
CA ASP B 223 16.10 17.17 -5.14
C ASP B 223 15.43 15.84 -4.86
N PRO B 224 15.60 14.83 -5.71
CA PRO B 224 14.96 13.53 -5.43
C PRO B 224 15.29 12.96 -4.06
N LEU B 225 16.54 13.07 -3.60
CA LEU B 225 16.89 12.55 -2.29
C LEU B 225 16.13 13.27 -1.19
N ALA B 226 16.02 14.60 -1.28
CA ALA B 226 15.31 15.34 -0.24
C ALA B 226 13.83 14.95 -0.20
N LEU B 227 13.22 14.76 -1.37
CA LEU B 227 11.80 14.39 -1.40
C LEU B 227 11.59 12.98 -0.87
N GLN B 228 12.50 12.06 -1.21
CA GLN B 228 12.42 10.71 -0.66
C GLN B 228 12.38 10.76 0.86
N GLY B 229 13.28 11.55 1.45
CA GLY B 229 13.30 11.68 2.90
C GLY B 229 12.07 12.36 3.43
N GLY B 230 11.59 13.40 2.73
CA GLY B 230 10.41 14.11 3.19
C GLY B 230 9.15 13.26 3.16
N LEU B 231 8.98 12.48 2.08
CA LEU B 231 7.78 11.65 1.98
C LEU B 231 7.75 10.60 3.09
N ARG B 233 9.37 10.53 5.96
CA ARG B 233 9.15 11.17 7.26
C ARG B 233 7.69 11.58 7.44
N ALA B 234 7.06 12.11 6.38
CA ALA B 234 5.64 12.48 6.49
C ALA B 234 4.79 11.26 6.80
N ALA B 235 5.02 10.16 6.09
CA ALA B 235 4.23 8.95 6.34
C ALA B 235 4.47 8.42 7.74
N GLN B 236 5.73 8.41 8.19
CA GLN B 236 6.04 7.91 9.52
C GLN B 236 5.50 8.83 10.61
N PHE B 237 5.38 10.13 10.31
CA PHE B 237 4.72 11.04 11.23
C PHE B 237 3.27 10.63 11.49
N VAL B 238 2.53 10.26 10.45
CA VAL B 238 1.15 9.83 10.65
C VAL B 238 1.09 8.62 11.57
N GLU B 239 1.90 7.61 11.25
CA GLU B 239 1.87 6.37 12.03
C GLU B 239 2.31 6.62 13.46
N GLN B 240 3.42 7.34 13.65
CA GLN B 240 3.96 7.52 15.00
C GLN B 240 3.11 8.47 15.84
N THR B 241 2.58 9.53 15.25
CA THR B 241 1.79 10.48 16.03
C THR B 241 0.49 9.83 16.48
N SER B 242 -0.21 9.16 15.57
CA SER B 242 -1.44 8.50 15.97
C SER B 242 -1.16 7.43 17.01
N LYS B 243 -0.09 6.65 16.83
CA LYS B 243 0.28 5.65 17.83
C LYS B 243 0.60 6.29 19.17
N LEU B 244 1.37 7.40 19.16
CA LEU B 244 1.78 8.06 20.39
C LEU B 244 0.58 8.47 21.24
N PHE B 245 -0.35 9.22 20.66
CA PHE B 245 -1.45 9.73 21.46
C PHE B 245 -2.55 8.71 21.68
N ALA B 246 -2.60 7.66 20.87
CA ALA B 246 -3.46 6.52 21.19
C ALA B 246 -2.90 5.74 22.38
N ASP B 247 -1.57 5.64 22.49
CA ASP B 247 -0.98 5.08 23.71
C ASP B 247 -1.37 5.91 24.93
N TRP B 248 -1.31 7.24 24.81
CA TRP B 248 -1.72 8.10 25.93
C TRP B 248 -3.18 7.87 26.31
N ALA B 249 -4.08 7.92 25.33
CA ALA B 249 -5.51 7.84 25.64
C ALA B 249 -5.83 6.51 26.31
N ALA B 250 -5.27 5.42 25.81
CA ALA B 250 -5.53 4.12 26.45
C ALA B 250 -4.95 4.08 27.86
N SER B 251 -3.83 4.76 28.11
CA SER B 251 -3.29 4.74 29.47
C SER B 251 -4.18 5.46 30.48
N TYR B 252 -5.12 6.30 30.02
CA TYR B 252 -5.98 7.00 30.97
C TYR B 252 -7.14 6.15 31.48
N ARG B 253 -7.44 5.03 30.81
CA ARG B 253 -8.60 4.21 31.17
C ARG B 253 -8.70 3.91 32.66
N PRO B 254 -7.63 3.59 33.39
CA PRO B 254 -7.80 3.36 34.84
C PRO B 254 -8.35 4.57 35.60
N HIS B 255 -8.17 5.78 35.10
CA HIS B 255 -8.78 6.92 35.79
C HIS B 255 -9.78 7.66 34.89
N VAL B 256 -10.65 6.89 34.21
CA VAL B 256 -11.67 7.48 33.37
C VAL B 256 -12.60 8.37 34.20
N ASN B 257 -12.95 9.53 33.65
CA ASN B 257 -13.83 10.51 34.28
C ASN B 257 -13.23 11.17 35.53
N ALA B 258 -11.96 10.92 35.82
CA ALA B 258 -11.20 11.75 36.75
C ALA B 258 -10.26 12.61 35.92
N LEU B 259 -9.58 13.55 36.57
CA LEU B 259 -8.68 14.48 35.88
C LEU B 259 -7.41 14.67 36.69
N PRO B 260 -6.61 13.61 36.84
CA PRO B 260 -5.38 13.72 37.64
C PRO B 260 -4.34 14.55 36.93
N PRO B 261 -3.38 15.11 37.67
CA PRO B 261 -2.24 15.79 37.03
C PRO B 261 -1.49 14.83 36.13
N ALA B 262 -1.03 15.34 34.99
CA ALA B 262 -0.24 14.51 34.08
C ALA B 262 1.21 14.46 34.54
N ASP B 263 1.93 13.51 33.95
CA ASP B 263 3.40 13.47 34.02
C ASP B 263 3.91 14.69 33.27
N GLN B 264 4.33 15.73 34.01
CA GLN B 264 4.66 17.01 33.37
C GLN B 264 5.87 16.88 32.44
N ALA B 265 6.93 16.19 32.90
CA ALA B 265 8.11 15.99 32.07
C ALA B 265 7.76 15.28 30.77
N LEU B 266 6.83 14.34 30.83
CA LEU B 266 6.38 13.69 29.61
C LEU B 266 5.68 14.67 28.68
N CYS B 267 4.84 15.56 29.22
CA CYS B 267 4.19 16.56 28.37
C CYS B 267 5.20 17.47 27.70
N GLN B 268 6.24 17.88 28.44
CA GLN B 268 7.28 18.71 27.87
C GLN B 268 8.03 17.96 26.77
N SER B 269 8.31 16.66 26.99
CA SER B 269 9.10 15.90 26.02
C SER B 269 8.39 15.75 24.67
N VAL B 270 7.06 15.89 24.63
CA VAL B 270 6.34 15.80 23.35
C VAL B 270 5.98 17.18 22.82
N GLY B 271 6.63 18.23 23.31
CA GLY B 271 6.49 19.56 22.74
C GLY B 271 5.61 20.52 23.50
N GLY B 272 5.29 20.22 24.76
CA GLY B 272 4.53 21.13 25.58
C GLY B 272 5.29 22.42 25.81
N ASP B 273 4.58 23.35 26.38
CA ASP B 273 5.08 24.67 26.75
C ASP B 273 5.48 24.65 28.23
N PRO B 274 6.71 25.00 28.58
CA PRO B 274 7.17 24.85 29.98
C PRO B 274 6.49 25.77 30.98
N ASN B 275 5.69 26.75 30.53
CA ASN B 275 4.85 27.53 31.41
C ASN B 275 3.57 26.81 31.80
N ILE B 276 3.28 25.67 31.18
CA ILE B 276 1.95 25.07 31.30
C ILE B 276 2.03 23.84 32.18
N TYR B 277 1.08 23.73 33.09
CA TYR B 277 0.85 22.54 33.90
C TYR B 277 -0.38 21.83 33.34
N TYR B 278 -0.22 20.58 32.92
CA TYR B 278 -1.25 19.85 32.19
C TYR B 278 -1.96 18.82 33.06
N TYR B 279 -3.24 18.63 32.79
CA TYR B 279 -4.03 17.48 33.23
C TYR B 279 -4.64 16.85 31.99
N HIS B 280 -4.45 15.54 31.82
CA HIS B 280 -5.02 14.79 30.71
C HIS B 280 -5.79 13.61 31.28
N SER B 281 -6.96 13.32 30.70
CA SER B 281 -7.67 12.11 31.07
C SER B 281 -8.60 11.70 29.93
N CYS B 282 -9.27 10.58 30.12
CA CYS B 282 -10.36 10.18 29.24
C CYS B 282 -11.65 10.27 30.04
N TRP B 283 -12.77 10.37 29.32
CA TRP B 283 -14.08 10.50 29.92
C TRP B 283 -15.07 9.61 29.17
N SER B 284 -16.15 9.22 29.86
CA SER B 284 -17.15 8.34 29.28
C SER B 284 -18.50 8.64 29.92
N LEU B 285 -19.47 9.07 29.12
CA LEU B 285 -20.74 9.53 29.66
C LEU B 285 -21.90 9.02 28.81
N ALA B 286 -22.90 8.45 29.46
CA ALA B 286 -24.17 8.20 28.80
C ALA B 286 -24.89 9.54 28.55
N ALA B 287 -25.92 9.48 27.72
CA ALA B 287 -26.64 10.70 27.34
C ALA B 287 -27.25 11.40 28.56
N ASP B 288 -27.65 10.63 29.57
CA ASP B 288 -28.29 11.20 30.74
C ASP B 288 -27.30 11.56 31.85
N GLU B 289 -25.99 11.45 31.59
CA GLU B 289 -24.98 11.70 32.59
C GLU B 289 -24.19 12.98 32.31
N ALA B 290 -23.67 13.57 33.37
CA ALA B 290 -22.80 14.74 33.27
C ALA B 290 -21.60 14.53 34.17
N LEU B 291 -20.46 15.09 33.75
CA LEU B 291 -19.25 15.10 34.56
C LEU B 291 -19.10 16.48 35.18
N VAL B 292 -19.10 16.53 36.51
CA VAL B 292 -18.98 17.78 37.24
C VAL B 292 -17.53 17.93 37.68
N ILE B 293 -16.87 18.96 37.17
CA ILE B 293 -15.47 19.26 37.46
C ILE B 293 -15.45 20.50 38.35
N ASP B 294 -14.66 20.46 39.42
CA ASP B 294 -14.59 21.54 40.40
C ASP B 294 -13.16 21.83 40.76
N VAL B 295 -12.84 23.12 40.86
CA VAL B 295 -11.64 23.58 41.54
C VAL B 295 -12.09 24.53 42.65
N ASP B 296 -11.59 24.29 43.88
CA ASP B 296 -12.09 25.06 45.01
C ASP B 296 -11.60 26.51 44.97
N THR B 297 -10.41 26.73 44.44
CA THR B 297 -9.86 28.07 44.23
C THR B 297 -9.28 28.13 42.82
N VAL B 298 -9.07 29.33 42.33
CA VAL B 298 -8.38 29.55 41.06
C VAL B 298 -7.03 30.19 41.38
N PRO B 299 -5.92 29.56 41.04
CA PRO B 299 -4.61 30.13 41.35
C PRO B 299 -4.33 31.36 40.49
N ASP B 300 -3.46 32.22 41.00
CA ASP B 300 -2.92 33.31 40.19
CA ASP B 300 -2.92 33.31 40.19
C ASP B 300 -2.21 32.73 38.98
N CYS B 301 -2.59 33.18 37.80
CA CYS B 301 -1.99 32.63 36.59
C CYS B 301 -2.26 33.57 35.43
N ASP B 302 -1.52 33.35 34.34
CA ASP B 302 -1.69 34.16 33.16
C ASP B 302 -2.84 33.67 32.29
N PHE B 303 -3.15 32.38 32.36
CA PHE B 303 -4.18 31.79 31.53
C PHE B 303 -4.49 30.41 32.07
N TRP B 304 -5.72 29.97 31.87
CA TRP B 304 -6.07 28.58 32.14
C TRP B 304 -7.24 28.22 31.25
N ASN B 305 -7.36 26.93 30.93
CA ASN B 305 -8.54 26.50 30.21
C ASN B 305 -8.73 25.00 30.43
N VAL B 306 -9.86 24.51 29.90
CA VAL B 306 -10.18 23.10 29.89
C VAL B 306 -10.90 22.83 28.58
N GLN B 307 -10.57 21.72 27.92
CA GLN B 307 -11.12 21.44 26.61
C GLN B 307 -11.60 20.00 26.55
N LEU B 308 -12.61 19.77 25.72
CA LEU B 308 -13.16 18.44 25.51
C LEU B 308 -12.67 17.92 24.16
N ASN B 309 -12.20 16.67 24.13
CA ASN B 309 -11.62 16.04 22.94
C ASN B 309 -12.32 14.74 22.62
N ASN B 310 -12.10 14.26 21.39
CA ASN B 310 -12.47 12.88 21.09
C ASN B 310 -11.35 11.94 21.57
N TYR B 311 -11.51 10.64 21.31
CA TYR B 311 -10.53 9.67 21.79
C TYR B 311 -9.17 9.89 21.16
N TRP B 312 -9.13 10.39 19.92
CA TRP B 312 -7.88 10.65 19.22
C TRP B 312 -7.17 11.92 19.70
N GLU B 314 -8.04 14.89 19.46
CA GLU B 314 -8.43 16.10 18.74
C GLU B 314 -9.46 16.83 19.57
N SER B 315 -9.30 18.14 19.73
CA SER B 315 -10.39 18.91 20.29
C SER B 315 -11.65 18.68 19.47
N LEU B 316 -12.80 18.71 20.13
CA LEU B 316 -14.07 18.69 19.40
C LEU B 316 -14.18 19.98 18.57
N ASP B 317 -15.23 20.08 17.77
CA ASP B 317 -15.24 21.12 16.73
C ASP B 317 -15.72 22.43 17.34
N TYR B 318 -14.78 23.23 17.85
CA TYR B 318 -15.14 24.49 18.49
C TYR B 318 -15.65 25.56 17.53
N ARG B 319 -15.64 25.31 16.22
CA ARG B 319 -16.32 26.24 15.32
C ARG B 319 -17.82 26.19 15.55
N HIS B 320 -18.34 25.06 16.01
CA HIS B 320 -19.77 24.84 16.10
C HIS B 320 -20.26 24.36 17.44
N PHE B 321 -19.36 23.95 18.34
CA PHE B 321 -19.77 23.44 19.64
C PHE B 321 -18.94 24.14 20.71
N ASP B 322 -19.55 24.34 21.88
CA ASP B 322 -18.87 24.94 23.03
C ASP B 322 -18.12 23.84 23.77
N ILE B 323 -16.84 23.67 23.42
CA ILE B 323 -16.10 22.52 23.93
C ILE B 323 -14.82 22.96 24.63
N CYS B 324 -14.71 24.26 24.87
CA CYS B 324 -13.57 24.83 25.58
C CYS B 324 -14.05 26.01 26.42
N VAL B 325 -13.60 26.06 27.67
CA VAL B 325 -13.89 27.13 28.62
C VAL B 325 -12.57 27.60 29.19
N ASN B 326 -12.38 28.93 29.30
CA ASN B 326 -11.08 29.45 29.75
C ASN B 326 -11.26 30.57 30.77
N LYS B 327 -10.13 31.17 31.15
CA LYS B 327 -10.11 32.22 32.17
C LYS B 327 -11.02 33.39 31.80
N HIS B 328 -11.17 33.67 30.50
CA HIS B 328 -12.02 34.76 30.01
C HIS B 328 -13.49 34.40 30.03
N SER B 329 -13.85 33.14 29.80
CA SER B 329 -15.23 32.73 29.66
C SER B 329 -15.80 31.97 30.85
N ALA B 330 -14.98 31.39 31.73
CA ALA B 330 -15.51 30.66 32.88
C ALA B 330 -15.95 31.62 33.96
N ARG B 331 -17.23 31.59 34.31
CA ARG B 331 -17.74 32.37 35.44
C ARG B 331 -17.46 31.65 36.74
N PRO B 332 -16.84 32.29 37.73
CA PRO B 332 -16.59 31.60 39.00
C PRO B 332 -17.87 31.51 39.82
N ASN B 333 -17.85 30.57 40.77
CA ASN B 333 -18.88 30.51 41.79
C ASN B 333 -18.68 31.63 42.82
N ALA B 334 -19.67 31.80 43.70
CA ALA B 334 -19.63 32.89 44.68
C ALA B 334 -18.42 32.79 45.60
N ASP B 335 -18.08 31.58 46.05
CA ASP B 335 -16.95 31.39 46.94
C ASP B 335 -15.58 31.46 46.24
N GLY B 336 -15.53 31.88 44.98
CA GLY B 336 -14.27 31.96 44.25
C GLY B 336 -13.86 30.71 43.50
N GLY B 337 -14.50 29.56 43.75
CA GLY B 337 -14.21 28.37 42.98
C GLY B 337 -14.78 28.46 41.57
N VAL B 338 -14.49 27.43 40.79
CA VAL B 338 -15.01 27.32 39.43
C VAL B 338 -15.54 25.91 39.22
N THR B 339 -16.72 25.82 38.61
CA THR B 339 -17.34 24.58 38.21
C THR B 339 -17.48 24.56 36.69
N VAL B 340 -17.18 23.41 36.09
CA VAL B 340 -17.35 23.17 34.66
C VAL B 340 -18.08 21.85 34.48
N ILE B 341 -19.13 21.84 33.65
CA ILE B 341 -19.99 20.68 33.47
C ILE B 341 -19.84 20.16 32.05
N VAL B 342 -19.49 18.87 31.93
CA VAL B 342 -19.45 18.15 30.66
C VAL B 342 -20.78 17.43 30.50
N ALA B 343 -21.54 17.74 29.44
CA ALA B 343 -22.87 17.16 29.27
C ALA B 343 -23.37 17.40 27.85
N ALA B 344 -24.49 16.74 27.52
CA ALA B 344 -25.07 16.89 26.19
C ALA B 344 -25.80 18.22 26.04
N THR B 345 -26.38 18.75 27.11
CA THR B 345 -27.01 20.06 27.09
C THR B 345 -26.60 20.84 28.33
N ARG B 346 -26.64 22.16 28.24
CA ARG B 346 -26.23 23.03 29.35
C ARG B 346 -27.20 22.95 30.51
N PRO B 347 -26.73 22.71 31.73
CA PRO B 347 -27.63 22.79 32.89
C PRO B 347 -27.69 24.20 33.46
N GLY B 348 -28.79 24.91 33.23
CA GLY B 348 -28.89 26.28 33.72
C GLY B 348 -27.86 27.16 33.03
N SER B 349 -27.14 27.97 33.82
CA SER B 349 -26.09 28.82 33.28
C SER B 349 -24.69 28.37 33.71
N ALA B 350 -24.51 27.10 34.04
CA ALA B 350 -23.18 26.64 34.43
C ALA B 350 -22.22 26.68 33.25
N ASN B 351 -20.94 26.80 33.56
CA ASN B 351 -19.90 26.64 32.54
C ASN B 351 -20.00 25.22 31.97
N TRP B 352 -19.94 25.12 30.65
CA TRP B 352 -20.40 23.92 29.96
C TRP B 352 -19.41 23.49 28.88
N LEU B 353 -19.14 22.18 28.82
CA LEU B 353 -18.46 21.53 27.71
C LEU B 353 -19.45 20.58 27.04
N ASP B 354 -19.70 20.80 25.74
CA ASP B 354 -20.69 20.04 24.98
C ASP B 354 -20.08 18.71 24.51
N THR B 355 -20.73 17.59 24.86
CA THR B 355 -20.21 16.30 24.44
C THR B 355 -20.39 16.06 22.95
N ALA B 356 -21.26 16.83 22.29
CA ALA B 356 -21.29 16.93 20.83
C ALA B 356 -21.40 15.55 20.18
N GLY B 357 -22.29 14.72 20.72
CA GLY B 357 -22.58 13.42 20.14
C GLY B 357 -21.64 12.30 20.53
N HIS B 358 -20.60 12.57 21.31
CA HIS B 358 -19.60 11.56 21.66
C HIS B 358 -19.97 10.88 22.97
N ARG B 359 -19.89 9.55 22.99
CA ARG B 359 -20.09 8.83 24.25
C ARG B 359 -18.82 8.80 25.07
N THR B 360 -17.65 8.99 24.44
CA THR B 360 -16.38 8.90 25.15
C THR B 360 -15.38 9.82 24.46
N GLY B 361 -14.35 10.21 25.19
CA GLY B 361 -13.32 11.03 24.62
C GLY B 361 -12.21 11.29 25.62
N THR B 362 -11.40 12.30 25.35
CA THR B 362 -10.38 12.75 26.28
C THR B 362 -10.63 14.21 26.64
N ILE B 363 -9.91 14.66 27.66
CA ILE B 363 -10.12 15.98 28.25
C ILE B 363 -8.78 16.48 28.76
N CYS B 364 -8.54 17.78 28.60
CA CYS B 364 -7.29 18.42 29.01
C CYS B 364 -7.58 19.72 29.74
N TRP B 365 -6.94 19.89 30.90
CA TRP B 365 -6.98 21.12 31.67
C TRP B 365 -5.57 21.70 31.74
N ARG B 366 -5.46 23.02 31.61
CA ARG B 366 -4.18 23.72 31.64
C ARG B 366 -4.21 24.82 32.68
N TRP B 367 -3.19 24.87 33.54
CA TRP B 367 -2.78 26.10 34.21
C TRP B 367 -1.54 26.64 33.49
N VAL B 368 -1.56 27.92 33.15
CA VAL B 368 -0.42 28.59 32.51
C VAL B 368 0.14 29.63 33.46
N GLY B 369 1.39 29.42 33.90
CA GLY B 369 2.04 30.38 34.78
C GLY B 369 1.51 30.40 36.21
N ALA B 370 1.07 29.26 36.72
CA ALA B 370 0.59 29.14 38.09
C ALA B 370 1.72 28.64 38.97
N ALA B 371 2.05 29.41 40.03
CA ALA B 371 3.07 28.95 40.95
C ALA B 371 2.62 27.69 41.69
N GLN B 372 1.36 27.65 42.09
CA GLN B 372 0.81 26.47 42.77
C GLN B 372 -0.43 26.02 42.02
N PRO B 373 -0.36 24.94 41.25
CA PRO B 373 -1.57 24.44 40.58
C PRO B 373 -2.61 23.96 41.59
N VAL B 374 -3.86 24.02 41.17
CA VAL B 374 -5.00 23.53 41.93
C VAL B 374 -5.60 22.37 41.15
N HIS B 375 -5.75 21.22 41.81
CA HIS B 375 -6.08 19.98 41.11
C HIS B 375 -7.58 19.79 41.05
N PRO B 376 -8.19 19.72 39.86
CA PRO B 376 -9.65 19.55 39.79
C PRO B 376 -10.10 18.22 40.38
N ARG B 377 -11.25 18.25 41.04
CA ARG B 377 -11.95 17.04 41.40
C ARG B 377 -13.15 16.89 40.46
N THR B 378 -13.61 15.64 40.31
CA THR B 378 -14.69 15.31 39.40
C THR B 378 -15.66 14.37 40.07
N ARG B 379 -16.90 14.36 39.55
CA ARG B 379 -17.88 13.33 39.89
C ARG B 379 -18.91 13.26 38.77
N VAL B 380 -19.46 12.06 38.57
CA VAL B 380 -20.48 11.81 37.57
C VAL B 380 -21.87 11.84 38.22
N VAL B 381 -22.78 12.59 37.63
CA VAL B 381 -24.15 12.69 38.11
C VAL B 381 -25.10 12.53 36.94
N LYS B 382 -26.39 12.43 37.25
CA LYS B 382 -27.42 12.45 36.23
C LYS B 382 -27.63 13.91 35.78
N LEU B 383 -27.66 14.13 34.47
CA LEU B 383 -27.87 15.48 33.96
C LEU B 383 -29.18 16.06 34.45
N ALA B 384 -30.18 15.21 34.69
CA ALA B 384 -31.47 15.69 35.18
C ALA B 384 -31.35 16.29 36.58
N ALA B 385 -30.46 15.75 37.41
CA ALA B 385 -30.30 16.27 38.76
C ALA B 385 -29.76 17.70 38.76
N LEU B 386 -28.92 18.03 37.78
CA LEU B 386 -28.41 19.39 37.69
C LEU B 386 -29.46 20.35 37.12
N LYS B 387 -30.27 19.88 36.18
CA LYS B 387 -31.30 20.73 35.59
C LYS B 387 -32.37 21.08 36.61
N GLU B 388 -32.82 20.10 37.40
CA GLU B 388 -33.80 20.38 38.45
C GLU B 388 -33.24 21.34 39.49
N ALA B 389 -31.95 21.17 39.85
CA ALA B 389 -31.36 21.96 40.91
C ALA B 389 -31.12 23.41 40.47
N ALA B 390 -30.76 23.62 39.21
CA ALA B 390 -30.43 24.96 38.72
C ALA B 390 -31.69 25.81 38.50
N ARG C 27 32.04 -31.29 -16.42
CA ARG C 27 30.80 -31.29 -17.19
C ARG C 27 29.76 -32.26 -16.61
N ALA C 28 28.51 -31.80 -16.54
CA ALA C 28 27.38 -32.58 -16.01
C ALA C 28 26.90 -33.58 -17.06
N THR C 29 27.72 -34.60 -17.30
CA THR C 29 27.44 -35.60 -18.32
C THR C 29 26.10 -36.31 -18.07
N GLN C 30 25.85 -36.76 -16.84
CA GLN C 30 24.63 -37.48 -16.54
C GLN C 30 23.39 -36.63 -16.79
N LEU C 31 23.46 -35.34 -16.43
CA LEU C 31 22.29 -34.48 -16.61
C LEU C 31 22.00 -34.24 -18.08
N LEU C 32 23.03 -33.86 -18.84
CA LEU C 32 22.82 -33.44 -20.22
C LEU C 32 22.32 -34.59 -21.08
N SER C 33 22.64 -35.83 -20.71
CA SER C 33 22.24 -36.99 -21.48
C SER C 33 20.81 -37.47 -21.14
N GLY C 34 20.20 -36.99 -20.05
CA GLY C 34 18.92 -37.51 -19.61
C GLY C 34 19.01 -38.58 -18.54
N GLN C 35 20.22 -39.04 -18.26
CA GLN C 35 20.40 -40.07 -17.25
C GLN C 35 19.95 -39.60 -15.87
N THR C 36 20.29 -38.35 -15.50
CA THR C 36 19.87 -37.85 -14.18
C THR C 36 18.35 -37.85 -14.06
N TRP C 37 17.65 -37.42 -15.11
CA TRP C 37 16.19 -37.39 -15.08
C TRP C 37 15.62 -38.79 -14.90
N ALA C 38 16.19 -39.77 -15.61
CA ALA C 38 15.77 -41.16 -15.41
C ALA C 38 16.02 -41.64 -13.98
N ASP C 39 17.21 -41.37 -13.44
CA ASP C 39 17.53 -41.79 -12.08
C ASP C 39 16.65 -41.09 -11.04
N PHE C 40 16.41 -39.78 -11.24
CA PHE C 40 15.47 -39.03 -10.42
C PHE C 40 14.09 -39.70 -10.37
N CYS C 41 13.53 -40.00 -11.53
CA CYS C 41 12.22 -40.66 -11.59
C CYS C 41 12.26 -42.06 -10.99
N ASP C 42 13.34 -42.81 -11.25
CA ASP C 42 13.45 -44.16 -10.67
C ASP C 42 13.63 -44.12 -9.15
N THR C 43 14.33 -43.11 -8.62
CA THR C 43 14.38 -42.99 -7.16
C THR C 43 13.01 -42.65 -6.60
N LEU C 44 12.30 -41.73 -7.25
CA LEU C 44 10.90 -41.46 -6.87
C LEU C 44 10.07 -42.73 -6.86
N LYS C 45 10.19 -43.53 -7.91
CA LYS C 45 9.42 -44.77 -8.02
C LYS C 45 9.71 -45.69 -6.83
N ARG C 46 10.99 -45.91 -6.51
CA ARG C 46 11.35 -46.79 -5.40
C ARG C 46 10.82 -46.27 -4.05
N SER C 47 10.60 -44.96 -3.92
CA SER C 47 10.01 -44.43 -2.69
C SER C 47 8.64 -45.03 -2.41
N GLY C 48 7.93 -45.51 -3.42
CA GLY C 48 6.67 -46.19 -3.15
C GLY C 48 6.79 -47.34 -2.18
N GLU C 49 7.98 -47.94 -2.08
CA GLU C 49 8.20 -49.00 -1.10
C GLU C 49 8.04 -48.52 0.34
N GLN C 50 8.31 -47.24 0.61
CA GLN C 50 8.06 -46.72 1.95
C GLN C 50 6.56 -46.66 2.28
N ILE C 51 5.70 -46.60 1.27
CA ILE C 51 4.27 -46.66 1.53
C ILE C 51 3.80 -48.11 1.69
N LEU C 52 4.41 -49.02 0.93
CA LEU C 52 3.98 -50.42 0.89
C LEU C 52 4.55 -51.27 2.02
N ARG C 53 5.54 -50.76 2.75
CA ARG C 53 6.13 -51.43 3.93
C ARG C 53 5.08 -52.18 4.73
N THR C 54 5.40 -53.42 5.10
CA THR C 54 4.40 -54.23 5.81
C THR C 54 4.24 -53.79 7.27
N ASP C 55 5.16 -53.00 7.81
CA ASP C 55 4.95 -52.43 9.14
C ASP C 55 4.08 -51.17 9.13
N ALA C 56 3.59 -50.73 7.92
CA ALA C 56 2.64 -49.65 7.77
C ALA C 56 1.23 -50.21 7.57
N PRO C 57 0.19 -49.50 8.00
CA PRO C 57 -1.18 -50.00 7.79
C PRO C 57 -1.46 -50.16 6.31
N ASP C 58 -2.37 -51.08 5.99
CA ASP C 58 -2.77 -51.24 4.59
C ASP C 58 -4.23 -50.88 4.33
N ASP C 59 -4.90 -50.18 5.26
CA ASP C 59 -6.25 -49.74 4.93
C ASP C 59 -6.20 -48.78 3.74
N PRO C 60 -7.21 -48.80 2.87
CA PRO C 60 -7.12 -48.04 1.61
C PRO C 60 -6.88 -46.55 1.80
N LEU C 61 -7.49 -45.94 2.81
CA LEU C 61 -7.28 -44.52 3.04
C LEU C 61 -5.82 -44.23 3.36
N THR C 62 -5.25 -44.94 4.34
CA THR C 62 -3.84 -44.73 4.67
C THR C 62 -2.95 -44.98 3.44
N ARG C 63 -3.26 -46.05 2.71
CA ARG C 63 -2.46 -46.41 1.53
C ARG C 63 -2.52 -45.30 0.49
N ALA C 64 -3.74 -44.86 0.12
CA ALA C 64 -3.89 -43.80 -0.88
C ALA C 64 -3.24 -42.51 -0.42
N GLU C 65 -3.45 -42.12 0.85
CA GLU C 65 -2.79 -40.91 1.35
C GLU C 65 -1.27 -41.04 1.29
N GLY C 66 -0.75 -42.27 1.44
CA GLY C 66 0.69 -42.45 1.36
C GLY C 66 1.26 -42.06 0.03
N PHE C 67 0.59 -42.44 -1.07
CA PHE C 67 1.11 -42.05 -2.40
C PHE C 67 0.94 -40.55 -2.66
N ARG C 68 -0.16 -39.95 -2.19
CA ARG C 68 -0.26 -38.50 -2.30
C ARG C 68 0.85 -37.81 -1.51
N TYR C 69 1.12 -38.33 -0.32
CA TYR C 69 2.21 -37.84 0.54
C TYR C 69 3.55 -37.83 -0.20
N LEU C 70 3.87 -38.90 -0.92
CA LEU C 70 5.11 -38.92 -1.70
C LEU C 70 5.14 -37.79 -2.72
N SER C 71 4.01 -37.57 -3.43
CA SER C 71 3.95 -36.48 -4.40
C SER C 71 4.10 -35.12 -3.71
N ARG C 72 3.56 -34.98 -2.50
CA ARG C 72 3.72 -33.74 -1.75
C ARG C 72 5.17 -33.54 -1.33
N LEU C 73 5.83 -34.63 -0.92
CA LEU C 73 7.23 -34.54 -0.56
C LEU C 73 8.08 -34.07 -1.73
N ARG C 75 7.13 -32.11 -4.21
CA ARG C 75 6.92 -30.67 -4.36
C ARG C 75 7.79 -29.86 -3.39
N ILE C 76 7.83 -30.27 -2.12
CA ILE C 76 8.71 -29.60 -1.15
C ILE C 76 10.17 -29.77 -1.56
N ALA C 77 10.55 -30.99 -1.93
CA ALA C 77 11.94 -31.31 -2.26
C ALA C 77 12.45 -30.46 -3.40
N LEU C 78 11.61 -30.21 -4.41
CA LEU C 78 12.06 -29.44 -5.57
C LEU C 78 12.24 -27.97 -5.23
N GLU C 79 11.39 -27.43 -4.35
CA GLU C 79 11.62 -26.06 -3.93
C GLU C 79 12.90 -25.96 -3.10
N HIS C 81 15.62 -28.04 -3.12
CA HIS C 81 16.90 -28.44 -3.69
C HIS C 81 17.09 -28.01 -5.13
N VAL C 82 16.06 -27.49 -5.80
CA VAL C 82 16.15 -27.04 -7.18
C VAL C 82 15.85 -25.55 -7.33
N GLU C 83 14.73 -25.10 -6.80
CA GLU C 83 14.29 -23.74 -7.07
C GLU C 83 14.86 -22.70 -6.12
N PHE C 84 15.00 -23.03 -4.84
CA PHE C 84 15.47 -22.09 -3.84
C PHE C 84 16.73 -22.57 -3.16
N ALA C 85 17.64 -23.20 -3.92
CA ALA C 85 18.80 -23.86 -3.34
C ALA C 85 20.09 -23.08 -3.54
N ASP C 86 20.00 -21.86 -4.04
CA ASP C 86 21.18 -21.05 -4.30
C ASP C 86 21.42 -20.17 -3.07
N GLY C 87 22.44 -20.53 -2.28
CA GLY C 87 22.78 -19.75 -1.09
C GLY C 87 23.22 -18.33 -1.39
N ALA C 88 23.60 -18.05 -2.64
CA ALA C 88 23.90 -16.68 -3.04
C ALA C 88 22.64 -15.86 -3.34
N TRP C 89 21.51 -16.51 -3.54
CA TRP C 89 20.26 -15.81 -3.89
C TRP C 89 19.14 -16.42 -3.08
N PRO C 90 19.18 -16.26 -1.75
CA PRO C 90 18.22 -16.97 -0.91
C PRO C 90 16.82 -16.41 -1.06
N GLY C 91 15.85 -17.26 -0.77
CA GLY C 91 14.48 -16.82 -0.66
C GLY C 91 13.69 -17.80 0.18
N PHE C 92 12.70 -17.29 0.90
CA PHE C 92 11.84 -18.15 1.68
C PHE C 92 10.84 -18.90 0.82
N PHE C 93 10.58 -20.15 1.20
CA PHE C 93 9.39 -20.88 0.76
C PHE C 93 8.87 -21.64 1.97
N SER C 94 7.67 -22.21 1.85
CA SER C 94 7.04 -22.89 2.96
C SER C 94 7.33 -24.37 2.90
N PRO C 95 7.95 -24.96 3.93
CA PRO C 95 8.25 -26.40 3.89
C PRO C 95 7.14 -27.27 4.47
N SER C 96 6.06 -26.67 4.96
CA SER C 96 4.86 -27.40 5.31
C SER C 96 3.73 -26.38 5.36
N HIS C 97 2.62 -26.72 4.72
CA HIS C 97 1.49 -25.84 4.58
C HIS C 97 0.26 -26.73 4.37
N GLU C 98 -0.82 -26.15 3.84
CA GLU C 98 -2.10 -26.86 3.80
C GLU C 98 -2.07 -28.07 2.87
N THR C 99 -1.20 -28.10 1.86
CA THR C 99 -1.22 -29.21 0.91
C THR C 99 0.14 -29.93 0.77
N ALA C 100 1.09 -29.69 1.66
CA ALA C 100 2.32 -30.49 1.67
C ALA C 100 2.86 -30.42 3.08
N LYS C 101 3.13 -31.59 3.66
CA LYS C 101 3.29 -31.67 5.10
C LYS C 101 4.38 -32.67 5.46
N ILE C 102 5.19 -32.35 6.47
CA ILE C 102 6.31 -33.20 6.86
C ILE C 102 6.38 -33.29 8.38
N GLY C 103 6.43 -34.52 8.88
CA GLY C 103 6.94 -34.78 10.22
C GLY C 103 6.11 -34.20 11.35
N ALA C 104 4.81 -34.39 11.29
CA ALA C 104 3.87 -33.79 12.23
C ALA C 104 3.97 -32.26 12.17
N ASP C 105 3.65 -31.74 10.99
CA ASP C 105 3.55 -30.30 10.77
C ASP C 105 2.56 -29.66 11.73
N ASN C 106 2.98 -28.57 12.38
CA ASN C 106 2.15 -27.86 13.34
C ASN C 106 1.14 -27.00 12.59
N PRO C 107 -0.18 -27.30 12.67
CA PRO C 107 -1.17 -26.48 11.93
C PRO C 107 -1.21 -25.04 12.38
N ASP C 108 -0.78 -24.75 13.62
CA ASP C 108 -0.76 -23.39 14.13
C ASP C 108 0.51 -22.65 13.76
N ASN C 109 1.36 -23.23 12.93
CA ASN C 109 2.61 -22.59 12.53
C ASN C 109 2.45 -22.00 11.14
N LEU C 110 3.08 -20.86 10.92
CA LEU C 110 3.51 -20.44 9.59
C LEU C 110 5.01 -20.76 9.53
N TYR C 111 5.37 -21.75 8.70
CA TYR C 111 6.76 -22.16 8.52
C TYR C 111 7.37 -21.44 7.31
N GLN C 112 8.64 -21.06 7.44
CA GLN C 112 9.40 -20.53 6.33
C GLN C 112 10.79 -21.13 6.35
N TYR C 113 11.31 -21.47 5.17
CA TYR C 113 12.60 -22.13 5.03
C TYR C 113 13.38 -21.42 3.92
N ALA C 114 14.67 -21.16 4.17
CA ALA C 114 15.57 -20.68 3.13
C ALA C 114 16.89 -21.43 3.16
N ARG C 115 17.39 -21.79 1.97
CA ARG C 115 18.75 -22.32 1.87
C ARG C 115 19.74 -21.18 2.02
N VAL C 116 20.76 -21.40 2.86
CA VAL C 116 21.80 -20.42 3.05
C VAL C 116 23.14 -21.14 2.96
N ASP C 117 24.20 -20.35 2.89
CA ASP C 117 25.57 -20.86 2.93
C ASP C 117 26.24 -20.32 4.18
N GLY C 118 26.68 -21.23 5.07
CA GLY C 118 27.29 -20.82 6.33
C GLY C 118 28.57 -20.03 6.20
N ARG C 119 29.19 -19.98 5.02
CA ARG C 119 30.39 -19.17 4.82
C ARG C 119 30.06 -17.73 4.45
N CYS C 120 28.79 -17.41 4.25
CA CYS C 120 28.34 -16.09 3.87
C CYS C 120 27.53 -15.48 5.02
N GLU C 121 27.03 -14.26 4.81
CA GLU C 121 26.23 -13.55 5.81
C GLU C 121 24.89 -13.13 5.22
N TYR C 122 23.85 -13.16 6.05
CA TYR C 122 22.50 -12.88 5.59
C TYR C 122 21.79 -11.91 6.52
N ARG C 123 20.94 -11.08 5.94
CA ARG C 123 20.07 -10.18 6.69
C ARG C 123 18.63 -10.62 6.47
N VAL C 124 17.90 -10.82 7.57
CA VAL C 124 16.48 -11.10 7.54
C VAL C 124 15.76 -9.84 8.03
N THR C 125 14.92 -9.25 7.17
CA THR C 125 14.28 -7.97 7.46
C THR C 125 12.78 -8.08 7.25
N GLY C 126 12.06 -7.06 7.72
CA GLY C 126 10.65 -6.96 7.50
C GLY C 126 9.92 -6.53 8.75
N ARG C 127 8.64 -6.86 8.83
CA ARG C 127 7.79 -6.43 9.93
C ARG C 127 7.68 -7.54 10.96
N ARG C 128 7.84 -7.15 12.23
CA ARG C 128 7.77 -8.11 13.32
C ARG C 128 6.36 -8.69 13.47
N GLY C 129 5.33 -7.87 13.25
CA GLY C 129 3.96 -8.31 13.49
C GLY C 129 3.77 -8.48 14.99
N THR C 130 2.63 -9.08 15.36
CA THR C 130 2.30 -9.23 16.76
C THR C 130 2.24 -10.69 17.22
N VAL C 131 2.46 -11.67 16.34
CA VAL C 131 2.48 -13.07 16.78
C VAL C 131 3.54 -13.22 17.84
N ALA C 132 3.16 -13.81 18.98
CA ALA C 132 4.01 -13.80 20.16
C ALA C 132 5.20 -14.74 20.01
N TYR C 133 4.98 -15.93 19.45
CA TYR C 133 6.05 -16.91 19.29
C TYR C 133 6.63 -16.85 17.88
N LEU C 134 7.93 -16.61 17.81
CA LEU C 134 8.67 -16.51 16.56
C LEU C 134 10.07 -17.08 16.82
N SER C 135 10.45 -18.15 16.12
CA SER C 135 11.78 -18.70 16.37
C SER C 135 12.52 -18.89 15.05
N PHE C 136 13.86 -18.79 15.15
CA PHE C 136 14.77 -18.91 14.01
C PHE C 136 15.78 -20.01 14.33
N GLY C 137 15.78 -21.07 13.54
CA GLY C 137 16.80 -22.08 13.70
C GLY C 137 17.65 -22.17 12.46
N THR C 138 18.97 -22.22 12.60
CA THR C 138 19.81 -22.58 11.48
C THR C 138 20.20 -24.04 11.60
N GLN C 139 20.25 -24.72 10.47
CA GLN C 139 20.41 -26.17 10.43
C GLN C 139 21.48 -26.53 9.42
N LYS C 140 21.99 -27.76 9.51
CA LYS C 140 22.97 -28.26 8.55
C LYS C 140 22.55 -29.65 8.06
N GLY C 141 23.33 -30.22 7.13
CA GLY C 141 22.99 -31.54 6.59
C GLY C 141 21.65 -31.52 5.87
N GLY C 142 20.84 -32.54 6.14
CA GLY C 142 19.50 -32.60 5.55
C GLY C 142 19.01 -34.02 5.49
N TYR C 143 17.68 -34.16 5.44
CA TYR C 143 17.10 -35.50 5.43
C TYR C 143 17.65 -36.33 4.28
N GLU C 144 17.84 -35.69 3.13
CA GLU C 144 18.30 -36.41 1.94
C GLU C 144 19.73 -36.89 2.10
N THR C 145 20.46 -36.35 3.07
CA THR C 145 21.87 -36.67 3.24
C THR C 145 22.10 -37.64 4.39
N ASP C 146 21.86 -37.19 5.62
CA ASP C 146 22.06 -38.00 6.82
C ASP C 146 20.77 -38.38 7.53
N GLY C 147 19.61 -38.10 6.94
CA GLY C 147 18.36 -38.31 7.66
C GLY C 147 18.17 -37.40 8.85
N LYS C 148 18.91 -36.30 8.91
CA LYS C 148 18.96 -35.43 10.06
C LYS C 148 18.84 -33.97 9.63
N LEU C 150 20.39 -31.32 11.88
CA LEU C 150 21.03 -30.86 13.11
C LEU C 150 21.06 -29.34 13.16
N GLN C 151 20.81 -28.79 14.35
CA GLN C 151 20.74 -27.35 14.54
C GLN C 151 22.13 -26.76 14.76
N THR C 152 22.38 -25.59 14.15
CA THR C 152 23.65 -24.88 14.34
C THR C 152 23.51 -23.54 15.04
N GLY C 153 22.30 -22.98 15.15
CA GLY C 153 22.10 -21.75 15.87
C GLY C 153 20.62 -21.57 16.12
N PHE C 154 20.28 -20.65 17.02
CA PHE C 154 18.89 -20.48 17.42
C PHE C 154 18.72 -19.09 18.04
N LEU C 155 17.60 -18.44 17.71
CA LEU C 155 17.21 -17.15 18.27
C LEU C 155 15.68 -17.10 18.25
N ASP C 156 15.08 -16.68 19.35
CA ASP C 156 13.63 -16.56 19.36
C ASP C 156 13.23 -15.15 19.73
N ALA C 157 11.90 -14.94 19.82
CA ALA C 157 11.33 -13.59 19.93
C ALA C 157 11.71 -12.90 21.23
N LYS C 158 11.93 -13.66 22.30
CA LYS C 158 12.19 -13.06 23.61
C LYS C 158 13.45 -12.19 23.61
N GLN C 159 14.47 -12.53 22.82
CA GLN C 159 15.73 -11.80 22.81
C GLN C 159 15.81 -10.77 21.68
N LEU C 160 14.81 -10.72 20.81
CA LEU C 160 14.83 -9.89 19.62
C LEU C 160 14.61 -8.41 19.98
N GLU C 161 15.30 -7.52 19.27
CA GLU C 161 15.14 -6.08 19.43
C GLU C 161 14.48 -5.51 18.17
N ILE C 162 13.31 -4.88 18.34
CA ILE C 162 12.51 -4.33 17.24
C ILE C 162 12.71 -2.82 17.14
N ALA C 163 12.88 -2.33 15.90
CA ALA C 163 13.08 -0.92 15.61
C ALA C 163 11.80 -0.11 15.90
N PRO C 164 11.87 1.22 15.89
CA PRO C 164 10.65 2.00 16.19
C PRO C 164 9.53 1.78 15.17
N ASP C 165 9.82 1.76 13.88
CA ASP C 165 8.77 1.58 12.88
C ASP C 165 8.16 0.15 12.87
N GLY C 166 8.43 -0.66 13.89
CA GLY C 166 7.93 -2.01 13.97
C GLY C 166 8.64 -3.00 13.06
N SER C 167 9.72 -2.58 12.42
CA SER C 167 10.48 -3.48 11.57
C SER C 167 11.52 -4.20 12.41
N VAL C 168 12.05 -5.29 11.86
CA VAL C 168 13.02 -6.12 12.56
C VAL C 168 14.17 -6.45 11.61
N GLU C 169 15.39 -6.49 12.14
CA GLU C 169 16.56 -6.85 11.36
C GLU C 169 17.37 -7.90 12.12
N ILE C 170 17.62 -9.03 11.46
CA ILE C 170 18.30 -10.18 12.04
C ILE C 170 19.44 -10.60 11.13
N VAL C 171 20.60 -10.90 11.72
CA VAL C 171 21.79 -11.21 10.94
C VAL C 171 22.22 -12.65 11.23
N LEU C 172 22.31 -13.46 10.17
CA LEU C 172 22.86 -14.80 10.22
C LEU C 172 24.33 -14.76 9.85
N SER C 173 25.19 -15.29 10.71
CA SER C 173 26.62 -15.26 10.42
C SER C 173 27.38 -16.24 11.31
N ALA C 174 28.45 -16.81 10.74
CA ALA C 174 29.40 -17.56 11.54
C ALA C 174 30.30 -16.65 12.35
N THR C 175 30.40 -15.40 11.97
CA THR C 175 31.17 -14.39 12.69
C THR C 175 30.29 -13.75 13.75
N PRO C 176 30.74 -13.67 15.00
CA PRO C 176 29.89 -13.10 16.06
C PRO C 176 29.50 -11.67 15.72
N ARG C 177 28.23 -11.34 15.93
CA ARG C 177 27.71 -10.00 15.69
C ARG C 177 26.96 -9.50 16.91
N ALA C 178 26.91 -8.18 17.04
CA ALA C 178 26.03 -7.54 18.01
C ALA C 178 24.60 -7.57 17.49
N GLY C 179 23.67 -7.16 18.36
CA GLY C 179 22.28 -7.10 17.93
C GLY C 179 21.64 -8.47 17.82
N ASN C 180 20.74 -8.61 16.84
CA ASN C 180 19.96 -9.83 16.61
C ASN C 180 20.81 -10.76 15.76
N TRP C 181 21.66 -11.55 16.40
CA TRP C 181 22.56 -12.44 15.68
C TRP C 181 22.09 -13.88 15.85
N VAL C 182 21.97 -14.59 14.72
CA VAL C 182 21.74 -16.03 14.72
C VAL C 182 23.02 -16.70 14.27
N ARG C 183 23.52 -17.61 15.09
CA ARG C 183 24.78 -18.27 14.80
C ARG C 183 24.64 -19.19 13.58
N GLU C 185 27.37 -22.16 11.38
CA GLU C 185 28.66 -22.80 11.17
C GLU C 185 28.93 -22.86 9.68
N PRO C 186 30.18 -23.10 9.27
CA PRO C 186 30.45 -23.22 7.82
C PRO C 186 29.51 -24.19 7.12
N ASP C 187 29.16 -25.29 7.80
CA ASP C 187 28.29 -26.32 7.24
C ASP C 187 26.80 -25.96 7.29
N THR C 188 26.43 -24.86 7.92
CA THR C 188 25.01 -24.48 7.95
C THR C 188 24.50 -24.32 6.52
N ASN C 189 23.32 -24.88 6.24
CA ASN C 189 22.74 -24.75 4.91
C ASN C 189 21.27 -24.36 4.90
N ALA C 190 20.65 -24.20 6.06
CA ALA C 190 19.23 -23.87 6.10
C ALA C 190 18.89 -22.96 7.27
N LEU C 191 17.90 -22.11 7.06
CA LEU C 191 17.24 -21.35 8.10
C LEU C 191 15.77 -21.74 8.15
N LEU C 192 15.29 -22.13 9.33
CA LEU C 192 13.91 -22.57 9.52
C LEU C 192 13.22 -21.62 10.50
N VAL C 193 12.20 -20.90 10.01
CA VAL C 193 11.45 -19.94 10.81
C VAL C 193 10.11 -20.55 11.19
N ARG C 194 9.77 -20.43 12.47
CA ARG C 194 8.45 -20.81 12.99
C ARG C 194 7.77 -19.56 13.53
N GLN C 195 6.58 -19.27 13.02
CA GLN C 195 5.65 -18.35 13.67
C GLN C 195 4.52 -19.21 14.21
N THR C 196 4.36 -19.25 15.52
CA THR C 196 3.38 -20.13 16.16
C THR C 196 2.26 -19.29 16.73
N PHE C 197 1.03 -19.54 16.26
CA PHE C 197 -0.09 -18.66 16.58
C PHE C 197 -0.94 -19.23 17.71
N LEU C 198 -1.10 -18.45 18.77
CA LEU C 198 -2.15 -18.71 19.74
C LEU C 198 -3.52 -18.47 19.13
N ASP C 199 -3.65 -17.41 18.33
CA ASP C 199 -4.95 -16.96 17.86
C ASP C 199 -4.70 -16.16 16.58
N ARG C 200 -4.89 -16.80 15.43
CA ARG C 200 -4.64 -16.15 14.14
C ARG C 200 -5.58 -14.97 13.91
N ARG C 201 -6.71 -14.91 14.62
CA ARG C 201 -7.63 -13.80 14.45
C ARG C 201 -7.08 -12.51 15.07
N THR C 202 -6.28 -12.61 16.13
CA THR C 202 -5.78 -11.43 16.82
C THR C 202 -4.27 -11.24 16.78
N GLU C 203 -3.52 -12.20 16.25
CA GLU C 203 -2.08 -12.07 16.07
C GLU C 203 -1.77 -11.90 14.59
N THR C 204 -0.88 -10.99 14.27
CA THR C 204 -0.48 -10.75 12.89
C THR C 204 0.86 -11.42 12.61
N PRO C 205 1.02 -12.04 11.44
CA PRO C 205 2.30 -12.71 11.16
C PRO C 205 3.43 -11.71 10.93
N ALA C 206 4.64 -12.15 11.24
CA ALA C 206 5.80 -11.41 10.80
C ALA C 206 5.90 -11.50 9.29
N GLN C 207 6.37 -10.43 8.65
CA GLN C 207 6.56 -10.42 7.20
C GLN C 207 8.06 -10.28 6.95
N LEU C 208 8.72 -11.39 6.58
CA LEU C 208 10.17 -11.44 6.54
C LEU C 208 10.69 -11.80 5.15
N LYS C 209 11.80 -11.16 4.76
CA LYS C 209 12.56 -11.53 3.58
C LYS C 209 14.03 -11.68 3.95
N ILE C 210 14.74 -12.51 3.19
CA ILE C 210 16.15 -12.79 3.41
C ILE C 210 16.98 -12.42 2.19
N GLU C 211 18.14 -11.80 2.42
CA GLU C 211 19.10 -11.49 1.37
C GLU C 211 20.51 -11.74 1.89
N ARG C 212 21.42 -12.06 0.97
CA ARG C 212 22.83 -12.15 1.27
C ARG C 212 23.44 -10.75 1.36
N ILE C 213 24.33 -10.57 2.34
CA ILE C 213 24.84 -9.24 2.65
C ILE C 213 25.88 -8.76 1.65
N ASP C 214 26.85 -9.61 1.32
CA ASP C 214 27.91 -9.19 0.37
C ASP C 214 27.48 -9.48 -1.07
N ALA C 215 26.38 -8.81 -1.46
CA ALA C 215 25.76 -9.03 -2.76
C ALA C 215 26.76 -8.92 -3.90
N GLN C 216 26.59 -9.78 -4.90
CA GLN C 216 27.47 -9.78 -6.05
C GLN C 216 26.66 -9.57 -7.33
N ALA C 217 27.31 -9.76 -8.49
CA ALA C 217 26.66 -9.56 -9.77
C ALA C 217 25.40 -10.41 -9.86
N ARG C 218 24.50 -10.02 -10.79
CA ARG C 218 23.26 -10.72 -11.06
C ARG C 218 23.56 -12.21 -11.13
N PRO C 219 22.64 -13.09 -10.78
CA PRO C 219 22.98 -14.52 -10.76
C PRO C 219 23.47 -14.99 -12.11
N ALA C 220 24.32 -16.01 -12.07
CA ALA C 220 24.74 -16.66 -13.27
C ALA C 220 23.55 -17.46 -13.83
N PRO C 221 23.58 -17.79 -15.11
CA PRO C 221 22.58 -18.72 -15.63
C PRO C 221 22.70 -20.06 -14.91
N LEU C 222 21.64 -20.85 -15.00
CA LEU C 222 21.62 -22.17 -14.39
C LEU C 222 22.88 -22.98 -14.74
N ASP C 223 23.50 -23.55 -13.71
CA ASP C 223 24.68 -24.39 -13.91
C ASP C 223 24.21 -25.84 -14.05
N PRO C 224 24.52 -26.52 -15.16
CA PRO C 224 24.06 -27.91 -15.29
C PRO C 224 24.52 -28.79 -14.14
N LEU C 225 25.73 -28.56 -13.64
CA LEU C 225 26.24 -29.37 -12.53
C LEU C 225 25.38 -29.16 -11.28
N ALA C 226 24.99 -27.91 -10.99
CA ALA C 226 24.16 -27.68 -9.81
C ALA C 226 22.79 -28.34 -9.94
N LEU C 227 22.20 -28.31 -11.15
CA LEU C 227 20.91 -28.95 -11.32
C LEU C 227 21.03 -30.45 -11.19
N GLN C 228 22.09 -31.03 -11.75
CA GLN C 228 22.37 -32.46 -11.60
C GLN C 228 22.37 -32.85 -10.12
N GLY C 229 23.08 -32.09 -9.29
CA GLY C 229 23.08 -32.39 -7.86
C GLY C 229 21.73 -32.12 -7.21
N GLY C 230 21.07 -31.03 -7.61
CA GLY C 230 19.80 -30.68 -6.98
C GLY C 230 18.70 -31.70 -7.25
N LEU C 231 18.60 -32.19 -8.49
CA LEU C 231 17.56 -33.15 -8.79
C LEU C 231 17.76 -34.44 -7.98
N ARG C 233 19.33 -34.77 -5.10
CA ARG C 233 19.03 -34.51 -3.70
C ARG C 233 17.53 -34.42 -3.48
N ALA C 234 16.81 -33.82 -4.42
CA ALA C 234 15.35 -33.76 -4.31
C ALA C 234 14.76 -35.17 -4.27
N ALA C 235 15.20 -36.04 -5.17
CA ALA C 235 14.72 -37.41 -5.17
C ALA C 235 15.10 -38.13 -3.87
N GLN C 236 16.33 -37.95 -3.40
CA GLN C 236 16.72 -38.63 -2.19
C GLN C 236 15.99 -38.05 -0.97
N PHE C 237 15.61 -36.77 -1.05
CA PHE C 237 14.82 -36.16 0.02
C PHE C 237 13.49 -36.88 0.18
N VAL C 238 12.80 -37.17 -0.94
CA VAL C 238 11.53 -37.89 -0.86
C VAL C 238 11.73 -39.26 -0.22
N GLU C 239 12.74 -40.00 -0.68
CA GLU C 239 12.96 -41.35 -0.18
C GLU C 239 13.35 -41.35 1.29
N GLN C 240 14.29 -40.49 1.68
CA GLN C 240 14.77 -40.50 3.07
C GLN C 240 13.73 -39.92 4.03
N THR C 241 12.97 -38.90 3.61
CA THR C 241 12.00 -38.28 4.51
C THR C 241 10.85 -39.23 4.82
N SER C 242 10.29 -39.87 3.79
CA SER C 242 9.24 -40.87 4.02
C SER C 242 9.78 -42.04 4.83
N LYS C 243 10.98 -42.51 4.50
CA LYS C 243 11.54 -43.61 5.28
C LYS C 243 11.70 -43.20 6.75
N LEU C 244 12.22 -41.99 6.97
CA LEU C 244 12.49 -41.53 8.35
C LEU C 244 11.23 -41.54 9.20
N PHE C 245 10.18 -40.88 8.74
CA PHE C 245 9.01 -40.77 9.60
C PHE C 245 8.14 -42.01 9.55
N ALA C 246 8.28 -42.85 8.52
CA ALA C 246 7.66 -44.18 8.58
C ALA C 246 8.39 -45.06 9.59
N ASP C 247 9.72 -44.93 9.70
CA ASP C 247 10.43 -45.56 10.81
C ASP C 247 9.89 -45.07 12.15
N TRP C 248 9.67 -43.76 12.30
CA TRP C 248 9.13 -43.25 13.56
C TRP C 248 7.76 -43.85 13.86
N ALA C 249 6.85 -43.80 12.87
CA ALA C 249 5.49 -44.28 13.11
C ALA C 249 5.49 -45.75 13.51
N ALA C 250 6.27 -46.59 12.84
CA ALA C 250 6.28 -48.00 13.20
C ALA C 250 6.82 -48.19 14.61
N SER C 251 7.78 -47.36 15.03
CA SER C 251 8.34 -47.50 16.38
C SER C 251 7.32 -47.19 17.46
N TYR C 252 6.21 -46.54 17.12
CA TYR C 252 5.20 -46.24 18.13
C TYR C 252 4.27 -47.41 18.37
N ARG C 253 4.27 -48.41 17.48
CA ARG C 253 3.34 -49.54 17.63
C ARG C 253 3.34 -50.14 19.03
N PRO C 254 4.47 -50.31 19.74
CA PRO C 254 4.38 -50.89 21.10
C PRO C 254 3.52 -50.09 22.06
N HIS C 255 3.38 -48.78 21.87
CA HIS C 255 2.53 -47.99 22.75
C HIS C 255 1.41 -47.29 21.97
N VAL C 256 0.72 -48.04 21.09
CA VAL C 256 -0.40 -47.47 20.35
C VAL C 256 -1.47 -47.01 21.34
N ASN C 257 -2.08 -45.86 21.05
CA ASN C 257 -3.12 -45.22 21.84
C ASN C 257 -2.64 -44.71 23.20
N ALA C 258 -1.34 -44.73 23.46
CA ALA C 258 -0.74 -43.98 24.56
C ALA C 258 0.00 -42.78 23.96
N LEU C 259 0.49 -41.90 24.83
CA LEU C 259 1.19 -40.69 24.38
C LEU C 259 2.41 -40.43 25.27
N PRO C 260 3.39 -41.33 25.24
CA PRO C 260 4.57 -41.16 26.11
C PRO C 260 5.42 -40.00 25.61
N PRO C 261 6.28 -39.44 26.45
CA PRO C 261 7.23 -38.43 25.97
C PRO C 261 8.14 -39.00 24.88
N ALA C 262 8.47 -38.16 23.90
CA ALA C 262 9.40 -38.60 22.88
C ALA C 262 10.85 -38.48 23.37
N ASP C 263 11.74 -39.12 22.64
CA ASP C 263 13.17 -38.88 22.76
C ASP C 263 13.45 -37.46 22.27
N GLN C 264 13.69 -36.54 23.19
CA GLN C 264 13.76 -35.12 22.85
C GLN C 264 14.98 -34.83 21.97
N ALA C 265 16.15 -35.38 22.29
CA ALA C 265 17.33 -35.14 21.46
C ALA C 265 17.11 -35.63 20.02
N LEU C 266 16.37 -36.72 19.86
CA LEU C 266 16.06 -37.18 18.51
C LEU C 266 15.18 -36.18 17.77
N CYS C 267 14.17 -35.62 18.45
CA CYS C 267 13.31 -34.63 17.81
C CYS C 267 14.12 -33.40 17.40
N GLN C 268 15.03 -32.97 18.26
CA GLN C 268 15.91 -31.85 17.91
C GLN C 268 16.79 -32.20 16.71
N SER C 269 17.31 -33.44 16.65
CA SER C 269 18.23 -33.82 15.59
C SER C 269 17.56 -33.84 14.20
N VAL C 270 16.24 -33.93 14.13
CA VAL C 270 15.54 -33.90 12.84
C VAL C 270 14.92 -32.52 12.59
N GLY C 271 15.38 -31.49 13.28
CA GLY C 271 14.99 -30.14 12.98
C GLY C 271 13.99 -29.54 13.93
N GLY C 272 13.80 -30.13 15.11
CA GLY C 272 12.88 -29.56 16.08
C GLY C 272 13.33 -28.20 16.57
N ASP C 273 12.40 -27.56 17.31
CA ASP C 273 12.64 -26.27 17.95
C ASP C 273 13.03 -26.56 19.39
N PRO C 274 14.17 -26.05 19.88
CA PRO C 274 14.64 -26.42 21.24
C PRO C 274 13.80 -25.88 22.38
N ASN C 275 12.85 -24.98 22.11
CA ASN C 275 11.89 -24.60 23.14
C ASN C 275 10.80 -25.64 23.33
N ILE C 276 10.75 -26.65 22.48
CA ILE C 276 9.58 -27.52 22.41
C ILE C 276 9.91 -28.88 23.02
N TYR C 277 9.01 -29.35 23.87
CA TYR C 277 9.01 -30.71 24.39
C TYR C 277 7.91 -31.48 23.66
N TYR C 278 8.28 -32.56 22.97
CA TYR C 278 7.38 -33.27 22.06
C TYR C 278 6.88 -34.58 22.66
N TYR C 279 5.65 -34.95 22.31
CA TYR C 279 5.14 -36.32 22.46
C TYR C 279 4.65 -36.79 21.10
N HIS C 280 5.09 -37.97 20.67
CA HIS C 280 4.64 -38.58 19.43
C HIS C 280 4.12 -39.97 19.73
N SER C 281 3.03 -40.34 19.07
CA SER C 281 2.57 -41.72 19.14
C SER C 281 1.72 -42.01 17.91
N CYS C 282 1.27 -43.25 17.81
CA CYS C 282 0.26 -43.68 16.86
C CYS C 282 -1.01 -44.00 17.63
N TRP C 283 -2.13 -43.99 16.93
CA TRP C 283 -3.44 -44.26 17.51
C TRP C 283 -4.23 -45.16 16.57
N SER C 284 -5.19 -45.90 17.13
CA SER C 284 -5.98 -46.84 16.34
C SER C 284 -7.34 -46.98 16.99
N LEU C 285 -8.41 -46.62 16.27
CA LEU C 285 -9.73 -46.57 16.88
C LEU C 285 -10.76 -47.13 15.93
N ALA C 286 -11.62 -48.02 16.45
CA ALA C 286 -12.82 -48.42 15.75
C ALA C 286 -13.80 -47.25 15.69
N ALA C 287 -14.82 -47.40 14.84
CA ALA C 287 -15.76 -46.31 14.62
C ALA C 287 -16.49 -45.95 15.91
N ASP C 288 -16.73 -46.93 16.79
CA ASP C 288 -17.46 -46.70 18.03
C ASP C 288 -16.55 -46.42 19.22
N GLU C 289 -15.24 -46.24 19.00
CA GLU C 289 -14.30 -46.01 20.08
C GLU C 289 -13.80 -44.57 20.05
N ALA C 290 -13.39 -44.09 21.21
CA ALA C 290 -12.78 -42.77 21.37
C ALA C 290 -11.53 -42.88 22.23
N LEU C 291 -10.56 -42.01 21.96
CA LEU C 291 -9.35 -41.89 22.78
C LEU C 291 -9.48 -40.66 23.66
N VAL C 292 -9.43 -40.85 24.98
CA VAL C 292 -9.58 -39.77 25.95
C VAL C 292 -8.21 -39.41 26.51
N ILE C 293 -7.77 -38.18 26.27
CA ILE C 293 -6.48 -37.68 26.71
C ILE C 293 -6.70 -36.65 27.82
N ASP C 294 -5.88 -36.75 28.87
CA ASP C 294 -6.02 -35.88 30.05
C ASP C 294 -4.66 -35.39 30.50
N VAL C 295 -4.60 -34.11 30.86
CA VAL C 295 -3.50 -33.56 31.65
C VAL C 295 -4.10 -32.96 32.91
N ASP C 296 -3.59 -33.35 34.07
CA ASP C 296 -4.24 -32.94 35.31
C ASP C 296 -4.06 -31.45 35.56
N THR C 297 -2.93 -30.90 35.10
CA THR C 297 -2.67 -29.47 35.16
C THR C 297 -2.10 -29.02 33.82
N VAL C 298 -2.14 -27.73 33.60
CA VAL C 298 -1.46 -27.10 32.46
C VAL C 298 -0.25 -26.35 32.99
N PRO C 299 0.96 -26.72 32.61
CA PRO C 299 2.13 -25.99 33.09
C PRO C 299 2.21 -24.61 32.45
N ASP C 300 2.75 -23.67 33.22
CA ASP C 300 3.10 -22.36 32.67
CA ASP C 300 3.10 -22.35 32.68
C ASP C 300 3.94 -22.52 31.42
N CYS C 301 3.49 -21.93 30.32
CA CYS C 301 4.21 -22.08 29.07
C CYS C 301 3.76 -21.00 28.10
N ASP C 302 4.52 -20.85 27.01
CA ASP C 302 4.19 -19.86 25.99
C ASP C 302 3.14 -20.38 25.02
N PHE C 303 3.08 -21.69 24.83
CA PHE C 303 2.19 -22.30 23.87
C PHE C 303 2.17 -23.80 24.14
N TRP C 304 1.03 -24.42 23.86
CA TRP C 304 0.93 -25.86 23.82
C TRP C 304 -0.16 -26.20 22.80
N ASN C 305 -0.06 -27.38 22.19
CA ASN C 305 -1.15 -27.87 21.35
C ASN C 305 -1.03 -29.40 21.23
N VAL C 306 -2.03 -29.97 20.59
CA VAL C 306 -2.08 -31.38 20.23
C VAL C 306 -2.79 -31.49 18.90
N GLN C 307 -2.25 -32.32 18.01
CA GLN C 307 -2.78 -32.43 16.66
C GLN C 307 -2.95 -33.91 16.30
N LEU C 308 -3.90 -34.17 15.42
CA LEU C 308 -4.15 -35.50 14.91
C LEU C 308 -3.61 -35.60 13.48
N ASN C 309 -2.88 -36.67 13.18
CA ASN C 309 -2.20 -36.89 11.92
C ASN C 309 -2.66 -38.20 11.31
N ASN C 310 -2.36 -38.39 10.03
CA ASN C 310 -2.46 -39.71 9.44
C ASN C 310 -1.19 -40.51 9.78
N TYR C 311 -1.10 -41.73 9.26
CA TYR C 311 0.05 -42.57 9.59
C TYR C 311 1.35 -41.97 9.09
N TRP C 312 1.32 -41.21 8.00
CA TRP C 312 2.50 -40.58 7.41
C TRP C 312 2.93 -39.32 8.16
N GLU C 314 1.47 -36.59 8.51
CA GLU C 314 0.87 -35.35 8.04
C GLU C 314 -0.30 -35.02 8.95
N SER C 315 -0.40 -33.76 9.38
CA SER C 315 -1.64 -33.36 10.04
C SER C 315 -2.82 -33.71 9.15
N LEU C 316 -3.96 -34.04 9.78
CA LEU C 316 -5.17 -34.19 9.00
C LEU C 316 -5.56 -32.82 8.43
N ASP C 317 -6.60 -32.78 7.61
CA ASP C 317 -6.83 -31.57 6.82
C ASP C 317 -7.57 -30.55 7.69
N TYR C 318 -6.80 -29.70 8.37
CA TYR C 318 -7.39 -28.69 9.24
C TYR C 318 -8.12 -27.59 8.48
N ARG C 319 -8.08 -27.57 7.14
CA ARG C 319 -8.97 -26.66 6.43
C ARG C 319 -10.43 -27.03 6.64
N HIS C 320 -10.75 -28.29 6.90
CA HIS C 320 -12.15 -28.70 7.01
C HIS C 320 -12.49 -29.51 8.24
N PHE C 321 -11.51 -29.95 9.04
CA PHE C 321 -11.73 -30.78 10.20
C PHE C 321 -11.02 -30.18 11.41
N ASP C 322 -11.61 -30.37 12.59
CA ASP C 322 -11.05 -29.91 13.87
C ASP C 322 -10.08 -30.97 14.36
N ILE C 323 -8.80 -30.80 14.04
CA ILE C 323 -7.81 -31.84 14.28
C ILE C 323 -6.63 -31.31 15.09
N CYS C 324 -6.79 -30.10 15.64
CA CYS C 324 -5.78 -29.45 16.46
C CYS C 324 -6.47 -28.66 17.56
N VAL C 325 -5.95 -28.78 18.78
CA VAL C 325 -6.46 -28.03 19.93
C VAL C 325 -5.25 -27.37 20.57
N ASN C 326 -5.34 -26.08 20.91
CA ASN C 326 -4.16 -25.43 21.45
C ASN C 326 -4.51 -24.66 22.73
N LYS C 327 -3.50 -23.99 23.28
CA LYS C 327 -3.66 -23.30 24.55
C LYS C 327 -4.77 -22.25 24.51
N HIS C 328 -4.94 -21.57 23.39
CA HIS C 328 -5.96 -20.53 23.34
C HIS C 328 -7.37 -21.11 23.11
N SER C 329 -7.50 -22.19 22.35
CA SER C 329 -8.81 -22.68 21.95
C SER C 329 -9.32 -23.83 22.83
N ALA C 330 -8.45 -24.42 23.64
CA ALA C 330 -8.86 -25.51 24.51
C ALA C 330 -9.72 -24.97 25.65
N ARG C 331 -10.90 -25.55 25.83
CA ARG C 331 -11.67 -25.25 27.03
C ARG C 331 -11.14 -26.10 28.19
N PRO C 332 -10.72 -25.48 29.29
CA PRO C 332 -10.21 -26.27 30.42
C PRO C 332 -11.33 -26.89 31.24
N ASN C 333 -10.95 -27.89 32.02
CA ASN C 333 -11.83 -28.40 33.06
C ASN C 333 -11.83 -27.44 34.26
N ALA C 334 -12.74 -27.69 35.20
CA ALA C 334 -12.87 -26.79 36.35
C ALA C 334 -11.59 -26.74 37.17
N ASP C 335 -10.94 -27.88 37.38
CA ASP C 335 -9.73 -27.94 38.19
C ASP C 335 -8.49 -27.43 37.46
N GLY C 336 -8.66 -26.78 36.31
CA GLY C 336 -7.52 -26.28 35.56
C GLY C 336 -6.90 -27.28 34.61
N GLY C 337 -7.25 -28.56 34.73
CA GLY C 337 -6.78 -29.57 33.79
C GLY C 337 -7.49 -29.45 32.45
N VAL C 338 -7.06 -30.26 31.49
CA VAL C 338 -7.63 -30.26 30.15
C VAL C 338 -7.85 -31.69 29.69
N THR C 339 -9.00 -31.93 29.07
CA THR C 339 -9.35 -33.20 28.44
C THR C 339 -9.50 -32.99 26.93
N VAL C 340 -8.94 -33.91 26.13
CA VAL C 340 -9.05 -33.88 24.68
C VAL C 340 -9.47 -35.27 24.21
N ILE C 341 -10.50 -35.33 23.35
CA ILE C 341 -11.07 -36.59 22.91
C ILE C 341 -10.90 -36.75 21.40
N VAL C 342 -10.29 -37.86 20.99
CA VAL C 342 -10.18 -38.25 19.59
C VAL C 342 -11.37 -39.16 19.28
N ALA C 343 -12.18 -38.79 18.29
CA ALA C 343 -13.35 -39.60 17.98
C ALA C 343 -13.88 -39.24 16.60
N ALA C 344 -14.73 -40.14 16.08
CA ALA C 344 -15.31 -39.93 14.75
C ALA C 344 -16.45 -38.91 14.78
N THR C 345 -17.14 -38.76 15.90
CA THR C 345 -18.23 -37.81 16.03
C THR C 345 -17.98 -36.96 17.26
N ARG C 346 -18.61 -35.80 17.29
CA ARG C 346 -18.36 -34.86 18.37
C ARG C 346 -18.82 -35.44 19.70
N PRO C 347 -17.93 -35.55 20.69
CA PRO C 347 -18.34 -36.07 22.01
C PRO C 347 -18.79 -34.99 22.97
N GLY C 348 -20.09 -34.77 23.06
CA GLY C 348 -20.57 -33.70 23.91
C GLY C 348 -19.96 -32.38 23.49
N SER C 349 -19.54 -31.59 24.48
CA SER C 349 -18.85 -30.34 24.24
C SER C 349 -17.40 -30.41 24.65
N ALA C 350 -16.82 -31.61 24.69
CA ALA C 350 -15.43 -31.77 25.02
C ALA C 350 -14.56 -31.25 23.89
N ASN C 351 -13.33 -30.87 24.24
CA ASN C 351 -12.33 -30.58 23.20
C ASN C 351 -12.12 -31.82 22.35
N TRP C 352 -12.12 -31.63 21.03
CA TRP C 352 -12.30 -32.73 20.11
C TRP C 352 -11.23 -32.71 19.03
N LEU C 353 -10.68 -33.88 18.75
CA LEU C 353 -9.85 -34.13 17.57
C LEU C 353 -10.62 -35.08 16.67
N ASP C 354 -10.95 -34.60 15.48
CA ASP C 354 -11.80 -35.33 14.54
C ASP C 354 -10.97 -36.36 13.79
N THR C 355 -11.35 -37.63 13.86
CA THR C 355 -10.56 -38.65 13.17
C THR C 355 -10.70 -38.59 11.65
N ALA C 356 -11.70 -37.87 11.13
CA ALA C 356 -11.77 -37.50 9.72
C ALA C 356 -11.68 -38.71 8.80
N GLY C 357 -12.42 -39.76 9.13
CA GLY C 357 -12.46 -40.94 8.29
C GLY C 357 -11.31 -41.90 8.49
N HIS C 358 -10.34 -41.58 9.35
CA HIS C 358 -9.17 -42.41 9.56
C HIS C 358 -9.38 -43.41 10.69
N ARG C 359 -9.05 -44.68 10.43
CA ARG C 359 -9.06 -45.70 11.47
C ARG C 359 -7.78 -45.70 12.30
N THR C 360 -6.70 -45.14 11.76
CA THR C 360 -5.41 -45.15 12.44
C THR C 360 -4.62 -43.94 12.00
N GLY C 361 -3.67 -43.53 12.83
CA GLY C 361 -2.82 -42.42 12.48
C GLY C 361 -1.79 -42.17 13.54
N THR C 362 -1.20 -40.97 13.52
CA THR C 362 -0.28 -40.55 14.57
C THR C 362 -0.82 -39.28 15.24
N ILE C 363 -0.18 -38.93 16.35
CA ILE C 363 -0.63 -37.83 17.19
C ILE C 363 0.59 -37.17 17.79
N CYS C 364 0.54 -35.85 17.93
CA CYS C 364 1.65 -35.09 18.46
C CYS C 364 1.15 -34.07 19.47
N TRP C 365 1.80 -34.03 20.63
CA TRP C 365 1.53 -33.05 21.68
C TRP C 365 2.79 -32.21 21.89
N ARG C 366 2.61 -30.90 22.09
CA ARG C 366 3.70 -29.96 22.31
C ARG C 366 3.50 -29.16 23.60
N TRP C 367 4.53 -29.13 24.45
CA TRP C 367 4.72 -28.03 25.38
C TRP C 367 5.81 -27.12 24.81
N VAL C 368 5.51 -25.83 24.69
CA VAL C 368 6.49 -24.87 24.21
C VAL C 368 6.83 -23.92 25.36
N GLY C 369 8.09 -23.96 25.81
CA GLY C 369 8.52 -23.06 26.87
C GLY C 369 7.99 -23.39 28.24
N ALA C 370 7.74 -24.66 28.53
CA ALA C 370 7.31 -25.11 29.85
C ALA C 370 8.51 -25.57 30.64
N ALA C 371 8.71 -25.01 31.83
CA ALA C 371 9.82 -25.44 32.68
C ALA C 371 9.65 -26.89 33.13
N GLN C 372 8.43 -27.27 33.46
CA GLN C 372 8.13 -28.65 33.87
C GLN C 372 7.04 -29.23 32.98
N PRO C 373 7.37 -30.14 32.07
CA PRO C 373 6.32 -30.77 31.27
C PRO C 373 5.41 -31.62 32.15
N VAL C 374 4.16 -31.75 31.71
CA VAL C 374 3.16 -32.60 32.36
C VAL C 374 2.74 -33.66 31.34
N HIS C 375 2.81 -34.94 31.74
CA HIS C 375 2.66 -36.04 30.80
C HIS C 375 1.19 -36.41 30.65
N PRO C 376 0.62 -36.31 29.45
CA PRO C 376 -0.78 -36.71 29.26
C PRO C 376 -0.97 -38.21 29.51
N ARG C 377 -2.11 -38.56 30.08
CA ARG C 377 -2.52 -39.96 30.12
C ARG C 377 -3.65 -40.19 29.12
N THR C 378 -3.82 -41.45 28.73
CA THR C 378 -4.79 -41.83 27.72
C THR C 378 -5.58 -43.06 28.17
N ARG C 379 -6.79 -43.20 27.62
CA ARG C 379 -7.55 -44.42 27.75
C ARG C 379 -8.51 -44.53 26.58
N VAL C 380 -8.77 -45.76 26.16
CA VAL C 380 -9.71 -46.05 25.08
C VAL C 380 -11.03 -46.40 25.72
N VAL C 381 -12.10 -45.71 25.31
CA VAL C 381 -13.44 -45.96 25.82
C VAL C 381 -14.40 -46.07 24.65
N LYS C 382 -15.60 -46.57 24.93
CA LYS C 382 -16.67 -46.56 23.95
C LYS C 382 -17.24 -45.16 23.87
N LEU C 383 -17.42 -44.66 22.64
CA LEU C 383 -17.87 -43.31 22.42
C LEU C 383 -19.22 -43.04 23.07
N ALA C 384 -20.01 -44.08 23.32
CA ALA C 384 -21.30 -43.88 23.99
C ALA C 384 -21.14 -43.34 25.41
N ALA C 385 -20.06 -43.72 26.10
CA ALA C 385 -19.89 -43.28 27.48
C ALA C 385 -19.72 -41.77 27.59
N LEU C 386 -19.10 -41.14 26.59
CA LEU C 386 -18.93 -39.69 26.58
C LEU C 386 -20.23 -38.98 26.17
N ARG D 27 -25.52 1.23 6.74
CA ARG D 27 -24.35 1.40 7.58
C ARG D 27 -23.05 1.39 6.75
N ALA D 28 -22.09 2.22 7.17
CA ALA D 28 -20.79 2.38 6.51
C ALA D 28 -19.84 1.24 6.88
N THR D 29 -20.20 0.03 6.43
CA THR D 29 -19.44 -1.17 6.76
C THR D 29 -17.98 -1.06 6.32
N GLN D 30 -17.75 -0.62 5.07
CA GLN D 30 -16.39 -0.54 4.55
C GLN D 30 -15.54 0.45 5.35
N LEU D 31 -16.11 1.59 5.75
CA LEU D 31 -15.34 2.56 6.49
C LEU D 31 -15.01 2.06 7.89
N LEU D 32 -16.00 1.55 8.62
CA LEU D 32 -15.82 1.17 10.02
C LEU D 32 -14.84 0.02 10.17
N SER D 33 -14.70 -0.83 9.15
CA SER D 33 -13.79 -1.96 9.20
C SER D 33 -12.35 -1.61 8.81
N GLY D 34 -12.10 -0.43 8.23
CA GLY D 34 -10.78 -0.10 7.73
C GLY D 34 -10.59 -0.36 6.25
N GLN D 35 -11.55 -1.02 5.60
CA GLN D 35 -11.43 -1.31 4.18
C GLN D 35 -11.35 -0.02 3.36
N THR D 36 -12.18 0.98 3.69
CA THR D 36 -12.13 2.25 2.95
C THR D 36 -10.76 2.89 3.05
N TRP D 37 -10.16 2.87 4.24
CA TRP D 37 -8.84 3.49 4.39
C TRP D 37 -7.82 2.78 3.53
N ALA D 38 -7.86 1.45 3.49
CA ALA D 38 -6.97 0.69 2.62
C ALA D 38 -7.20 1.03 1.14
N ASP D 39 -8.47 1.06 0.72
CA ASP D 39 -8.78 1.39 -0.68
C ASP D 39 -8.34 2.81 -1.03
N PHE D 40 -8.59 3.76 -0.13
CA PHE D 40 -8.11 5.14 -0.27
C PHE D 40 -6.60 5.17 -0.50
N CYS D 41 -5.84 4.50 0.37
CA CYS D 41 -4.39 4.48 0.20
C CYS D 41 -3.98 3.75 -1.08
N ASP D 42 -4.64 2.64 -1.41
CA ASP D 42 -4.30 1.89 -2.63
C ASP D 42 -4.64 2.68 -3.90
N THR D 43 -5.74 3.46 -3.89
CA THR D 43 -6.00 4.34 -5.04
C THR D 43 -4.93 5.42 -5.14
N LEU D 44 -4.55 6.02 -4.01
CA LEU D 44 -3.43 6.95 -3.99
C LEU D 44 -2.18 6.32 -4.59
N LYS D 45 -1.85 5.11 -4.15
CA LYS D 45 -0.67 4.43 -4.67
C LYS D 45 -0.74 4.28 -6.19
N ARG D 46 -1.88 3.82 -6.71
CA ARG D 46 -1.99 3.65 -8.16
C ARG D 46 -1.84 4.96 -8.92
N SER D 47 -2.13 6.10 -8.29
CA SER D 47 -1.94 7.39 -8.96
C SER D 47 -0.48 7.61 -9.35
N GLY D 48 0.45 6.91 -8.71
CA GLY D 48 1.84 6.99 -9.13
C GLY D 48 2.04 6.66 -10.60
N GLU D 49 1.16 5.84 -11.17
CA GLU D 49 1.25 5.50 -12.59
CA GLU D 49 1.31 5.51 -12.59
C GLU D 49 1.05 6.72 -13.49
N GLN D 50 0.32 7.72 -13.02
CA GLN D 50 0.19 8.94 -13.81
C GLN D 50 1.50 9.72 -13.89
N ILE D 51 2.40 9.55 -12.92
CA ILE D 51 3.71 10.19 -12.98
C ILE D 51 4.67 9.38 -13.86
N LEU D 52 4.58 8.06 -13.82
CA LEU D 52 5.50 7.17 -14.51
C LEU D 52 5.15 6.93 -15.98
N ARG D 53 3.96 7.36 -16.42
CA ARG D 53 3.53 7.28 -17.83
C ARG D 53 4.69 7.55 -18.78
N THR D 54 4.81 6.70 -19.81
CA THR D 54 5.92 6.85 -20.74
C THR D 54 5.76 8.04 -21.67
N ASP D 55 4.56 8.60 -21.78
CA ASP D 55 4.39 9.85 -22.53
C ASP D 55 4.70 11.09 -21.70
N ALA D 56 5.10 10.94 -20.43
CA ALA D 56 5.58 12.03 -19.61
C ALA D 56 7.10 12.03 -19.59
N PRO D 57 7.73 13.19 -19.45
CA PRO D 57 9.20 13.24 -19.38
C PRO D 57 9.70 12.42 -18.21
N ASP D 58 10.92 11.90 -18.34
CA ASP D 58 11.50 11.15 -17.23
C ASP D 58 12.75 11.82 -16.64
N ASP D 59 12.98 13.10 -16.91
CA ASP D 59 14.08 13.77 -16.24
C ASP D 59 13.82 13.82 -14.74
N PRO D 60 14.87 13.76 -13.92
CA PRO D 60 14.66 13.59 -12.46
C PRO D 60 13.85 14.70 -11.82
N LEU D 61 14.04 15.96 -12.24
CA LEU D 61 13.25 17.06 -11.66
C LEU D 61 11.76 16.87 -11.95
N THR D 62 11.41 16.69 -13.22
CA THR D 62 10.00 16.47 -13.55
C THR D 62 9.45 15.26 -12.79
N ARG D 63 10.24 14.18 -12.71
CA ARG D 63 9.80 12.98 -12.03
C ARG D 63 9.55 13.25 -10.55
N ALA D 64 10.54 13.83 -9.86
CA ALA D 64 10.39 14.12 -8.45
C ALA D 64 9.25 15.10 -8.20
N GLU D 65 9.15 16.16 -9.01
CA GLU D 65 8.02 17.08 -8.85
C GLU D 65 6.68 16.40 -9.06
N GLY D 66 6.63 15.38 -9.92
CA GLY D 66 5.39 14.65 -10.12
C GLY D 66 4.90 13.96 -8.86
N PHE D 67 5.80 13.34 -8.10
CA PHE D 67 5.34 12.70 -6.86
C PHE D 67 4.95 13.73 -5.80
N ARG D 68 5.66 14.86 -5.73
CA ARG D 68 5.22 15.92 -4.82
C ARG D 68 3.84 16.44 -5.22
N TYR D 69 3.61 16.58 -6.52
CA TYR D 69 2.33 17.01 -7.07
C TYR D 69 1.18 16.12 -6.59
N LEU D 70 1.38 14.79 -6.62
CA LEU D 70 0.35 13.89 -6.13
C LEU D 70 0.02 14.16 -4.66
N SER D 71 1.06 14.38 -3.83
CA SER D 71 0.81 14.68 -2.43
C SER D 71 0.07 16.01 -2.27
N ARG D 72 0.38 16.99 -3.13
CA ARG D 72 -0.34 18.27 -3.12
C ARG D 72 -1.79 18.08 -3.56
N LEU D 73 -2.01 17.24 -4.56
CA LEU D 73 -3.39 16.96 -4.98
C LEU D 73 -4.18 16.36 -3.84
N ARG D 75 -3.74 16.86 -0.58
CA ARG D 75 -4.10 17.93 0.36
C ARG D 75 -5.33 18.70 -0.12
N ILE D 76 -5.36 19.08 -1.38
CA ILE D 76 -6.54 19.76 -1.94
C ILE D 76 -7.76 18.85 -1.87
N ALA D 77 -7.57 17.59 -2.26
CA ALA D 77 -8.66 16.63 -2.31
C ALA D 77 -9.33 16.46 -0.96
N LEU D 78 -8.53 16.45 0.12
CA LEU D 78 -9.10 16.21 1.44
C LEU D 78 -9.89 17.42 1.92
N GLU D 79 -9.44 18.62 1.57
CA GLU D 79 -10.23 19.80 1.93
C GLU D 79 -11.54 19.82 1.15
N HIS D 81 -13.25 17.21 -0.31
CA HIS D 81 -14.20 16.12 -0.17
C HIS D 81 -14.36 15.60 1.24
N VAL D 82 -13.52 16.01 2.19
CA VAL D 82 -13.60 15.55 3.58
C VAL D 82 -13.88 16.70 4.54
N GLU D 83 -13.08 17.75 4.49
CA GLU D 83 -13.14 18.79 5.51
C GLU D 83 -14.18 19.87 5.22
N PHE D 84 -14.34 20.28 3.96
CA PHE D 84 -15.26 21.35 3.60
C PHE D 84 -16.31 20.87 2.61
N ALA D 85 -16.82 19.67 2.82
CA ALA D 85 -17.70 19.02 1.87
C ALA D 85 -19.16 18.98 2.32
N ASP D 86 -19.48 19.64 3.42
CA ASP D 86 -20.84 19.64 3.93
C ASP D 86 -21.55 20.89 3.39
N GLY D 87 -22.45 20.68 2.41
CA GLY D 87 -23.19 21.78 1.84
C GLY D 87 -24.09 22.51 2.80
N ALA D 88 -24.40 21.88 3.93
CA ALA D 88 -25.14 22.57 4.98
C ALA D 88 -24.26 23.50 5.79
N TRP D 89 -22.94 23.34 5.73
CA TRP D 89 -22.02 24.15 6.53
C TRP D 89 -20.84 24.56 5.65
N PRO D 90 -21.10 25.37 4.63
CA PRO D 90 -20.06 25.69 3.66
C PRO D 90 -18.98 26.57 4.27
N GLY D 91 -17.79 26.48 3.68
CA GLY D 91 -16.73 27.42 3.99
C GLY D 91 -15.75 27.42 2.84
N PHE D 92 -15.11 28.56 2.62
CA PHE D 92 -14.09 28.65 1.58
C PHE D 92 -12.79 27.98 2.02
N PHE D 93 -12.12 27.35 1.06
CA PHE D 93 -10.71 27.02 1.18
C PHE D 93 -10.09 27.33 -0.17
N SER D 94 -8.76 27.31 -0.21
CA SER D 94 -8.03 27.67 -1.43
C SER D 94 -7.75 26.43 -2.25
N PRO D 95 -8.25 26.33 -3.48
CA PRO D 95 -8.00 25.12 -4.29
C PRO D 95 -6.71 25.19 -5.10
N SER D 96 -5.98 26.31 -5.04
CA SER D 96 -4.65 26.39 -5.60
C SER D 96 -3.97 27.59 -4.96
N HIS D 97 -2.72 27.40 -4.53
CA HIS D 97 -1.98 28.44 -3.83
C HIS D 97 -0.49 28.17 -4.02
N GLU D 98 0.33 28.70 -3.12
CA GLU D 98 1.79 28.63 -3.29
C GLU D 98 2.31 27.20 -3.17
N THR D 99 1.65 26.32 -2.41
CA THR D 99 2.17 24.96 -2.21
C THR D 99 1.23 23.84 -2.65
N ALA D 100 0.17 24.15 -3.42
CA ALA D 100 -0.67 23.11 -4.01
C ALA D 100 -1.37 23.70 -5.22
N LYS D 101 -1.24 23.04 -6.36
CA LYS D 101 -1.54 23.68 -7.63
C LYS D 101 -2.18 22.69 -8.60
N ILE D 102 -3.17 23.16 -9.36
CA ILE D 102 -3.92 22.30 -10.29
C ILE D 102 -4.13 23.06 -11.60
N GLY D 103 -3.78 22.41 -12.71
CA GLY D 103 -4.32 22.80 -14.01
C GLY D 103 -3.93 24.17 -14.50
N ALA D 104 -2.64 24.47 -14.43
CA ALA D 104 -2.10 25.79 -14.77
C ALA D 104 -2.76 26.86 -13.90
N ASP D 105 -2.52 26.74 -12.59
CA ASP D 105 -2.96 27.73 -11.61
C ASP D 105 -2.39 29.12 -11.95
N ASN D 106 -3.25 30.11 -11.93
CA ASN D 106 -2.89 31.49 -12.23
C ASN D 106 -2.20 32.11 -11.02
N PRO D 107 -0.90 32.43 -11.09
CA PRO D 107 -0.24 33.03 -9.91
C PRO D 107 -0.83 34.36 -9.53
N ASP D 108 -1.46 35.07 -10.47
CA ASP D 108 -2.04 36.38 -10.16
C ASP D 108 -3.45 36.28 -9.59
N ASN D 109 -3.91 35.07 -9.30
CA ASN D 109 -5.25 34.84 -8.76
C ASN D 109 -5.16 34.58 -7.26
N LEU D 110 -6.17 35.06 -6.53
CA LEU D 110 -6.55 34.47 -5.26
C LEU D 110 -7.78 33.59 -5.56
N TYR D 111 -7.61 32.27 -5.45
CA TYR D 111 -8.71 31.32 -5.69
C TYR D 111 -9.39 30.99 -4.38
N GLN D 112 -10.71 30.84 -4.43
CA GLN D 112 -11.48 30.37 -3.29
C GLN D 112 -12.53 29.40 -3.79
N TYR D 113 -12.74 28.33 -3.04
CA TYR D 113 -13.66 27.26 -3.41
C TYR D 113 -14.51 26.91 -2.20
N ALA D 114 -15.81 26.71 -2.42
CA ALA D 114 -16.71 26.17 -1.41
C ALA D 114 -17.60 25.10 -2.01
N ARG D 115 -17.78 23.99 -1.28
CA ARG D 115 -18.79 23.01 -1.64
C ARG D 115 -20.17 23.54 -1.26
N VAL D 116 -21.13 23.41 -2.20
CA VAL D 116 -22.49 23.83 -1.93
C VAL D 116 -23.43 22.71 -2.38
N ASP D 117 -24.69 22.85 -2.01
CA ASP D 117 -25.77 21.97 -2.45
C ASP D 117 -26.72 22.81 -3.29
N GLY D 118 -26.87 22.45 -4.57
CA GLY D 118 -27.72 23.19 -5.50
C GLY D 118 -29.19 23.22 -5.13
N ARG D 119 -29.64 22.39 -4.18
CA ARG D 119 -31.03 22.43 -3.74
C ARG D 119 -31.25 23.44 -2.62
N CYS D 120 -30.19 24.07 -2.13
CA CYS D 120 -30.23 25.03 -1.04
C CYS D 120 -29.87 26.41 -1.57
N GLU D 121 -29.87 27.41 -0.68
CA GLU D 121 -29.53 28.79 -1.03
C GLU D 121 -28.40 29.31 -0.14
N TYR D 122 -27.56 30.15 -0.73
CA TYR D 122 -26.37 30.62 -0.04
C TYR D 122 -26.21 32.13 -0.20
N ARG D 123 -25.65 32.75 0.84
CA ARG D 123 -25.31 34.16 0.85
C ARG D 123 -23.79 34.27 0.92
N VAL D 124 -23.20 34.99 -0.02
CA VAL D 124 -21.77 35.31 0.01
C VAL D 124 -21.65 36.79 0.34
N THR D 125 -20.99 37.10 1.46
CA THR D 125 -20.92 38.47 1.98
C THR D 125 -19.48 38.85 2.30
N GLY D 126 -19.26 40.13 2.56
CA GLY D 126 -17.98 40.63 3.00
C GLY D 126 -17.62 41.93 2.30
N ARG D 127 -16.32 42.20 2.22
CA ARG D 127 -15.84 43.45 1.65
C ARG D 127 -15.43 43.24 0.20
N ARG D 128 -15.87 44.17 -0.67
CA ARG D 128 -15.57 44.06 -2.09
C ARG D 128 -14.08 44.26 -2.37
N GLY D 129 -13.42 45.16 -1.64
CA GLY D 129 -12.04 45.49 -1.95
C GLY D 129 -11.97 46.24 -3.27
N THR D 130 -10.75 46.40 -3.78
CA THR D 130 -10.56 47.17 -5.01
C THR D 130 -10.00 46.36 -6.16
N VAL D 131 -9.73 45.05 -5.97
CA VAL D 131 -9.26 44.24 -7.09
C VAL D 131 -10.29 44.31 -8.20
N ALA D 132 -9.82 44.61 -9.41
CA ALA D 132 -10.76 44.94 -10.48
C ALA D 132 -11.48 43.71 -11.00
N TYR D 133 -10.79 42.59 -11.15
CA TYR D 133 -11.39 41.38 -11.68
C TYR D 133 -11.78 40.45 -10.54
N LEU D 134 -13.05 40.09 -10.50
CA LEU D 134 -13.62 39.20 -9.50
C LEU D 134 -14.72 38.40 -10.18
N SER D 135 -14.59 37.07 -10.22
CA SER D 135 -15.62 36.27 -10.89
C SER D 135 -16.08 35.14 -9.99
N PHE D 136 -17.33 34.73 -10.18
CA PHE D 136 -17.99 33.67 -9.43
C PHE D 136 -18.56 32.66 -10.41
N GLY D 137 -18.07 31.44 -10.35
CA GLY D 137 -18.62 30.34 -11.14
C GLY D 137 -19.17 29.27 -10.20
N THR D 138 -20.37 28.79 -10.52
CA THR D 138 -20.87 27.59 -9.87
C THR D 138 -20.69 26.43 -10.84
N GLN D 139 -20.35 25.26 -10.29
CA GLN D 139 -19.94 24.09 -11.06
C GLN D 139 -20.68 22.87 -10.54
N LYS D 140 -20.67 21.80 -11.34
CA LYS D 140 -21.27 20.53 -10.95
C LYS D 140 -20.28 19.40 -11.26
N GLY D 141 -20.66 18.18 -10.92
CA GLY D 141 -19.78 17.04 -11.16
C GLY D 141 -18.48 17.19 -10.37
N GLY D 142 -17.37 16.93 -11.03
CA GLY D 142 -16.06 17.06 -10.42
C GLY D 142 -15.05 16.15 -11.10
N TYR D 143 -13.77 16.52 -10.99
CA TYR D 143 -12.73 15.72 -11.64
C TYR D 143 -12.78 14.27 -11.17
N GLU D 144 -13.06 14.06 -9.89
CA GLU D 144 -13.08 12.71 -9.34
C GLU D 144 -14.23 11.90 -9.91
N THR D 145 -15.22 12.55 -10.50
CA THR D 145 -16.41 11.85 -10.97
C THR D 145 -16.37 11.63 -12.49
N ASP D 146 -16.48 12.71 -13.25
CA ASP D 146 -16.48 12.66 -14.72
C ASP D 146 -15.24 13.28 -15.36
N GLY D 147 -14.22 13.65 -14.57
CA GLY D 147 -13.07 14.36 -15.12
C GLY D 147 -13.39 15.75 -15.62
N LYS D 148 -14.48 16.34 -15.16
CA LYS D 148 -15.00 17.59 -15.66
C LYS D 148 -15.39 18.48 -14.50
N LEU D 150 -18.13 21.07 -15.04
CA LEU D 150 -19.03 21.84 -15.90
C LEU D 150 -19.65 22.99 -15.13
N GLN D 151 -19.77 24.14 -15.80
CA GLN D 151 -20.30 25.34 -15.16
C GLN D 151 -21.83 25.36 -15.18
N THR D 152 -22.43 25.83 -14.08
CA THR D 152 -23.88 25.98 -13.97
C THR D 152 -24.35 27.41 -13.80
N GLY D 153 -23.47 28.34 -13.47
CA GLY D 153 -23.81 29.75 -13.32
C GLY D 153 -22.54 30.56 -13.29
N PHE D 154 -22.69 31.87 -13.47
CA PHE D 154 -21.54 32.75 -13.56
C PHE D 154 -21.97 34.19 -13.30
N LEU D 155 -21.13 34.92 -12.56
CA LEU D 155 -21.34 36.33 -12.29
C LEU D 155 -19.97 36.96 -12.09
N ASP D 156 -19.71 38.11 -12.71
CA ASP D 156 -18.42 38.76 -12.48
C ASP D 156 -18.64 40.19 -11.98
N ALA D 157 -17.54 40.91 -11.79
CA ALA D 157 -17.59 42.21 -11.13
C ALA D 157 -18.33 43.25 -11.95
N LYS D 158 -18.27 43.16 -13.28
CA LYS D 158 -18.90 44.16 -14.14
C LYS D 158 -20.41 44.21 -13.96
N GLN D 159 -21.06 43.06 -13.70
CA GLN D 159 -22.50 43.02 -13.54
C GLN D 159 -22.91 43.09 -12.07
N LEU D 160 -21.91 43.08 -11.19
CA LEU D 160 -22.10 43.08 -9.74
C LEU D 160 -22.49 44.49 -9.28
N GLU D 161 -23.35 44.56 -8.26
CA GLU D 161 -23.76 45.82 -7.65
C GLU D 161 -23.21 45.88 -6.22
N ILE D 162 -22.38 46.90 -5.95
CA ILE D 162 -21.72 47.09 -4.66
C ILE D 162 -22.46 48.11 -3.80
N ALA D 163 -22.62 47.79 -2.51
CA ALA D 163 -23.31 48.63 -1.52
C ALA D 163 -22.55 49.92 -1.20
N PRO D 164 -23.16 50.87 -0.45
CA PRO D 164 -22.45 52.12 -0.11
C PRO D 164 -21.23 51.90 0.79
N ASP D 165 -21.37 51.10 1.85
CA ASP D 165 -20.25 50.90 2.77
C ASP D 165 -19.10 50.03 2.16
N GLY D 166 -19.08 49.80 0.85
CA GLY D 166 -18.06 48.99 0.23
C GLY D 166 -18.22 47.50 0.42
N SER D 167 -19.33 47.07 1.00
CA SER D 167 -19.62 45.66 1.19
C SER D 167 -20.35 45.12 -0.04
N VAL D 168 -20.38 43.80 -0.14
CA VAL D 168 -21.03 43.10 -1.24
C VAL D 168 -21.85 41.94 -0.68
N GLU D 169 -23.01 41.70 -1.27
CA GLU D 169 -23.86 40.57 -0.91
C GLU D 169 -24.33 39.87 -2.17
N ILE D 170 -24.05 38.57 -2.26
CA ILE D 170 -24.33 37.76 -3.43
C ILE D 170 -25.11 36.53 -3.02
N VAL D 171 -26.10 36.14 -3.82
CA VAL D 171 -26.97 35.02 -3.49
C VAL D 171 -26.80 33.93 -4.54
N LEU D 172 -26.53 32.71 -4.07
CA LEU D 172 -26.51 31.51 -4.91
C LEU D 172 -27.84 30.78 -4.76
N SER D 173 -28.50 30.49 -5.88
CA SER D 173 -29.78 29.80 -5.81
C SER D 173 -30.16 29.24 -7.17
N ALA D 174 -30.85 28.09 -7.15
CA ALA D 174 -31.51 27.58 -8.34
C ALA D 174 -32.79 28.34 -8.63
N THR D 175 -33.32 29.05 -7.66
CA THR D 175 -34.49 29.89 -7.79
C THR D 175 -34.04 31.28 -8.22
N PRO D 176 -34.64 31.84 -9.26
CA PRO D 176 -34.22 33.17 -9.74
C PRO D 176 -34.42 34.23 -8.65
N ARG D 177 -33.41 35.07 -8.49
CA ARG D 177 -33.43 36.16 -7.52
C ARG D 177 -33.09 37.47 -8.19
N ALA D 178 -33.56 38.56 -7.59
CA ALA D 178 -33.10 39.89 -7.93
C ALA D 178 -31.73 40.12 -7.31
N GLY D 179 -31.14 41.26 -7.65
CA GLY D 179 -29.85 41.61 -7.08
C GLY D 179 -28.71 40.80 -7.70
N ASN D 180 -27.70 40.52 -6.87
CA ASN D 180 -26.51 39.81 -7.30
C ASN D 180 -26.81 38.32 -7.18
N TRP D 181 -27.40 37.75 -8.22
CA TRP D 181 -27.79 36.35 -8.22
C TRP D 181 -26.83 35.54 -9.06
N VAL D 182 -26.30 34.45 -8.49
CA VAL D 182 -25.53 33.48 -9.24
C VAL D 182 -26.40 32.24 -9.39
N ARG D 183 -26.63 31.82 -10.62
CA ARG D 183 -27.49 30.68 -10.88
C ARG D 183 -26.85 29.38 -10.39
N GLU D 185 -27.97 24.94 -10.46
CA GLU D 185 -28.88 23.85 -10.78
C GLU D 185 -28.92 22.90 -9.59
N PRO D 186 -29.92 22.02 -9.50
CA PRO D 186 -29.92 21.04 -8.38
C PRO D 186 -28.59 20.30 -8.22
N ASP D 187 -27.93 19.97 -9.32
CA ASP D 187 -26.68 19.22 -9.30
C ASP D 187 -25.46 20.09 -8.99
N THR D 188 -25.60 21.41 -8.91
CA THR D 188 -24.47 22.26 -8.58
C THR D 188 -23.88 21.83 -7.23
N ASN D 189 -22.56 21.69 -7.16
CA ASN D 189 -21.93 21.30 -5.91
C ASN D 189 -20.72 22.15 -5.54
N ALA D 190 -20.36 23.15 -6.34
CA ALA D 190 -19.18 23.95 -6.03
C ALA D 190 -19.37 25.40 -6.48
N LEU D 191 -18.76 26.30 -5.71
CA LEU D 191 -18.59 27.69 -6.10
C LEU D 191 -17.09 27.99 -6.17
N LEU D 192 -16.65 28.51 -7.32
CA LEU D 192 -15.25 28.80 -7.57
C LEU D 192 -15.11 30.31 -7.81
N VAL D 193 -14.41 30.98 -6.89
CA VAL D 193 -14.21 32.42 -6.91
C VAL D 193 -12.80 32.71 -7.39
N ARG D 194 -12.67 33.65 -8.35
CA ARG D 194 -11.38 34.14 -8.81
C ARG D 194 -11.28 35.63 -8.51
N GLN D 195 -10.22 36.02 -7.80
CA GLN D 195 -9.80 37.42 -7.72
C GLN D 195 -8.50 37.51 -8.51
N THR D 196 -8.51 38.25 -9.61
CA THR D 196 -7.35 38.33 -10.50
C THR D 196 -6.72 39.70 -10.36
N PHE D 197 -5.45 39.74 -9.94
CA PHE D 197 -4.79 40.99 -9.59
C PHE D 197 -3.94 41.49 -10.75
N LEU D 198 -4.24 42.71 -11.20
CA LEU D 198 -3.29 43.44 -12.05
C LEU D 198 -2.05 43.82 -11.25
N ASP D 199 -2.24 44.22 -9.99
CA ASP D 199 -1.16 44.77 -9.19
C ASP D 199 -1.55 44.58 -7.74
N ARG D 200 -0.98 43.54 -7.10
CA ARG D 200 -1.30 43.25 -5.71
C ARG D 200 -0.83 44.37 -4.79
N ARG D 201 0.08 45.23 -5.26
CA ARG D 201 0.54 46.35 -4.44
C ARG D 201 -0.51 47.43 -4.30
N THR D 202 -1.38 47.62 -5.31
CA THR D 202 -2.37 48.69 -5.27
C THR D 202 -3.82 48.21 -5.26
N GLU D 203 -4.08 46.91 -5.45
CA GLU D 203 -5.42 46.35 -5.40
C GLU D 203 -5.59 45.57 -4.11
N THR D 204 -6.72 45.76 -3.46
CA THR D 204 -7.02 45.05 -2.22
C THR D 204 -7.94 43.87 -2.50
N PRO D 205 -7.70 42.72 -1.89
CA PRO D 205 -8.55 41.56 -2.16
C PRO D 205 -9.94 41.73 -1.55
N ALA D 206 -10.91 41.10 -2.20
CA ALA D 206 -12.22 40.96 -1.58
C ALA D 206 -12.09 40.05 -0.37
N GLN D 207 -12.89 40.32 0.66
CA GLN D 207 -12.90 39.49 1.86
C GLN D 207 -14.28 38.86 1.97
N LEU D 208 -14.41 37.59 1.61
CA LEU D 208 -15.70 36.94 1.44
C LEU D 208 -15.87 35.74 2.37
N LYS D 209 -17.10 35.58 2.88
CA LYS D 209 -17.52 34.37 3.57
C LYS D 209 -18.84 33.88 2.96
N ILE D 210 -19.10 32.58 3.09
CA ILE D 210 -20.30 31.96 2.57
C ILE D 210 -21.07 31.28 3.70
N GLU D 211 -22.39 31.43 3.68
CA GLU D 211 -23.27 30.72 4.62
C GLU D 211 -24.52 30.25 3.89
N ARG D 212 -25.10 29.15 4.38
CA ARG D 212 -26.39 28.68 3.89
C ARG D 212 -27.48 29.54 4.49
N ILE D 213 -28.48 29.88 3.66
CA ILE D 213 -29.47 30.87 4.05
C ILE D 213 -30.48 30.31 5.04
N ASP D 214 -31.00 29.10 4.79
CA ASP D 214 -31.99 28.53 5.70
C ASP D 214 -31.25 27.76 6.78
N ALA D 215 -30.69 28.52 7.72
CA ALA D 215 -29.85 27.98 8.80
C ALA D 215 -30.58 26.90 9.57
N GLN D 216 -29.96 25.72 9.63
CA GLN D 216 -30.47 24.61 10.42
C GLN D 216 -29.74 24.56 11.76
N ALA D 217 -30.17 23.63 12.60
CA ALA D 217 -29.54 23.38 13.88
C ALA D 217 -28.05 23.11 13.69
N ARG D 218 -27.31 23.23 14.80
CA ARG D 218 -25.86 22.98 14.86
C ARG D 218 -25.57 21.69 14.11
N PRO D 219 -24.38 21.54 13.52
CA PRO D 219 -24.11 20.36 12.69
C PRO D 219 -24.32 19.07 13.49
N ALA D 220 -24.71 18.04 12.78
CA ALA D 220 -24.72 16.72 13.35
C ALA D 220 -23.28 16.26 13.50
N PRO D 221 -23.02 15.27 14.35
CA PRO D 221 -21.68 14.68 14.38
C PRO D 221 -21.37 14.04 13.03
N LEU D 222 -20.08 13.82 12.81
CA LEU D 222 -19.60 13.18 11.59
C LEU D 222 -20.41 11.93 11.26
N ASP D 223 -20.88 11.84 10.00
CA ASP D 223 -21.62 10.67 9.55
C ASP D 223 -20.64 9.68 8.93
N PRO D 224 -20.54 8.45 9.43
CA PRO D 224 -19.59 7.49 8.83
C PRO D 224 -19.81 7.27 7.34
N LEU D 225 -21.08 7.24 6.90
CA LEU D 225 -21.35 7.05 5.48
C LEU D 225 -20.82 8.23 4.66
N ALA D 226 -20.97 9.45 5.16
CA ALA D 226 -20.44 10.60 4.44
C ALA D 226 -18.92 10.56 4.36
N LEU D 227 -18.27 10.11 5.43
CA LEU D 227 -16.81 10.03 5.39
C LEU D 227 -16.35 8.94 4.43
N GLN D 228 -17.06 7.80 4.43
CA GLN D 228 -16.77 6.73 3.49
C GLN D 228 -16.79 7.25 2.06
N GLY D 229 -17.82 8.02 1.71
CA GLY D 229 -17.88 8.59 0.38
C GLY D 229 -16.83 9.67 0.16
N GLY D 230 -16.58 10.49 1.19
CA GLY D 230 -15.62 11.57 1.04
C GLY D 230 -14.20 11.09 0.80
N LEU D 231 -13.76 10.07 1.55
CA LEU D 231 -12.40 9.59 1.35
C LEU D 231 -12.21 9.03 -0.06
N ARG D 233 -13.88 9.74 -2.81
CA ARG D 233 -13.85 10.85 -3.77
C ARG D 233 -12.52 11.60 -3.72
N ALA D 234 -11.97 11.79 -2.51
CA ALA D 234 -10.66 12.44 -2.39
C ALA D 234 -9.59 11.66 -3.14
N ALA D 235 -9.54 10.33 -2.92
CA ALA D 235 -8.56 9.50 -3.62
C ALA D 235 -8.80 9.52 -5.13
N GLN D 236 -10.06 9.41 -5.56
CA GLN D 236 -10.30 9.42 -7.00
C GLN D 236 -10.01 10.80 -7.57
N PHE D 237 -10.14 11.86 -6.76
CA PHE D 237 -9.74 13.19 -7.23
C PHE D 237 -8.27 13.23 -7.61
N VAL D 238 -7.40 12.66 -6.76
CA VAL D 238 -5.97 12.65 -7.05
C VAL D 238 -5.70 11.90 -8.36
N GLU D 239 -6.29 10.72 -8.52
CA GLU D 239 -6.02 9.92 -9.71
C GLU D 239 -6.56 10.59 -10.98
N GLN D 240 -7.81 11.06 -10.94
CA GLN D 240 -8.43 11.63 -12.14
C GLN D 240 -7.81 12.98 -12.50
N THR D 241 -7.46 13.79 -11.50
CA THR D 241 -6.90 15.12 -11.78
C THR D 241 -5.51 15.02 -12.40
N SER D 242 -4.64 14.19 -11.82
CA SER D 242 -3.32 13.97 -12.43
C SER D 242 -3.47 13.35 -13.81
N LYS D 243 -4.35 12.37 -13.95
CA LYS D 243 -4.58 11.79 -15.27
C LYS D 243 -5.10 12.85 -16.25
N LEU D 244 -6.05 13.67 -15.82
CA LEU D 244 -6.64 14.67 -16.72
C LEU D 244 -5.58 15.58 -17.32
N PHE D 245 -4.76 16.19 -16.47
CA PHE D 245 -3.83 17.18 -16.99
C PHE D 245 -2.55 16.56 -17.55
N ALA D 246 -2.22 15.32 -17.18
CA ALA D 246 -1.16 14.62 -17.90
C ALA D 246 -1.63 14.23 -19.31
N ASP D 247 -2.90 13.87 -19.46
CA ASP D 247 -3.45 13.72 -20.81
C ASP D 247 -3.30 15.02 -21.60
N TRP D 248 -3.63 16.17 -20.99
CA TRP D 248 -3.48 17.45 -21.67
C TRP D 248 -2.04 17.70 -22.09
N ALA D 249 -1.10 17.55 -21.15
CA ALA D 249 0.29 17.87 -21.44
C ALA D 249 0.83 16.99 -22.56
N ALA D 250 0.53 15.69 -22.55
CA ALA D 250 1.01 14.82 -23.61
C ALA D 250 0.42 15.21 -24.95
N SER D 251 -0.83 15.72 -24.96
CA SER D 251 -1.45 16.11 -26.22
C SER D 251 -0.77 17.31 -26.85
N TYR D 252 0.05 18.04 -26.09
CA TYR D 252 0.74 19.20 -26.63
C TYR D 252 2.02 18.82 -27.37
N ARG D 253 2.52 17.61 -27.17
CA ARG D 253 3.78 17.20 -27.79
C ARG D 253 3.85 17.49 -29.29
N PRO D 254 2.79 17.30 -30.09
CA PRO D 254 2.91 17.65 -31.52
C PRO D 254 3.26 19.10 -31.79
N HIS D 255 2.89 20.03 -30.90
CA HIS D 255 3.25 21.42 -31.10
C HIS D 255 4.11 21.96 -29.96
N VAL D 256 5.13 21.20 -29.56
CA VAL D 256 6.04 21.65 -28.51
C VAL D 256 6.72 22.94 -28.93
N ASN D 257 6.87 23.86 -27.98
CA ASN D 257 7.50 25.17 -28.17
C ASN D 257 6.70 26.10 -29.08
N ALA D 258 5.47 25.73 -29.43
CA ALA D 258 4.49 26.64 -30.01
C ALA D 258 3.45 26.95 -28.95
N LEU D 259 2.57 27.91 -29.24
CA LEU D 259 1.53 28.30 -28.29
C LEU D 259 0.21 28.51 -29.01
N PRO D 260 -0.36 27.45 -29.59
CA PRO D 260 -1.61 27.58 -30.35
C PRO D 260 -2.78 27.85 -29.43
N PRO D 261 -3.89 28.39 -29.95
CA PRO D 261 -5.10 28.53 -29.13
C PRO D 261 -5.58 27.16 -28.64
N ALA D 262 -6.08 27.12 -27.40
CA ALA D 262 -6.61 25.89 -26.87
C ALA D 262 -8.02 25.66 -27.39
N ASP D 263 -8.50 24.43 -27.21
CA ASP D 263 -9.92 24.11 -27.35
C ASP D 263 -10.65 24.81 -26.22
N GLN D 264 -11.33 25.92 -26.55
CA GLN D 264 -11.91 26.77 -25.51
C GLN D 264 -13.03 26.06 -24.75
N ALA D 265 -13.94 25.37 -25.45
CA ALA D 265 -15.00 24.64 -24.76
C ALA D 265 -14.43 23.59 -23.81
N LEU D 266 -13.33 22.97 -24.18
CA LEU D 266 -12.70 22.00 -23.28
C LEU D 266 -12.16 22.67 -22.02
N CYS D 267 -11.56 23.85 -22.15
CA CYS D 267 -11.07 24.58 -20.98
C CYS D 267 -12.21 24.96 -20.05
N GLN D 268 -13.34 25.39 -20.63
CA GLN D 268 -14.52 25.71 -19.85
C GLN D 268 -15.07 24.46 -19.15
N SER D 269 -15.06 23.31 -19.85
CA SER D 269 -15.62 22.09 -19.30
C SER D 269 -14.85 21.57 -18.08
N VAL D 270 -13.60 21.97 -17.87
CA VAL D 270 -12.83 21.56 -16.70
C VAL D 270 -12.77 22.69 -15.65
N GLY D 271 -13.66 23.66 -15.74
CA GLY D 271 -13.79 24.68 -14.72
C GLY D 271 -13.20 26.03 -15.06
N GLY D 272 -12.93 26.29 -16.33
CA GLY D 272 -12.40 27.59 -16.70
C GLY D 272 -13.39 28.71 -16.44
N ASP D 273 -12.87 29.92 -16.59
CA ASP D 273 -13.67 31.14 -16.45
C ASP D 273 -14.09 31.58 -17.85
N PRO D 274 -15.39 31.74 -18.14
CA PRO D 274 -15.82 32.02 -19.52
C PRO D 274 -15.43 33.40 -20.05
N ASN D 275 -14.90 34.28 -19.23
CA ASN D 275 -14.30 35.50 -19.76
C ASN D 275 -12.92 35.27 -20.35
N ILE D 276 -12.37 34.07 -20.19
CA ILE D 276 -10.96 33.82 -20.47
C ILE D 276 -10.81 33.01 -21.75
N TYR D 277 -9.89 33.44 -22.60
CA TYR D 277 -9.44 32.71 -23.77
C TYR D 277 -8.05 32.17 -23.46
N TYR D 278 -7.89 30.85 -23.52
CA TYR D 278 -6.67 30.16 -23.06
C TYR D 278 -5.82 29.71 -24.25
N TYR D 279 -4.51 29.72 -24.03
CA TYR D 279 -3.54 28.99 -24.84
C TYR D 279 -2.73 28.10 -23.89
N HIS D 280 -2.62 26.80 -24.23
CA HIS D 280 -1.84 25.85 -23.45
C HIS D 280 -0.84 25.18 -24.37
N SER D 281 0.37 24.97 -23.88
CA SER D 281 1.30 24.15 -24.64
C SER D 281 2.33 23.58 -23.69
N CYS D 282 3.23 22.78 -24.25
CA CYS D 282 4.43 22.31 -23.59
C CYS D 282 5.64 22.97 -24.24
N TRP D 283 6.75 23.04 -23.49
CA TRP D 283 7.97 23.66 -23.96
C TRP D 283 9.15 22.79 -23.58
N SER D 284 10.23 22.90 -24.35
CA SER D 284 11.42 22.07 -24.11
C SER D 284 12.64 22.85 -24.58
N LEU D 285 13.57 23.15 -23.66
CA LEU D 285 14.68 24.02 -23.99
C LEU D 285 15.97 23.48 -23.40
N ALA D 286 17.01 23.43 -24.21
CA ALA D 286 18.35 23.21 -23.69
C ALA D 286 18.80 24.43 -22.90
N ALA D 287 19.89 24.26 -22.15
CA ALA D 287 20.34 25.33 -21.27
C ALA D 287 20.72 26.58 -22.05
N ASP D 288 21.24 26.43 -23.27
CA ASP D 288 21.66 27.57 -24.06
C ASP D 288 20.60 28.06 -25.03
N GLU D 289 19.38 27.55 -24.94
CA GLU D 289 18.29 27.95 -25.82
C GLU D 289 17.27 28.78 -25.07
N ALA D 290 16.56 29.63 -25.79
CA ALA D 290 15.48 30.45 -25.26
C ALA D 290 14.27 30.35 -26.17
N LEU D 291 13.07 30.47 -25.58
CA LEU D 291 11.84 30.55 -26.35
C LEU D 291 11.36 32.00 -26.39
N VAL D 292 11.26 32.56 -27.60
CA VAL D 292 10.86 33.95 -27.80
C VAL D 292 9.40 33.99 -28.25
N ILE D 293 8.55 34.59 -27.43
CA ILE D 293 7.12 34.69 -27.70
C ILE D 293 6.79 36.14 -28.01
N ASP D 294 5.96 36.35 -29.05
CA ASP D 294 5.62 37.67 -29.54
C ASP D 294 4.13 37.77 -29.81
N VAL D 295 3.54 38.90 -29.42
CA VAL D 295 2.24 39.32 -29.92
C VAL D 295 2.41 40.70 -30.54
N ASP D 296 1.94 40.86 -31.78
CA ASP D 296 2.21 42.10 -32.49
C ASP D 296 1.45 43.27 -31.91
N THR D 297 0.25 43.01 -31.39
CA THR D 297 -0.56 44.01 -30.70
C THR D 297 -1.11 43.40 -29.42
N VAL D 298 -1.55 44.27 -28.52
CA VAL D 298 -2.25 43.84 -27.31
C VAL D 298 -3.71 44.22 -27.48
N PRO D 299 -4.64 43.26 -27.48
CA PRO D 299 -6.04 43.62 -27.64
C PRO D 299 -6.56 44.31 -26.38
N ASP D 300 -7.56 45.15 -26.56
CA ASP D 300 -8.28 45.71 -25.42
CA ASP D 300 -8.28 45.71 -25.42
C ASP D 300 -8.82 44.59 -24.56
N CYS D 301 -8.51 44.62 -23.26
CA CYS D 301 -8.95 43.53 -22.39
C CYS D 301 -8.83 44.00 -20.94
N ASP D 302 -9.42 43.19 -20.05
CA ASP D 302 -9.38 43.52 -18.62
C ASP D 302 -8.10 43.04 -17.96
N PHE D 303 -7.49 41.99 -18.49
CA PHE D 303 -6.32 41.36 -17.93
C PHE D 303 -5.78 40.38 -18.96
N TRP D 304 -4.48 40.19 -18.95
CA TRP D 304 -3.84 39.13 -19.69
C TRP D 304 -2.59 38.72 -18.94
N ASN D 305 -2.17 37.47 -19.09
CA ASN D 305 -0.88 37.07 -18.55
C ASN D 305 -0.40 35.82 -19.28
N VAL D 306 0.83 35.43 -18.95
CA VAL D 306 1.45 34.21 -19.41
C VAL D 306 2.29 33.68 -18.26
N GLN D 307 2.23 32.38 -18.04
CA GLN D 307 2.93 31.76 -16.92
C GLN D 307 3.67 30.53 -17.41
N LEU D 308 4.75 30.20 -16.71
CA LEU D 308 5.56 29.03 -16.98
C LEU D 308 5.28 27.99 -15.91
N ASN D 309 5.08 26.74 -16.33
CA ASN D 309 4.69 25.62 -15.48
C ASN D 309 5.68 24.47 -15.63
N ASN D 310 5.62 23.52 -14.69
CA ASN D 310 6.28 22.25 -14.94
C ASN D 310 5.38 21.36 -15.80
N TYR D 311 5.82 20.14 -16.04
CA TYR D 311 5.05 19.25 -16.91
C TYR D 311 3.69 18.92 -16.32
N TRP D 312 3.57 18.94 -14.99
CA TRP D 312 2.32 18.63 -14.30
C TRP D 312 1.36 19.80 -14.29
N GLU D 314 1.61 22.58 -12.91
CA GLU D 314 1.78 23.47 -11.78
C GLU D 314 2.62 24.66 -12.21
N SER D 315 2.19 25.88 -11.90
CA SER D 315 3.09 27.01 -12.08
C SER D 315 4.41 26.73 -11.37
N LEU D 316 5.50 27.25 -11.93
CA LEU D 316 6.76 27.19 -11.22
C LEU D 316 6.64 28.05 -9.96
N ASP D 317 7.68 28.04 -9.12
CA ASP D 317 7.52 28.61 -7.78
C ASP D 317 7.69 30.12 -7.85
N TYR D 318 6.56 30.82 -8.03
CA TYR D 318 6.60 32.27 -8.15
C TYR D 318 6.94 32.97 -6.84
N ARG D 319 7.07 32.24 -5.72
CA ARG D 319 7.61 32.88 -4.52
C ARG D 319 9.07 33.29 -4.70
N HIS D 320 9.81 32.61 -5.58
CA HIS D 320 11.24 32.89 -5.72
C HIS D 320 11.70 33.09 -7.15
N PHE D 321 10.87 32.84 -8.17
CA PHE D 321 11.25 32.93 -9.56
C PHE D 321 10.24 33.76 -10.33
N ASP D 322 10.72 34.47 -11.36
CA ASP D 322 9.88 35.29 -12.24
C ASP D 322 9.32 34.38 -13.34
N ILE D 323 8.11 33.86 -13.12
CA ILE D 323 7.58 32.82 -14.00
C ILE D 323 6.21 33.23 -14.53
N CYS D 324 5.85 34.49 -14.32
CA CYS D 324 4.57 35.02 -14.75
C CYS D 324 4.77 36.48 -15.17
N VAL D 325 4.20 36.86 -16.31
CA VAL D 325 4.22 38.24 -16.77
C VAL D 325 2.79 38.60 -17.11
N ASN D 326 2.32 39.78 -16.68
CA ASN D 326 0.93 40.13 -16.91
C ASN D 326 0.82 41.53 -17.50
N LYS D 327 -0.44 41.95 -17.68
CA LYS D 327 -0.72 43.22 -18.34
C LYS D 327 -0.10 44.40 -17.60
N HIS D 328 -0.05 44.35 -16.26
CA HIS D 328 0.50 45.48 -15.53
C HIS D 328 2.03 45.46 -15.51
N SER D 329 2.65 44.28 -15.47
CA SER D 329 4.08 44.18 -15.26
C SER D 329 4.87 44.04 -16.56
N ALA D 330 4.19 43.74 -17.67
CA ALA D 330 4.88 43.61 -18.95
C ALA D 330 5.34 44.95 -19.48
N ARG D 331 6.62 45.06 -19.81
CA ARG D 331 7.09 46.24 -20.54
C ARG D 331 6.77 46.04 -22.02
N PRO D 332 6.05 46.95 -22.65
CA PRO D 332 5.70 46.79 -24.06
C PRO D 332 6.87 47.13 -24.98
N ASN D 333 6.77 46.63 -26.21
CA ASN D 333 7.65 47.13 -27.26
C ASN D 333 7.14 48.51 -27.71
N ALA D 334 7.96 49.18 -28.54
CA ALA D 334 7.60 50.52 -28.97
C ALA D 334 6.29 50.53 -29.77
N ASP D 335 6.11 49.56 -30.65
CA ASP D 335 4.92 49.48 -31.52
C ASP D 335 3.68 48.96 -30.79
N GLY D 336 3.69 48.87 -29.47
CA GLY D 336 2.54 48.38 -28.75
C GLY D 336 2.49 46.88 -28.59
N GLY D 337 3.32 46.13 -29.32
CA GLY D 337 3.41 44.70 -29.15
C GLY D 337 4.17 44.34 -27.88
N VAL D 338 4.21 43.04 -27.58
CA VAL D 338 4.90 42.54 -26.40
C VAL D 338 5.72 41.31 -26.76
N THR D 339 6.94 41.26 -26.24
CA THR D 339 7.83 40.10 -26.36
C THR D 339 8.07 39.51 -24.98
N VAL D 340 8.00 38.18 -24.88
CA VAL D 340 8.26 37.45 -23.64
C VAL D 340 9.25 36.33 -23.94
N ILE D 341 10.30 36.22 -23.12
CA ILE D 341 11.37 35.26 -23.38
C ILE D 341 11.48 34.26 -22.23
N VAL D 342 11.38 32.97 -22.57
CA VAL D 342 11.58 31.88 -21.63
C VAL D 342 13.05 31.47 -21.72
N ALA D 343 13.77 31.51 -20.60
CA ALA D 343 15.18 31.18 -20.64
C ALA D 343 15.70 30.90 -19.23
N ALA D 344 16.88 30.28 -19.18
CA ALA D 344 17.52 29.94 -17.91
C ALA D 344 18.15 31.15 -17.24
N THR D 345 18.56 32.14 -18.02
CA THR D 345 19.19 33.34 -17.49
C THR D 345 18.47 34.54 -18.10
N ARG D 346 18.59 35.67 -17.42
CA ARG D 346 17.88 36.87 -17.82
C ARG D 346 18.35 37.33 -19.18
N PRO D 347 17.45 37.45 -20.16
CA PRO D 347 17.88 37.91 -21.49
C PRO D 347 17.78 39.42 -21.66
N GLY D 348 18.89 40.12 -21.43
CA GLY D 348 18.84 41.56 -21.50
C GLY D 348 17.84 42.07 -20.49
N SER D 349 17.04 43.04 -20.94
CA SER D 349 15.96 43.59 -20.14
C SER D 349 14.59 43.21 -20.70
N ALA D 350 14.53 42.12 -21.46
CA ALA D 350 13.26 41.65 -22.00
C ALA D 350 12.39 41.07 -20.88
N ASN D 351 11.07 41.09 -21.10
CA ASN D 351 10.16 40.37 -20.22
C ASN D 351 10.54 38.90 -20.17
N TRP D 352 10.59 38.34 -18.97
CA TRP D 352 11.30 37.08 -18.79
C TRP D 352 10.47 36.08 -18.00
N LEU D 353 10.46 34.84 -18.47
CA LEU D 353 9.95 33.70 -17.73
C LEU D 353 11.13 32.79 -17.41
N ASP D 354 11.42 32.63 -16.13
CA ASP D 354 12.60 31.89 -15.66
C ASP D 354 12.28 30.39 -15.68
N THR D 355 13.08 29.62 -16.41
CA THR D 355 12.83 28.18 -16.48
C THR D 355 13.10 27.47 -15.16
N ALA D 356 13.83 28.11 -14.24
CA ALA D 356 13.92 27.67 -12.85
C ALA D 356 14.41 26.21 -12.75
N GLY D 357 15.45 25.89 -13.51
CA GLY D 357 16.04 24.57 -13.45
C GLY D 357 15.34 23.50 -14.28
N HIS D 358 14.24 23.85 -14.96
CA HIS D 358 13.46 22.87 -15.73
C HIS D 358 13.91 22.84 -17.19
N ARG D 359 14.11 21.63 -17.70
CA ARG D 359 14.40 21.44 -19.12
C ARG D 359 13.14 21.42 -19.96
N THR D 360 12.00 21.14 -19.35
CA THR D 360 10.73 20.99 -20.05
C THR D 360 9.59 21.36 -19.11
N GLY D 361 8.47 21.75 -19.69
CA GLY D 361 7.30 22.07 -18.88
C GLY D 361 6.12 22.44 -19.73
N THR D 362 5.15 23.11 -19.13
CA THR D 362 4.02 23.66 -19.88
C THR D 362 3.96 25.17 -19.68
N ILE D 363 3.11 25.80 -20.49
CA ILE D 363 3.00 27.25 -20.54
C ILE D 363 1.56 27.60 -20.83
N CYS D 364 1.08 28.69 -20.22
CA CYS D 364 -0.30 29.10 -20.38
C CYS D 364 -0.38 30.60 -20.61
N TRP D 365 -1.14 31.01 -21.64
CA TRP D 365 -1.40 32.42 -21.93
C TRP D 365 -2.89 32.68 -21.78
N ARG D 366 -3.25 33.83 -21.21
CA ARG D 366 -4.65 34.21 -21.02
C ARG D 366 -4.93 35.59 -21.61
N TRP D 367 -5.97 35.68 -22.43
CA TRP D 367 -6.68 36.93 -22.62
C TRP D 367 -7.97 36.87 -21.79
N VAL D 368 -8.20 37.89 -20.97
CA VAL D 368 -9.41 37.98 -20.17
C VAL D 368 -10.22 39.17 -20.68
N GLY D 369 -11.39 38.89 -21.24
CA GLY D 369 -12.28 39.94 -21.72
C GLY D 369 -11.83 40.66 -22.97
N ALA D 370 -11.11 39.98 -23.86
CA ALA D 370 -10.71 40.56 -25.14
C ALA D 370 -11.74 40.17 -26.20
N ALA D 371 -12.25 41.16 -26.94
CA ALA D 371 -13.22 40.86 -27.99
C ALA D 371 -12.60 40.03 -29.11
N GLN D 372 -11.37 40.36 -29.50
CA GLN D 372 -10.65 39.62 -30.53
C GLN D 372 -9.30 39.18 -29.99
N PRO D 373 -9.08 37.90 -29.73
CA PRO D 373 -7.76 37.45 -29.28
C PRO D 373 -6.69 37.65 -30.34
N VAL D 374 -5.46 37.82 -29.88
CA VAL D 374 -4.30 37.92 -30.75
C VAL D 374 -3.39 36.74 -30.42
N HIS D 375 -3.01 35.96 -31.45
CA HIS D 375 -2.35 34.68 -31.26
C HIS D 375 -0.85 34.86 -31.14
N PRO D 376 -0.24 34.50 -30.03
CA PRO D 376 1.22 34.63 -29.92
C PRO D 376 1.92 33.73 -30.94
N ARG D 377 3.02 34.22 -31.46
CA ARG D 377 3.94 33.39 -32.24
C ARG D 377 5.18 33.10 -31.42
N THR D 378 5.89 32.02 -31.79
CA THR D 378 7.03 31.56 -31.01
C THR D 378 8.19 31.20 -31.95
N ARG D 379 9.40 31.25 -31.41
CA ARG D 379 10.55 30.67 -32.08
C ARG D 379 11.62 30.33 -31.06
N VAL D 380 12.37 29.27 -31.35
CA VAL D 380 13.48 28.87 -30.49
C VAL D 380 14.75 29.49 -31.06
N VAL D 381 15.50 30.18 -30.21
CA VAL D 381 16.76 30.79 -30.62
C VAL D 381 17.83 30.44 -29.60
N LYS D 382 19.08 30.69 -29.99
CA LYS D 382 20.19 30.57 -29.06
C LYS D 382 20.20 31.79 -28.15
N LEU D 383 20.33 31.53 -26.84
CA LEU D 383 20.25 32.59 -25.85
C LEU D 383 21.29 33.68 -26.07
N ALA D 384 22.40 33.37 -26.74
CA ALA D 384 23.41 34.39 -27.02
C ALA D 384 22.87 35.49 -27.94
N ALA D 385 21.97 35.14 -28.87
CA ALA D 385 21.48 36.14 -29.82
C ALA D 385 20.71 37.27 -29.14
N LEU D 386 20.03 36.98 -28.04
CA LEU D 386 19.33 38.01 -27.28
C LEU D 386 20.31 38.82 -26.42
#